data_3R6S
#
_entry.id   3R6S
#
_cell.length_a   111.248
_cell.length_b   111.248
_cell.length_c   186.951
_cell.angle_alpha   90.00
_cell.angle_beta   90.00
_cell.angle_gamma   120.00
#
_symmetry.space_group_name_H-M   'P 31 2 1'
#
loop_
_entity.id
_entity.type
_entity.pdbx_description
1 polymer 'transcription regulator'
2 non-polymer "ADENOSINE-3',5'-CYCLIC-MONOPHOSPHATE"
3 non-polymer HEXANE-1,6-DIOL
4 water water
#
_entity_poly.entity_id   1
_entity_poly.type   'polypeptide(L)'
_entity_poly.pdbx_seq_one_letter_code
;MGSSHHHHHHSSGLVPRGSHMEGVQEILSRAGIFQGVDPTAVNNLIQDMETVRFPRGATIFDEGEPGDRLYIITSGKVKL
ARHAPDGRENLLTIMGPSDMFGELSIFDPGPRTSSAVCVTEVHAATMNSDMLRNWVADHPAIAEQLLRVLARRLRRTNAS
LADLIFTDVPGRVAKTLLQLANRFGTQEAGALRVNHDLTQEEIAQLVGASRETVNKALATFAHRGWIRLEGKSVLIVDTE
HLARRAR
;
_entity_poly.pdbx_strand_id   A,B,C,D,E,F
#
# COMPACT_ATOMS: atom_id res chain seq x y z
N GLY A 23 -17.79 12.83 -36.90
CA GLY A 23 -16.61 11.94 -37.09
C GLY A 23 -16.05 11.75 -35.71
N VAL A 24 -15.01 10.95 -35.58
CA VAL A 24 -14.49 10.58 -34.26
C VAL A 24 -13.98 11.79 -33.45
N GLN A 25 -13.37 12.76 -34.11
CA GLN A 25 -12.79 13.91 -33.40
C GLN A 25 -13.84 14.90 -32.85
N GLU A 26 -14.97 15.05 -33.54
CA GLU A 26 -16.07 15.87 -33.06
C GLU A 26 -16.76 15.21 -31.87
N ILE A 27 -16.97 13.88 -31.94
CA ILE A 27 -17.60 13.14 -30.82
C ILE A 27 -16.76 13.17 -29.54
N LEU A 28 -15.46 12.97 -29.71
CA LEU A 28 -14.52 13.06 -28.61
C LEU A 28 -14.46 14.47 -28.09
N SER A 29 -14.51 15.44 -28.99
CA SER A 29 -14.37 16.83 -28.57
C SER A 29 -15.51 17.28 -27.68
N ARG A 30 -16.61 16.53 -27.65
CA ARG A 30 -17.79 16.85 -26.82
C ARG A 30 -17.79 16.26 -25.39
N ALA A 31 -16.88 15.33 -25.09
CA ALA A 31 -16.70 14.82 -23.74
C ALA A 31 -16.51 15.97 -22.73
N GLY A 32 -17.12 15.85 -21.56
CA GLY A 32 -17.04 16.87 -20.52
C GLY A 32 -15.62 17.43 -20.35
N ILE A 33 -14.64 16.55 -20.39
CA ILE A 33 -13.27 16.82 -20.01
C ILE A 33 -12.62 17.90 -20.95
N PHE A 34 -13.26 18.16 -22.09
CA PHE A 34 -12.69 19.11 -23.03
C PHE A 34 -13.48 20.42 -23.14
N GLN A 35 -14.53 20.59 -22.36
CA GLN A 35 -15.42 21.77 -22.51
C GLN A 35 -14.80 23.14 -22.14
N GLY A 36 -14.79 24.04 -23.13
CA GLY A 36 -14.26 25.39 -22.94
C GLY A 36 -12.74 25.42 -23.00
N VAL A 37 -12.12 24.25 -22.89
CA VAL A 37 -10.67 24.08 -23.02
C VAL A 37 -10.25 24.52 -24.44
N ASP A 38 -9.03 25.02 -24.56
CA ASP A 38 -8.49 25.49 -25.83
C ASP A 38 -8.67 24.44 -26.95
N PRO A 39 -9.38 24.80 -28.03
CA PRO A 39 -9.61 23.86 -29.14
C PRO A 39 -8.32 23.20 -29.62
N THR A 40 -7.25 23.96 -29.85
CA THR A 40 -6.00 23.38 -30.35
C THR A 40 -5.43 22.30 -29.40
N ALA A 41 -5.39 22.61 -28.11
CA ALA A 41 -4.92 21.67 -27.12
C ALA A 41 -5.77 20.39 -27.17
N VAL A 42 -7.07 20.56 -27.37
CA VAL A 42 -8.01 19.49 -27.57
C VAL A 42 -7.69 18.60 -28.76
N ASN A 43 -7.49 19.17 -29.95
CA ASN A 43 -7.18 18.34 -31.12
C ASN A 43 -5.91 17.52 -30.89
N ASN A 44 -4.87 18.16 -30.39
CA ASN A 44 -3.60 17.49 -30.09
C ASN A 44 -3.72 16.44 -29.00
N LEU A 45 -4.43 16.76 -27.93
CA LEU A 45 -4.67 15.76 -26.87
C LEU A 45 -5.44 14.52 -27.43
N ILE A 46 -6.50 14.74 -28.21
CA ILE A 46 -7.24 13.65 -28.87
C ILE A 46 -6.27 12.72 -29.60
N GLN A 47 -5.32 13.31 -30.30
CA GLN A 47 -4.33 12.59 -31.11
C GLN A 47 -3.39 11.63 -30.35
N ASP A 48 -3.06 11.93 -29.09
CA ASP A 48 -2.31 10.99 -28.25
C ASP A 48 -3.19 9.93 -27.59
N MET A 49 -4.51 9.98 -27.82
CA MET A 49 -5.38 8.93 -27.29
C MET A 49 -5.32 7.71 -28.22
N GLU A 50 -5.48 6.54 -27.62
CA GLU A 50 -5.50 5.31 -28.38
C GLU A 50 -6.96 4.93 -28.80
N THR A 51 -7.11 4.53 -30.06
CA THR A 51 -8.39 3.99 -30.57
C THR A 51 -8.49 2.50 -30.28
N VAL A 52 -9.55 2.10 -29.59
CA VAL A 52 -9.86 0.68 -29.44
C VAL A 52 -11.34 0.40 -29.81
N ARG A 53 -11.62 -0.86 -30.13
CA ARG A 53 -12.94 -1.36 -30.45
C ARG A 53 -13.18 -2.66 -29.65
N PHE A 54 -14.35 -2.83 -29.04
CA PHE A 54 -14.69 -4.06 -28.32
C PHE A 54 -15.92 -4.67 -28.97
N PRO A 55 -16.00 -6.01 -29.03
CA PRO A 55 -17.31 -6.58 -29.45
C PRO A 55 -18.38 -6.55 -28.37
N ARG A 56 -19.65 -6.59 -28.78
CA ARG A 56 -20.78 -6.71 -27.86
C ARG A 56 -20.51 -7.77 -26.80
N GLY A 57 -20.79 -7.45 -25.53
CA GLY A 57 -20.63 -8.44 -24.44
C GLY A 57 -19.24 -8.54 -23.83
N ALA A 58 -18.24 -7.96 -24.51
CA ALA A 58 -16.87 -7.91 -24.00
C ALA A 58 -16.81 -7.17 -22.65
N THR A 59 -15.97 -7.63 -21.75
CA THR A 59 -15.71 -6.96 -20.49
C THR A 59 -14.40 -6.12 -20.54
N ILE A 60 -14.54 -4.80 -20.48
CA ILE A 60 -13.40 -3.88 -20.48
C ILE A 60 -12.59 -3.98 -19.16
N PHE A 61 -13.28 -3.94 -18.02
CA PHE A 61 -12.65 -4.29 -16.76
C PHE A 61 -13.74 -4.76 -15.78
N ASP A 62 -13.35 -5.50 -14.76
CA ASP A 62 -14.29 -5.91 -13.70
C ASP A 62 -14.19 -5.08 -12.44
N GLU A 63 -15.31 -4.97 -11.73
CA GLU A 63 -15.34 -4.41 -10.38
C GLU A 63 -14.36 -5.16 -9.49
N GLY A 64 -13.55 -4.39 -8.74
CA GLY A 64 -12.57 -4.96 -7.82
C GLY A 64 -11.18 -5.07 -8.40
N GLU A 65 -11.07 -4.95 -9.73
CA GLU A 65 -9.75 -4.95 -10.41
C GLU A 65 -9.06 -3.59 -10.19
N PRO A 66 -7.72 -3.57 -10.15
CA PRO A 66 -7.12 -2.26 -10.12
C PRO A 66 -6.76 -1.82 -11.55
N GLY A 67 -6.93 -0.55 -11.87
CA GLY A 67 -6.51 -0.08 -13.16
C GLY A 67 -6.60 1.41 -13.13
N ASP A 68 -6.01 2.09 -14.08
CA ASP A 68 -6.02 3.54 -14.09
C ASP A 68 -6.14 3.95 -15.53
N ARG A 69 -6.74 3.10 -16.33
CA ARG A 69 -6.98 3.46 -17.68
C ARG A 69 -8.32 4.21 -17.70
N LEU A 70 -8.40 5.22 -18.53
CA LEU A 70 -9.63 5.98 -18.73
C LEU A 70 -10.24 5.74 -20.17
N TYR A 71 -11.56 5.82 -20.31
CA TYR A 71 -12.24 5.58 -21.60
C TYR A 71 -13.27 6.65 -21.91
N ILE A 72 -13.24 7.14 -23.16
CA ILE A 72 -14.26 7.98 -23.73
C ILE A 72 -14.87 7.33 -24.99
N ILE A 73 -16.12 6.91 -24.88
CA ILE A 73 -16.82 6.18 -25.91
C ILE A 73 -17.04 7.08 -27.11
N THR A 74 -16.95 6.51 -28.31
CA THR A 74 -17.32 7.22 -29.55
C THR A 74 -18.52 6.58 -30.25
N SER A 75 -18.73 5.29 -30.04
CA SER A 75 -20.01 4.71 -30.48
C SER A 75 -20.33 3.46 -29.69
N GLY A 76 -21.62 3.26 -29.37
CA GLY A 76 -22.10 2.09 -28.65
C GLY A 76 -22.42 2.40 -27.20
N LYS A 77 -22.76 1.36 -26.41
CA LYS A 77 -23.19 1.50 -25.03
C LYS A 77 -22.49 0.50 -24.14
N VAL A 78 -22.17 0.99 -22.94
CA VAL A 78 -21.39 0.27 -21.98
C VAL A 78 -22.21 0.39 -20.76
N LYS A 79 -22.43 -0.72 -20.08
CA LYS A 79 -23.14 -0.68 -18.83
C LYS A 79 -22.13 -0.76 -17.73
N LEU A 80 -22.45 -0.14 -16.59
CA LEU A 80 -21.52 -0.17 -15.43
C LEU A 80 -22.21 -0.87 -14.32
N ALA A 81 -21.63 -1.99 -13.90
CA ALA A 81 -22.32 -2.91 -13.01
C ALA A 81 -21.58 -3.13 -11.72
N ARG A 82 -22.36 -3.16 -10.66
CA ARG A 82 -21.84 -3.43 -9.35
C ARG A 82 -22.52 -4.70 -8.86
N HIS A 83 -21.89 -5.37 -7.90
CA HIS A 83 -22.21 -6.74 -7.54
C HIS A 83 -22.51 -6.94 -6.05
N ALA A 84 -23.63 -7.60 -5.76
CA ALA A 84 -23.96 -8.03 -4.41
C ALA A 84 -23.48 -9.47 -4.18
N PRO A 85 -22.83 -9.72 -3.02
CA PRO A 85 -22.37 -11.03 -2.56
C PRO A 85 -23.16 -12.24 -3.08
N ASP A 86 -24.50 -12.11 -3.16
CA ASP A 86 -25.41 -13.18 -3.64
C ASP A 86 -25.45 -13.39 -5.18
N GLY A 87 -24.51 -12.80 -5.91
CA GLY A 87 -24.46 -12.95 -7.37
C GLY A 87 -25.12 -11.82 -8.16
N ARG A 88 -26.06 -11.13 -7.53
CA ARG A 88 -26.88 -10.14 -8.23
C ARG A 88 -26.11 -8.83 -8.49
N GLU A 89 -26.77 -7.94 -9.25
CA GLU A 89 -26.14 -6.79 -9.83
C GLU A 89 -27.17 -5.70 -9.90
N ASN A 90 -26.69 -4.48 -9.69
CA ASN A 90 -27.42 -3.33 -10.12
C ASN A 90 -26.62 -2.54 -11.14
N LEU A 91 -27.32 -1.92 -12.07
CA LEU A 91 -26.64 -1.18 -13.09
C LEU A 91 -26.70 0.27 -12.71
N LEU A 92 -25.53 0.87 -12.54
CA LEU A 92 -25.42 2.26 -12.07
C LEU A 92 -25.88 3.13 -13.16
N THR A 93 -25.53 2.77 -14.37
CA THR A 93 -25.89 3.58 -15.53
C THR A 93 -25.49 2.92 -16.86
N ILE A 94 -25.93 3.51 -17.95
CA ILE A 94 -25.55 3.08 -19.26
C ILE A 94 -24.94 4.27 -19.96
N MET A 95 -23.66 4.16 -20.29
CA MET A 95 -22.99 5.25 -20.97
C MET A 95 -22.97 5.08 -22.48
N GLY A 96 -22.95 6.20 -23.18
CA GLY A 96 -22.81 6.15 -24.63
C GLY A 96 -21.82 7.16 -25.17
N PRO A 97 -21.92 7.50 -26.47
CA PRO A 97 -20.84 8.29 -27.07
C PRO A 97 -20.57 9.65 -26.38
N SER A 98 -19.28 9.95 -26.17
CA SER A 98 -18.84 11.17 -25.46
C SER A 98 -18.76 11.01 -23.94
N ASP A 99 -19.36 9.95 -23.42
CA ASP A 99 -19.27 9.69 -21.99
C ASP A 99 -17.91 9.14 -21.59
N MET A 100 -17.53 9.39 -20.35
CA MET A 100 -16.25 8.97 -19.89
C MET A 100 -16.40 8.04 -18.70
N PHE A 101 -15.57 7.00 -18.64
CA PHE A 101 -15.52 6.23 -17.41
C PHE A 101 -14.08 5.71 -17.23
N GLY A 102 -13.78 5.28 -16.04
CA GLY A 102 -12.42 4.91 -15.69
C GLY A 102 -11.65 5.90 -14.82
N GLU A 103 -12.14 7.16 -14.70
CA GLU A 103 -11.38 8.25 -14.01
C GLU A 103 -11.22 8.09 -12.50
N LEU A 104 -12.27 7.59 -11.85
CA LEU A 104 -12.34 7.45 -10.40
C LEU A 104 -11.15 6.81 -9.69
N SER A 105 -10.65 5.71 -10.24
CA SER A 105 -9.50 5.02 -9.63
C SER A 105 -8.26 5.86 -9.72
N ILE A 106 -8.24 6.83 -10.64
CA ILE A 106 -7.09 7.68 -10.80
C ILE A 106 -6.97 8.65 -9.62
N PHE A 107 -8.10 9.23 -9.23
CA PHE A 107 -8.09 10.31 -8.27
C PHE A 107 -8.28 9.87 -6.85
N ASP A 108 -8.86 8.68 -6.67
CA ASP A 108 -8.92 8.01 -5.37
C ASP A 108 -8.42 6.58 -5.46
N PRO A 109 -7.09 6.38 -5.38
CA PRO A 109 -6.58 5.06 -5.80
C PRO A 109 -7.29 3.92 -5.08
N GLY A 110 -7.57 2.83 -5.80
CA GLY A 110 -8.41 1.76 -5.29
C GLY A 110 -9.03 0.90 -6.38
N PRO A 111 -9.80 -0.11 -5.98
CA PRO A 111 -10.32 -1.02 -7.03
C PRO A 111 -11.35 -0.31 -7.89
N ARG A 112 -11.56 -0.83 -9.09
CA ARG A 112 -12.61 -0.39 -9.95
C ARG A 112 -13.93 -0.44 -9.14
N THR A 113 -14.72 0.63 -9.23
CA THR A 113 -15.93 0.68 -8.42
C THR A 113 -17.07 -0.02 -9.10
N SER A 114 -16.80 -0.60 -10.28
CA SER A 114 -17.74 -1.40 -11.09
C SER A 114 -17.06 -2.09 -12.30
N SER A 115 -17.83 -2.96 -12.96
CA SER A 115 -17.45 -3.62 -14.18
C SER A 115 -17.97 -2.80 -15.31
N ALA A 116 -17.19 -2.69 -16.36
CA ALA A 116 -17.64 -2.01 -17.56
C ALA A 116 -17.82 -3.07 -18.66
N VAL A 117 -19.00 -3.17 -19.23
CA VAL A 117 -19.32 -4.30 -20.09
C VAL A 117 -20.00 -3.72 -21.32
N CYS A 118 -19.60 -4.13 -22.53
CA CYS A 118 -20.23 -3.60 -23.74
C CYS A 118 -21.62 -4.23 -23.98
N VAL A 119 -22.59 -3.34 -24.18
CA VAL A 119 -23.98 -3.70 -24.40
C VAL A 119 -24.11 -3.91 -25.88
N THR A 120 -23.51 -3.01 -26.65
CA THR A 120 -23.31 -3.21 -28.09
C THR A 120 -21.81 -3.32 -28.39
N GLU A 121 -21.49 -3.30 -29.66
CA GLU A 121 -20.15 -3.11 -30.11
C GLU A 121 -19.71 -1.71 -29.69
N VAL A 122 -18.55 -1.62 -29.07
CA VAL A 122 -18.13 -0.30 -28.57
C VAL A 122 -16.81 0.21 -29.16
N HIS A 123 -16.85 1.45 -29.62
CA HIS A 123 -15.62 2.17 -30.03
C HIS A 123 -15.32 3.26 -29.02
N ALA A 124 -14.07 3.31 -28.59
CA ALA A 124 -13.68 4.28 -27.58
C ALA A 124 -12.27 4.78 -27.84
N ALA A 125 -11.95 5.92 -27.24
CA ALA A 125 -10.60 6.41 -27.14
C ALA A 125 -10.28 6.19 -25.71
N THR A 126 -9.00 5.94 -25.46
CA THR A 126 -8.50 5.58 -24.14
C THR A 126 -7.07 6.14 -23.87
N MET A 127 -6.77 6.40 -22.60
CA MET A 127 -5.41 6.79 -22.17
C MET A 127 -5.09 6.30 -20.78
N ASN A 128 -3.82 6.13 -20.48
CA ASN A 128 -3.46 5.82 -19.12
C ASN A 128 -3.45 7.08 -18.22
N SER A 129 -3.25 6.89 -16.92
CA SER A 129 -3.30 8.02 -16.02
C SER A 129 -2.05 8.92 -16.02
N ASP A 130 -0.89 8.39 -16.47
CA ASP A 130 0.30 9.20 -16.70
C ASP A 130 0.01 10.24 -17.76
N MET A 131 -0.57 9.80 -18.86
CA MET A 131 -0.93 10.73 -19.91
C MET A 131 -1.92 11.78 -19.38
N LEU A 132 -2.96 11.35 -18.66
CA LEU A 132 -3.96 12.30 -18.17
C LEU A 132 -3.32 13.35 -17.26
N ARG A 133 -2.50 12.89 -16.32
CA ARG A 133 -1.82 13.77 -15.36
C ARG A 133 -0.95 14.81 -16.05
N ASN A 134 -0.18 14.40 -17.06
CA ASN A 134 0.60 15.36 -17.81
C ASN A 134 -0.26 16.40 -18.52
N TRP A 135 -1.43 15.97 -18.99
CA TRP A 135 -2.33 16.90 -19.66
C TRP A 135 -2.85 17.94 -18.75
N VAL A 136 -3.17 17.51 -17.53
CA VAL A 136 -3.74 18.36 -16.51
C VAL A 136 -2.68 19.37 -16.09
N ALA A 137 -1.45 18.90 -16.03
CA ALA A 137 -0.35 19.75 -15.63
C ALA A 137 -0.12 20.85 -16.71
N ASP A 138 -0.33 20.51 -17.98
CA ASP A 138 -0.32 21.50 -19.09
C ASP A 138 -1.60 22.31 -19.19
N HIS A 139 -2.71 21.77 -18.68
CA HIS A 139 -4.01 22.41 -18.87
C HIS A 139 -4.89 22.28 -17.66
N PRO A 140 -4.67 23.12 -16.63
CA PRO A 140 -5.51 23.11 -15.40
C PRO A 140 -7.00 23.14 -15.71
N ALA A 141 -7.43 23.81 -16.76
CA ALA A 141 -8.84 23.76 -17.14
C ALA A 141 -9.37 22.31 -17.21
N ILE A 142 -8.52 21.35 -17.58
CA ILE A 142 -8.96 19.94 -17.59
C ILE A 142 -9.41 19.53 -16.19
N ALA A 143 -8.64 19.92 -15.18
CA ALA A 143 -8.92 19.55 -13.79
C ALA A 143 -10.27 20.11 -13.35
N GLU A 144 -10.54 21.33 -13.77
CA GLU A 144 -11.80 21.98 -13.49
C GLU A 144 -12.96 21.20 -14.13
N GLN A 145 -12.82 20.81 -15.40
CA GLN A 145 -13.88 20.03 -16.08
C GLN A 145 -14.11 18.67 -15.45
N LEU A 146 -13.03 18.05 -14.98
CA LEU A 146 -13.14 16.81 -14.24
C LEU A 146 -13.88 16.99 -12.93
N LEU A 147 -13.75 18.17 -12.31
CA LEU A 147 -14.55 18.38 -11.08
C LEU A 147 -16.03 18.48 -11.43
N ARG A 148 -16.34 19.11 -12.56
CA ARG A 148 -17.72 19.28 -12.96
C ARG A 148 -18.32 17.89 -13.24
N VAL A 149 -17.51 16.99 -13.83
CA VAL A 149 -17.93 15.65 -14.20
C VAL A 149 -18.28 14.80 -12.99
N LEU A 150 -17.38 14.75 -12.03
CA LEU A 150 -17.68 14.01 -10.81
C LEU A 150 -18.80 14.65 -9.98
N ALA A 151 -18.88 15.99 -9.95
CA ALA A 151 -19.98 16.60 -9.20
C ALA A 151 -21.37 16.19 -9.81
N ARG A 152 -21.46 16.28 -11.15
CA ARG A 152 -22.65 16.00 -11.92
C ARG A 152 -23.02 14.55 -11.70
N ARG A 153 -22.02 13.68 -11.60
CA ARG A 153 -22.30 12.28 -11.26
C ARG A 153 -22.81 12.07 -9.82
N LEU A 154 -22.27 12.82 -8.87
CA LEU A 154 -22.85 12.84 -7.54
C LEU A 154 -24.28 13.40 -7.61
N ARG A 155 -24.46 14.50 -8.32
CA ARG A 155 -25.80 15.02 -8.53
C ARG A 155 -26.76 13.88 -9.00
N ARG A 156 -26.51 13.24 -10.15
CA ARG A 156 -27.39 12.14 -10.68
C ARG A 156 -27.60 10.94 -9.75
N THR A 157 -26.51 10.45 -9.15
CA THR A 157 -26.56 9.28 -8.25
C THR A 157 -27.37 9.56 -6.99
N ASN A 158 -27.27 10.79 -6.48
CA ASN A 158 -28.08 11.26 -5.32
C ASN A 158 -29.58 11.16 -5.65
N ALA A 159 -29.95 11.53 -6.87
CA ALA A 159 -31.32 11.41 -7.31
C ALA A 159 -31.73 9.93 -7.37
N SER A 160 -30.89 9.08 -7.93
CA SER A 160 -31.17 7.64 -7.92
C SER A 160 -31.40 7.13 -6.51
N LEU A 161 -30.68 7.70 -5.55
CA LEU A 161 -30.75 7.19 -4.19
C LEU A 161 -32.06 7.66 -3.55
N ALA A 162 -32.36 8.93 -3.73
CA ALA A 162 -33.64 9.51 -3.40
C ALA A 162 -34.80 8.66 -3.96
N ASP A 163 -34.69 8.34 -5.26
CA ASP A 163 -35.63 7.46 -5.96
C ASP A 163 -35.88 6.13 -5.25
N LEU A 164 -34.83 5.45 -4.80
CA LEU A 164 -35.01 4.27 -3.97
C LEU A 164 -35.70 4.54 -2.63
N ILE A 165 -35.52 5.73 -2.09
CA ILE A 165 -36.06 6.00 -0.76
C ILE A 165 -37.54 6.39 -0.86
N PHE A 166 -37.88 7.17 -1.86
CA PHE A 166 -39.16 7.85 -1.93
C PHE A 166 -40.16 7.35 -3.00
N THR A 167 -39.68 6.65 -4.04
CA THR A 167 -40.55 6.22 -5.14
C THR A 167 -40.84 4.70 -5.08
N ASP A 168 -42.03 4.28 -5.54
CA ASP A 168 -42.38 2.86 -5.71
C ASP A 168 -41.77 2.34 -7.02
N VAL A 169 -41.70 1.01 -7.18
CA VAL A 169 -41.16 0.40 -8.40
C VAL A 169 -41.80 1.00 -9.65
N PRO A 170 -43.15 1.05 -9.71
CA PRO A 170 -43.58 1.56 -11.01
C PRO A 170 -43.00 2.94 -11.35
N GLY A 171 -43.06 3.87 -10.41
CA GLY A 171 -42.47 5.22 -10.66
C GLY A 171 -40.98 5.18 -11.03
N ARG A 172 -40.24 4.24 -10.45
CA ARG A 172 -38.81 4.12 -10.73
C ARG A 172 -38.57 3.66 -12.18
N VAL A 173 -39.31 2.63 -12.61
CA VAL A 173 -39.34 2.20 -14.00
C VAL A 173 -39.66 3.38 -14.91
N ALA A 174 -40.75 4.08 -14.62
CA ALA A 174 -41.05 5.30 -15.39
C ALA A 174 -39.82 6.18 -15.49
N LYS A 175 -39.21 6.54 -14.38
CA LYS A 175 -38.00 7.41 -14.41
C LYS A 175 -36.89 6.81 -15.30
N THR A 176 -36.48 5.60 -14.98
CA THR A 176 -35.47 4.94 -15.78
C THR A 176 -35.72 5.13 -17.31
N LEU A 177 -36.95 4.89 -17.76
CA LEU A 177 -37.27 5.05 -19.18
C LEU A 177 -37.11 6.47 -19.71
N LEU A 178 -37.57 7.44 -18.94
CA LEU A 178 -37.42 8.83 -19.37
C LEU A 178 -35.93 9.20 -19.41
N GLN A 179 -35.15 8.66 -18.47
CA GLN A 179 -33.69 8.85 -18.45
C GLN A 179 -32.99 8.27 -19.70
N LEU A 180 -33.35 7.04 -20.07
CA LEU A 180 -32.93 6.45 -21.36
C LEU A 180 -33.33 7.29 -22.58
N ALA A 181 -34.58 7.75 -22.57
CA ALA A 181 -35.07 8.63 -23.64
C ALA A 181 -34.27 9.90 -23.78
N ASN A 182 -33.86 10.48 -22.66
CA ASN A 182 -33.14 11.74 -22.72
C ASN A 182 -31.72 11.51 -23.16
N ARG A 183 -31.13 10.41 -22.70
CA ARG A 183 -29.78 10.06 -23.11
C ARG A 183 -29.69 9.64 -24.58
N PHE A 184 -30.55 8.71 -25.01
CA PHE A 184 -30.46 8.04 -26.33
C PHE A 184 -31.69 8.16 -27.23
N GLY A 185 -32.69 8.96 -26.85
CA GLY A 185 -33.95 8.96 -27.59
C GLY A 185 -33.93 9.75 -28.90
N THR A 186 -34.63 9.20 -29.91
CA THR A 186 -34.87 9.81 -31.22
C THR A 186 -36.37 10.12 -31.36
N GLN A 187 -36.70 11.29 -31.92
CA GLN A 187 -38.07 11.62 -32.36
C GLN A 187 -38.47 10.78 -33.58
N GLU A 188 -39.54 10.00 -33.41
CA GLU A 188 -40.02 9.09 -34.44
C GLU A 188 -41.54 9.18 -34.48
N ALA A 189 -42.09 9.63 -35.62
CA ALA A 189 -43.55 9.80 -35.80
C ALA A 189 -44.35 10.19 -34.52
N GLY A 190 -43.98 11.35 -33.95
CA GLY A 190 -44.63 11.89 -32.72
C GLY A 190 -44.10 11.34 -31.40
N ALA A 191 -43.37 10.22 -31.47
CA ALA A 191 -42.87 9.50 -30.27
C ALA A 191 -41.36 9.60 -30.01
N LEU A 192 -40.92 9.04 -28.88
CA LEU A 192 -39.48 8.85 -28.63
C LEU A 192 -39.04 7.42 -28.86
N ARG A 193 -38.26 7.24 -29.92
CA ARG A 193 -37.57 5.98 -30.15
C ARG A 193 -36.34 5.83 -29.24
N VAL A 194 -36.35 4.78 -28.44
CA VAL A 194 -35.29 4.55 -27.49
C VAL A 194 -34.72 3.16 -27.65
N ASN A 195 -33.75 3.01 -28.58
CA ASN A 195 -33.04 1.75 -28.78
C ASN A 195 -32.01 1.58 -27.70
N HIS A 196 -32.49 1.11 -26.56
CA HIS A 196 -31.68 1.02 -25.38
C HIS A 196 -30.78 -0.22 -25.41
N ASP A 197 -31.19 -1.24 -26.14
CA ASP A 197 -30.38 -2.43 -26.37
C ASP A 197 -30.27 -3.27 -25.12
N LEU A 198 -31.07 -2.99 -24.10
CA LEU A 198 -30.94 -3.74 -22.85
C LEU A 198 -31.83 -4.99 -22.82
N THR A 199 -31.50 -5.99 -22.02
CA THR A 199 -32.50 -7.02 -21.76
C THR A 199 -33.52 -6.57 -20.71
N GLN A 200 -34.55 -7.39 -20.49
CA GLN A 200 -35.57 -7.11 -19.49
C GLN A 200 -34.93 -7.07 -18.10
N GLU A 201 -34.07 -8.04 -17.82
CA GLU A 201 -33.43 -8.15 -16.52
C GLU A 201 -32.48 -6.99 -16.26
N GLU A 202 -31.83 -6.52 -17.32
CA GLU A 202 -30.88 -5.45 -17.23
C GLU A 202 -31.57 -4.12 -16.96
N ILE A 203 -32.76 -3.93 -17.54
CA ILE A 203 -33.57 -2.74 -17.25
C ILE A 203 -33.86 -2.76 -15.75
N ALA A 204 -34.25 -3.94 -15.27
CA ALA A 204 -34.57 -4.18 -13.88
C ALA A 204 -33.38 -3.86 -12.99
N GLN A 205 -32.19 -4.30 -13.39
CA GLN A 205 -30.95 -4.02 -12.63
C GLN A 205 -30.62 -2.53 -12.67
N LEU A 206 -30.88 -1.91 -13.80
CA LEU A 206 -30.79 -0.47 -13.85
C LEU A 206 -31.75 0.21 -12.83
N VAL A 207 -32.96 -0.33 -12.68
CA VAL A 207 -33.99 0.21 -11.75
C VAL A 207 -33.67 -0.11 -10.29
N GLY A 208 -32.97 -1.22 -10.06
CA GLY A 208 -32.74 -1.71 -8.71
C GLY A 208 -33.94 -2.42 -8.06
N ALA A 209 -34.79 -3.07 -8.87
CA ALA A 209 -35.90 -3.88 -8.36
C ALA A 209 -36.01 -5.25 -9.04
N SER A 210 -36.79 -6.13 -8.42
CA SER A 210 -36.97 -7.54 -8.86
C SER A 210 -37.38 -7.60 -10.31
N ARG A 211 -36.96 -8.66 -10.99
CA ARG A 211 -37.38 -8.88 -12.35
C ARG A 211 -38.93 -8.91 -12.54
N GLU A 212 -39.66 -9.47 -11.56
CA GLU A 212 -41.13 -9.62 -11.70
C GLU A 212 -41.86 -8.33 -11.55
N THR A 213 -41.53 -7.56 -10.52
CA THR A 213 -42.18 -6.28 -10.33
C THR A 213 -41.95 -5.37 -11.51
N VAL A 214 -40.70 -5.36 -11.99
CA VAL A 214 -40.30 -4.50 -13.09
C VAL A 214 -41.02 -4.95 -14.36
N ASN A 215 -41.03 -6.26 -14.58
CA ASN A 215 -41.84 -6.79 -15.67
C ASN A 215 -43.32 -6.33 -15.56
N LYS A 216 -43.88 -6.50 -14.36
CA LYS A 216 -45.26 -6.13 -14.10
C LYS A 216 -45.54 -4.68 -14.52
N ALA A 217 -44.72 -3.76 -14.05
CA ALA A 217 -44.90 -2.35 -14.34
C ALA A 217 -44.82 -2.09 -15.80
N LEU A 218 -43.86 -2.76 -16.46
CA LEU A 218 -43.62 -2.52 -17.88
C LEU A 218 -44.86 -2.94 -18.64
N ALA A 219 -45.28 -4.18 -18.38
CA ALA A 219 -46.55 -4.69 -18.92
C ALA A 219 -47.65 -3.66 -18.67
N THR A 220 -47.92 -3.28 -17.42
CA THR A 220 -48.93 -2.23 -17.18
C THR A 220 -48.77 -1.06 -18.13
N PHE A 221 -47.57 -0.53 -18.30
CA PHE A 221 -47.40 0.71 -19.10
C PHE A 221 -47.67 0.52 -20.59
N ALA A 222 -47.30 -0.65 -21.12
CA ALA A 222 -47.62 -1.03 -22.49
C ALA A 222 -49.14 -1.14 -22.62
N HIS A 223 -49.68 -1.91 -21.68
CA HIS A 223 -51.09 -2.22 -21.59
C HIS A 223 -51.92 -0.92 -21.66
N ARG A 224 -51.41 0.18 -21.10
CA ARG A 224 -52.15 1.45 -21.19
C ARG A 224 -51.90 2.23 -22.45
N GLY A 225 -50.87 1.84 -23.20
CA GLY A 225 -50.49 2.53 -24.42
C GLY A 225 -49.45 3.63 -24.24
N TRP A 226 -48.89 3.75 -23.03
CA TRP A 226 -47.90 4.81 -22.78
C TRP A 226 -46.61 4.57 -23.54
N ILE A 227 -46.19 3.31 -23.53
CA ILE A 227 -44.99 2.85 -24.20
C ILE A 227 -45.36 1.67 -25.08
N ARG A 228 -44.47 1.27 -25.98
CA ARG A 228 -44.68 0.09 -26.81
C ARG A 228 -43.37 -0.67 -26.83
N LEU A 229 -43.38 -1.89 -26.30
CA LEU A 229 -42.22 -2.77 -26.39
C LEU A 229 -42.03 -3.24 -27.84
N GLU A 230 -40.78 -3.53 -28.21
CA GLU A 230 -40.45 -4.03 -29.56
CA GLU A 230 -40.39 -3.81 -29.58
C GLU A 230 -38.97 -4.38 -29.63
N GLY A 231 -38.71 -5.54 -29.04
CA GLY A 231 -37.35 -6.06 -28.96
C GLY A 231 -36.69 -5.43 -27.75
N LYS A 232 -35.38 -5.25 -27.79
CA LYS A 232 -34.67 -4.45 -26.79
C LYS A 232 -34.80 -2.98 -27.17
N SER A 233 -36.01 -2.56 -27.48
CA SER A 233 -36.29 -1.17 -27.84
C SER A 233 -37.65 -0.76 -27.25
N VAL A 234 -37.85 0.54 -27.06
CA VAL A 234 -39.13 1.07 -26.55
C VAL A 234 -39.51 2.34 -27.26
N LEU A 235 -40.77 2.41 -27.65
CA LEU A 235 -41.32 3.66 -28.10
C LEU A 235 -42.02 4.26 -26.88
N ILE A 236 -41.90 5.57 -26.71
CA ILE A 236 -42.50 6.24 -25.54
C ILE A 236 -43.41 7.22 -26.17
N VAL A 237 -44.70 7.03 -25.99
CA VAL A 237 -45.67 7.84 -26.75
C VAL A 237 -46.38 8.96 -25.97
N ASP A 238 -46.53 8.79 -24.66
CA ASP A 238 -46.94 9.94 -23.81
C ASP A 238 -46.00 10.11 -22.62
N THR A 239 -45.10 11.08 -22.82
CA THR A 239 -44.02 11.38 -21.90
C THR A 239 -44.63 11.75 -20.57
N GLU A 240 -45.56 12.72 -20.68
CA GLU A 240 -46.23 13.31 -19.54
C GLU A 240 -46.92 12.32 -18.59
N HIS A 241 -47.64 11.34 -19.12
CA HIS A 241 -48.28 10.32 -18.30
C HIS A 241 -47.25 9.55 -17.48
N LEU A 242 -46.19 9.11 -18.16
CA LEU A 242 -45.08 8.40 -17.55
C LEU A 242 -44.34 9.31 -16.56
N ALA A 243 -44.18 10.58 -16.93
CA ALA A 243 -43.64 11.60 -16.02
C ALA A 243 -44.50 11.75 -14.76
N ARG A 244 -45.82 11.89 -14.94
CA ARG A 244 -46.77 11.95 -13.83
C ARG A 244 -46.59 10.76 -12.89
N ARG A 245 -46.42 9.59 -13.48
CA ARG A 245 -46.31 8.37 -12.69
C ARG A 245 -44.99 8.23 -11.91
N ALA A 246 -43.95 8.95 -12.33
CA ALA A 246 -42.69 9.05 -11.58
C ALA A 246 -42.74 10.26 -10.66
N ARG A 247 -42.68 10.01 -9.34
CA ARG A 247 -42.84 11.01 -8.24
C ARG A 247 -44.21 10.88 -7.52
N GLY B 23 -7.77 -13.34 -9.36
CA GLY B 23 -7.56 -12.57 -8.10
C GLY B 23 -7.79 -13.41 -6.85
N VAL B 24 -6.71 -14.06 -6.39
CA VAL B 24 -6.74 -15.12 -5.37
C VAL B 24 -7.36 -14.69 -4.02
N GLN B 25 -6.84 -13.59 -3.47
CA GLN B 25 -7.30 -13.04 -2.20
C GLN B 25 -8.82 -12.83 -2.17
N GLU B 26 -9.34 -12.06 -3.12
CA GLU B 26 -10.79 -11.75 -3.18
C GLU B 26 -11.72 -12.93 -3.48
N ILE B 27 -11.23 -13.93 -4.21
CA ILE B 27 -11.95 -15.20 -4.38
C ILE B 27 -12.16 -15.85 -3.02
N LEU B 28 -11.09 -15.93 -2.24
CA LEU B 28 -11.11 -16.61 -0.94
C LEU B 28 -12.01 -15.92 0.07
N SER B 29 -11.95 -14.59 0.08
CA SER B 29 -12.68 -13.76 1.03
C SER B 29 -14.16 -13.79 0.71
N ARG B 30 -14.50 -14.46 -0.39
CA ARG B 30 -15.89 -14.74 -0.67
C ARG B 30 -16.36 -16.10 -0.10
N ALA B 31 -15.44 -16.91 0.42
CA ALA B 31 -15.85 -18.15 1.16
C ALA B 31 -16.79 -17.84 2.34
N GLY B 32 -17.61 -18.82 2.67
CA GLY B 32 -18.54 -18.78 3.80
C GLY B 32 -17.86 -18.28 5.05
N ILE B 33 -16.86 -19.04 5.48
CA ILE B 33 -16.02 -18.77 6.66
C ILE B 33 -15.71 -17.28 6.85
N PHE B 34 -15.58 -16.53 5.77
CA PHE B 34 -15.08 -15.15 5.87
C PHE B 34 -16.14 -14.05 5.83
N GLN B 35 -17.43 -14.39 5.76
CA GLN B 35 -18.44 -13.35 5.56
C GLN B 35 -18.61 -12.33 6.72
N GLY B 36 -18.53 -12.80 7.95
CA GLY B 36 -18.61 -11.84 9.07
C GLY B 36 -17.56 -10.73 9.09
N VAL B 37 -16.33 -11.11 8.75
CA VAL B 37 -15.11 -10.49 9.21
C VAL B 37 -14.64 -9.29 8.39
N ASP B 38 -13.83 -8.43 9.00
CA ASP B 38 -13.46 -7.20 8.31
C ASP B 38 -12.30 -7.41 7.36
N PRO B 39 -12.45 -6.89 6.14
CA PRO B 39 -11.55 -7.04 5.03
C PRO B 39 -10.08 -7.27 5.40
N THR B 40 -9.58 -6.46 6.34
CA THR B 40 -8.15 -6.36 6.62
C THR B 40 -7.63 -7.44 7.56
N ALA B 41 -8.53 -8.05 8.32
CA ALA B 41 -8.20 -9.25 9.11
C ALA B 41 -8.24 -10.52 8.25
N VAL B 42 -9.22 -10.60 7.35
CA VAL B 42 -9.31 -11.67 6.36
C VAL B 42 -8.04 -11.79 5.50
N ASN B 43 -7.65 -10.68 4.89
CA ASN B 43 -6.43 -10.63 4.10
C ASN B 43 -5.25 -11.26 4.87
N ASN B 44 -5.11 -10.90 6.15
CA ASN B 44 -4.11 -11.51 7.05
C ASN B 44 -4.28 -13.00 7.37
N LEU B 45 -5.51 -13.49 7.33
CA LEU B 45 -5.76 -14.92 7.59
C LEU B 45 -5.47 -15.80 6.35
N ILE B 46 -5.77 -15.23 5.18
CA ILE B 46 -5.39 -15.80 3.89
C ILE B 46 -3.90 -16.17 3.85
N GLN B 47 -3.03 -15.24 4.23
CA GLN B 47 -1.56 -15.43 4.20
C GLN B 47 -1.08 -16.61 5.03
N ASP B 48 -1.86 -17.03 6.01
CA ASP B 48 -1.51 -18.24 6.75
C ASP B 48 -1.87 -19.52 5.97
N MET B 49 -2.62 -19.41 4.89
CA MET B 49 -3.07 -20.59 4.18
C MET B 49 -2.01 -20.99 3.17
N GLU B 50 -1.90 -22.30 2.94
CA GLU B 50 -1.02 -22.89 1.94
C GLU B 50 -1.71 -22.96 0.58
N THR B 51 -0.97 -22.78 -0.51
CA THR B 51 -1.53 -23.00 -1.87
C THR B 51 -1.11 -24.33 -2.40
N VAL B 52 -2.07 -25.03 -3.00
CA VAL B 52 -1.83 -26.33 -3.59
C VAL B 52 -2.61 -26.37 -4.90
N ARG B 53 -2.08 -27.12 -5.87
CA ARG B 53 -2.67 -27.28 -7.18
C ARG B 53 -2.78 -28.78 -7.36
N PHE B 54 -3.86 -29.27 -7.96
CA PHE B 54 -3.95 -30.70 -8.31
C PHE B 54 -4.21 -30.87 -9.80
N PRO B 55 -3.77 -31.99 -10.38
CA PRO B 55 -4.25 -32.17 -11.73
C PRO B 55 -5.63 -32.83 -11.72
N ARG B 56 -6.24 -32.85 -12.88
CA ARG B 56 -7.51 -33.36 -13.14
C ARG B 56 -7.47 -34.86 -12.90
N GLY B 57 -8.45 -35.40 -12.20
CA GLY B 57 -8.43 -36.81 -11.81
C GLY B 57 -7.73 -37.14 -10.49
N ALA B 58 -6.98 -36.19 -9.92
CA ALA B 58 -6.39 -36.40 -8.58
C ALA B 58 -7.50 -36.67 -7.53
N THR B 59 -7.16 -37.50 -6.53
CA THR B 59 -8.00 -37.77 -5.37
C THR B 59 -7.32 -37.05 -4.22
N ILE B 60 -8.02 -36.11 -3.63
CA ILE B 60 -7.48 -35.35 -2.50
C ILE B 60 -7.58 -36.13 -1.20
N PHE B 61 -8.71 -36.79 -0.99
CA PHE B 61 -8.82 -37.79 0.08
C PHE B 61 -9.89 -38.74 -0.34
N ASP B 62 -9.94 -39.88 0.33
CA ASP B 62 -10.94 -40.90 0.03
C ASP B 62 -11.94 -40.93 1.15
N GLU B 63 -13.19 -41.26 0.83
CA GLU B 63 -14.18 -41.49 1.86
C GLU B 63 -13.65 -42.51 2.85
N GLY B 64 -13.77 -42.20 4.13
CA GLY B 64 -13.45 -43.20 5.13
C GLY B 64 -12.07 -43.01 5.67
N GLU B 65 -11.28 -42.13 5.06
CA GLU B 65 -9.96 -41.83 5.58
C GLU B 65 -10.07 -40.80 6.70
N PRO B 66 -9.06 -40.72 7.61
CA PRO B 66 -9.08 -39.68 8.58
C PRO B 66 -8.44 -38.47 7.96
N GLY B 67 -8.71 -37.29 8.50
CA GLY B 67 -8.25 -36.05 7.92
C GLY B 67 -8.35 -34.90 8.88
N ASP B 68 -7.50 -33.91 8.66
CA ASP B 68 -7.22 -32.93 9.66
C ASP B 68 -7.34 -31.62 8.95
N ARG B 69 -7.81 -31.69 7.71
CA ARG B 69 -7.49 -30.66 6.74
C ARG B 69 -8.64 -30.23 5.86
N LEU B 70 -8.60 -28.95 5.52
CA LEU B 70 -9.69 -28.22 4.93
C LEU B 70 -9.17 -27.47 3.72
N TYR B 71 -9.96 -27.47 2.66
CA TYR B 71 -9.61 -26.85 1.39
C TYR B 71 -10.63 -25.77 1.08
N ILE B 72 -10.17 -24.64 0.54
CA ILE B 72 -11.03 -23.68 -0.12
C ILE B 72 -10.53 -23.55 -1.54
N ILE B 73 -11.39 -23.92 -2.49
CA ILE B 73 -11.10 -23.94 -3.91
C ILE B 73 -10.93 -22.53 -4.42
N THR B 74 -9.89 -22.36 -5.23
CA THR B 74 -9.59 -21.04 -5.75
C THR B 74 -9.87 -21.04 -7.25
N SER B 75 -9.94 -22.25 -7.84
CA SER B 75 -10.16 -22.45 -9.28
C SER B 75 -10.40 -23.94 -9.62
N GLY B 76 -11.37 -24.22 -10.47
CA GLY B 76 -11.72 -25.61 -10.75
C GLY B 76 -12.99 -26.18 -10.12
N LYS B 77 -13.17 -27.48 -10.33
CA LYS B 77 -14.25 -28.26 -9.79
C LYS B 77 -13.75 -29.53 -9.07
N VAL B 78 -14.35 -29.76 -7.91
CA VAL B 78 -14.15 -30.97 -7.17
C VAL B 78 -15.53 -31.59 -6.92
N LYS B 79 -15.64 -32.87 -7.24
CA LYS B 79 -16.80 -33.67 -6.93
C LYS B 79 -16.57 -34.39 -5.59
N LEU B 80 -17.67 -34.52 -4.82
CA LEU B 80 -17.64 -35.32 -3.61
C LEU B 80 -18.53 -36.53 -3.82
N ALA B 81 -17.90 -37.68 -3.67
CA ALA B 81 -18.55 -38.92 -3.96
C ALA B 81 -18.62 -39.76 -2.72
N ARG B 82 -19.79 -40.37 -2.55
CA ARG B 82 -20.01 -41.38 -1.53
CA ARG B 82 -20.07 -41.38 -1.54
C ARG B 82 -20.07 -42.74 -2.22
N HIS B 83 -19.55 -43.76 -1.57
CA HIS B 83 -19.42 -45.06 -2.21
C HIS B 83 -20.34 -46.09 -1.58
N ALA B 84 -21.10 -46.80 -2.40
CA ALA B 84 -21.96 -47.89 -1.91
C ALA B 84 -21.13 -49.13 -1.63
N PRO B 85 -21.48 -49.91 -0.58
CA PRO B 85 -20.70 -51.13 -0.31
C PRO B 85 -20.39 -51.87 -1.60
N ASP B 86 -21.37 -52.02 -2.49
CA ASP B 86 -21.18 -52.79 -3.74
C ASP B 86 -20.55 -52.03 -4.94
N GLY B 87 -19.70 -51.04 -4.67
CA GLY B 87 -18.99 -50.28 -5.72
C GLY B 87 -19.83 -49.38 -6.62
N ARG B 88 -21.05 -49.04 -6.18
CA ARG B 88 -21.89 -48.02 -6.85
C ARG B 88 -21.49 -46.65 -6.30
N GLU B 89 -21.71 -45.60 -7.09
CA GLU B 89 -21.28 -44.25 -6.71
C GLU B 89 -22.36 -43.18 -6.78
N ASN B 90 -22.24 -42.23 -5.87
CA ASN B 90 -23.16 -41.12 -5.79
C ASN B 90 -22.39 -39.88 -5.45
N LEU B 91 -22.82 -38.74 -6.00
CA LEU B 91 -22.17 -37.45 -5.77
C LEU B 91 -23.00 -36.47 -4.92
N LEU B 92 -22.49 -36.09 -3.74
CA LEU B 92 -23.22 -35.15 -2.91
C LEU B 92 -23.37 -33.80 -3.61
N THR B 93 -22.30 -33.32 -4.22
CA THR B 93 -22.28 -31.98 -4.80
C THR B 93 -21.05 -31.76 -5.68
N ILE B 94 -21.03 -30.66 -6.41
CA ILE B 94 -19.83 -30.28 -7.13
C ILE B 94 -19.46 -28.97 -6.53
N MET B 95 -18.22 -28.84 -6.11
CA MET B 95 -17.78 -27.52 -5.67
C MET B 95 -16.83 -26.77 -6.60
N GLY B 96 -16.73 -25.46 -6.34
CA GLY B 96 -16.06 -24.57 -7.26
C GLY B 96 -15.40 -23.46 -6.49
N PRO B 97 -14.93 -22.40 -7.22
CA PRO B 97 -14.23 -21.30 -6.56
C PRO B 97 -15.01 -20.79 -5.36
N SER B 98 -14.30 -20.57 -4.25
CA SER B 98 -14.91 -20.02 -3.04
C SER B 98 -15.57 -21.09 -2.16
N ASP B 99 -15.82 -22.29 -2.71
CA ASP B 99 -16.40 -23.36 -1.92
C ASP B 99 -15.37 -23.99 -0.97
N MET B 100 -15.84 -24.45 0.19
CA MET B 100 -14.99 -25.07 1.17
C MET B 100 -15.42 -26.51 1.36
N PHE B 101 -14.44 -27.41 1.41
CA PHE B 101 -14.67 -28.81 1.76
C PHE B 101 -13.59 -29.32 2.69
N GLY B 102 -13.89 -30.42 3.37
CA GLY B 102 -12.97 -31.03 4.33
C GLY B 102 -13.22 -30.57 5.78
N GLU B 103 -14.21 -29.71 6.01
CA GLU B 103 -14.42 -29.20 7.36
C GLU B 103 -15.07 -30.24 8.33
N LEU B 104 -15.83 -31.21 7.80
CA LEU B 104 -16.53 -32.16 8.67
C LEU B 104 -15.68 -32.94 9.67
N SER B 105 -14.62 -33.57 9.17
CA SER B 105 -13.65 -34.31 9.99
C SER B 105 -12.92 -33.42 10.97
N ILE B 106 -13.00 -32.12 10.75
CA ILE B 106 -12.38 -31.23 11.71
C ILE B 106 -13.36 -30.88 12.80
N PHE B 107 -14.61 -30.61 12.45
CA PHE B 107 -15.59 -30.26 13.47
C PHE B 107 -16.05 -31.46 14.27
N ASP B 108 -15.93 -32.63 13.68
CA ASP B 108 -16.39 -33.82 14.36
C ASP B 108 -15.42 -34.93 14.02
N PRO B 109 -14.22 -34.90 14.65
CA PRO B 109 -13.15 -35.87 14.32
C PRO B 109 -13.69 -37.29 14.17
N GLY B 110 -13.40 -37.86 13.02
CA GLY B 110 -13.91 -39.11 12.51
C GLY B 110 -13.61 -39.05 11.00
N PRO B 111 -13.89 -40.15 10.29
CA PRO B 111 -13.47 -40.28 8.90
C PRO B 111 -14.19 -39.32 7.94
N ARG B 112 -13.73 -39.29 6.70
CA ARG B 112 -14.24 -38.39 5.72
C ARG B 112 -15.62 -38.88 5.32
N THR B 113 -16.55 -37.95 5.19
CA THR B 113 -17.87 -38.31 4.75
C THR B 113 -17.92 -38.51 3.27
N SER B 114 -16.85 -38.17 2.54
CA SER B 114 -16.78 -38.50 1.10
C SER B 114 -15.36 -38.48 0.55
N SER B 115 -15.22 -38.88 -0.71
CA SER B 115 -13.98 -38.67 -1.45
C SER B 115 -14.05 -37.33 -2.13
N ALA B 116 -12.94 -36.61 -2.14
CA ALA B 116 -12.83 -35.39 -2.95
C ALA B 116 -11.93 -35.68 -4.16
N VAL B 117 -12.51 -35.58 -5.38
CA VAL B 117 -11.85 -35.94 -6.64
C VAL B 117 -11.89 -34.81 -7.66
N CYS B 118 -10.73 -34.41 -8.16
CA CYS B 118 -10.61 -33.31 -9.12
C CYS B 118 -11.22 -33.61 -10.51
N VAL B 119 -12.11 -32.73 -10.94
CA VAL B 119 -12.90 -32.95 -12.13
C VAL B 119 -12.25 -32.13 -13.21
N THR B 120 -11.59 -31.04 -12.80
CA THR B 120 -10.69 -30.26 -13.64
C THR B 120 -9.38 -30.11 -12.85
N GLU B 121 -8.43 -29.35 -13.42
CA GLU B 121 -7.30 -28.89 -12.67
C GLU B 121 -7.85 -27.96 -11.56
N VAL B 122 -7.36 -28.16 -10.34
CA VAL B 122 -7.87 -27.41 -9.22
C VAL B 122 -6.74 -26.70 -8.51
N HIS B 123 -6.88 -25.39 -8.34
CA HIS B 123 -6.09 -24.71 -7.34
C HIS B 123 -6.98 -24.54 -6.09
N ALA B 124 -6.34 -24.43 -4.93
CA ALA B 124 -7.06 -24.29 -3.68
C ALA B 124 -6.14 -23.68 -2.63
N ALA B 125 -6.74 -23.08 -1.60
CA ALA B 125 -6.02 -22.82 -0.36
C ALA B 125 -6.40 -23.92 0.65
N THR B 126 -5.46 -24.32 1.49
CA THR B 126 -5.72 -25.33 2.49
C THR B 126 -5.07 -24.94 3.82
N MET B 127 -5.64 -25.46 4.90
CA MET B 127 -5.12 -25.30 6.27
C MET B 127 -5.57 -26.53 7.07
N ASN B 128 -4.93 -26.78 8.20
CA ASN B 128 -5.26 -27.92 9.04
C ASN B 128 -5.97 -27.39 10.30
N SER B 129 -6.38 -28.27 11.21
CA SER B 129 -7.19 -27.83 12.36
C SER B 129 -6.47 -26.97 13.41
N ASP B 130 -5.18 -27.15 13.56
CA ASP B 130 -4.47 -26.32 14.51
C ASP B 130 -4.52 -24.84 14.10
N MET B 131 -4.44 -24.61 12.81
CA MET B 131 -4.52 -23.25 12.34
C MET B 131 -5.94 -22.69 12.55
N LEU B 132 -6.96 -23.52 12.28
CA LEU B 132 -8.33 -23.12 12.47
C LEU B 132 -8.62 -22.77 13.93
N ARG B 133 -8.10 -23.58 14.85
CA ARG B 133 -8.21 -23.36 16.30
C ARG B 133 -7.63 -22.00 16.68
N ASN B 134 -6.44 -21.69 16.19
CA ASN B 134 -5.87 -20.35 16.23
C ASN B 134 -6.82 -19.23 15.75
N TRP B 135 -7.48 -19.46 14.63
CA TRP B 135 -8.32 -18.43 14.03
C TRP B 135 -9.51 -18.17 14.94
N VAL B 136 -10.12 -19.26 15.40
CA VAL B 136 -11.19 -19.17 16.36
C VAL B 136 -10.76 -18.41 17.64
N ALA B 137 -9.61 -18.79 18.19
CA ALA B 137 -9.04 -18.16 19.35
C ALA B 137 -9.07 -16.67 19.20
N ASP B 138 -8.34 -16.13 18.22
CA ASP B 138 -8.25 -14.67 18.05
C ASP B 138 -9.48 -14.01 17.40
N HIS B 139 -10.44 -14.82 16.94
CA HIS B 139 -11.62 -14.29 16.18
C HIS B 139 -12.87 -15.16 16.30
N PRO B 140 -13.66 -14.98 17.38
CA PRO B 140 -14.97 -15.65 17.56
C PRO B 140 -16.04 -15.43 16.46
N ALA B 141 -15.94 -14.36 15.70
CA ALA B 141 -16.85 -14.21 14.59
C ALA B 141 -16.71 -15.38 13.57
N ILE B 142 -15.54 -16.01 13.51
CA ILE B 142 -15.25 -17.05 12.54
C ILE B 142 -16.02 -18.33 12.91
N ALA B 143 -15.95 -18.67 14.20
CA ALA B 143 -16.78 -19.67 14.84
C ALA B 143 -18.25 -19.48 14.53
N GLU B 144 -18.70 -18.23 14.59
CA GLU B 144 -20.11 -17.99 14.44
C GLU B 144 -20.41 -18.16 12.95
N GLN B 145 -19.56 -17.58 12.12
CA GLN B 145 -19.71 -17.70 10.69
C GLN B 145 -19.70 -19.11 10.18
N LEU B 146 -19.00 -19.99 10.89
CA LEU B 146 -18.87 -21.38 10.51
C LEU B 146 -20.08 -22.21 10.93
N LEU B 147 -20.73 -21.82 12.03
CA LEU B 147 -21.99 -22.42 12.44
C LEU B 147 -23.00 -22.12 11.38
N ARG B 148 -22.96 -20.89 10.89
CA ARG B 148 -23.86 -20.43 9.81
C ARG B 148 -23.65 -21.17 8.46
N VAL B 149 -22.39 -21.34 8.07
CA VAL B 149 -22.00 -22.14 6.92
C VAL B 149 -22.53 -23.55 7.04
N LEU B 150 -22.27 -24.23 8.16
CA LEU B 150 -22.79 -25.58 8.34
C LEU B 150 -24.33 -25.65 8.32
N ALA B 151 -24.98 -24.71 9.00
CA ALA B 151 -26.45 -24.72 9.06
C ALA B 151 -26.99 -24.60 7.65
N ARG B 152 -26.32 -23.79 6.84
CA ARG B 152 -26.73 -23.57 5.47
C ARG B 152 -26.54 -24.83 4.60
N ARG B 153 -25.46 -25.58 4.82
CA ARG B 153 -25.33 -26.91 4.20
C ARG B 153 -26.45 -27.85 4.55
N LEU B 154 -26.83 -27.86 5.83
CA LEU B 154 -27.98 -28.68 6.29
C LEU B 154 -29.30 -28.31 5.56
N ARG B 155 -29.58 -27.02 5.38
CA ARG B 155 -30.76 -26.62 4.59
C ARG B 155 -30.73 -27.19 3.19
N ARG B 156 -29.53 -27.21 2.61
CA ARG B 156 -29.36 -27.63 1.24
C ARG B 156 -29.50 -29.15 1.10
N THR B 157 -28.89 -29.88 2.03
CA THR B 157 -28.96 -31.32 2.08
C THR B 157 -30.40 -31.68 2.38
N ASN B 158 -31.00 -31.03 3.38
CA ASN B 158 -32.42 -31.22 3.62
C ASN B 158 -33.23 -31.08 2.33
N ALA B 159 -32.98 -30.03 1.56
CA ALA B 159 -33.67 -29.85 0.27
C ALA B 159 -33.43 -31.07 -0.63
N SER B 160 -32.17 -31.53 -0.67
CA SER B 160 -31.87 -32.66 -1.53
C SER B 160 -32.62 -33.89 -1.13
N LEU B 161 -32.73 -34.10 0.17
CA LEU B 161 -33.49 -35.20 0.76
C LEU B 161 -34.98 -35.11 0.38
N ALA B 162 -35.54 -33.92 0.46
CA ALA B 162 -36.92 -33.73 0.05
C ALA B 162 -37.13 -33.92 -1.46
N ASP B 163 -36.14 -33.55 -2.32
CA ASP B 163 -36.27 -33.83 -3.77
C ASP B 163 -36.41 -35.34 -4.08
N LEU B 164 -35.49 -36.14 -3.56
CA LEU B 164 -35.54 -37.60 -3.76
C LEU B 164 -36.84 -38.24 -3.29
N ILE B 165 -37.51 -37.61 -2.32
CA ILE B 165 -38.73 -38.15 -1.75
C ILE B 165 -39.96 -37.73 -2.54
N PHE B 166 -40.01 -36.46 -2.94
CA PHE B 166 -41.22 -35.91 -3.54
C PHE B 166 -41.18 -35.71 -5.04
N THR B 167 -40.04 -35.95 -5.68
CA THR B 167 -39.84 -35.42 -7.03
C THR B 167 -39.38 -36.49 -7.99
N ASP B 168 -40.11 -36.64 -9.09
CA ASP B 168 -39.80 -37.71 -10.05
C ASP B 168 -38.42 -37.51 -10.70
N VAL B 169 -37.88 -38.58 -11.26
CA VAL B 169 -36.51 -38.46 -11.73
C VAL B 169 -36.36 -37.28 -12.71
N PRO B 170 -37.31 -37.11 -13.64
CA PRO B 170 -37.12 -35.97 -14.56
C PRO B 170 -37.12 -34.56 -13.93
N GLY B 171 -37.93 -34.34 -12.89
CA GLY B 171 -37.89 -33.08 -12.14
C GLY B 171 -36.58 -32.88 -11.38
N ARG B 172 -35.99 -33.99 -10.94
CA ARG B 172 -34.69 -34.02 -10.26
C ARG B 172 -33.53 -33.58 -11.17
N VAL B 173 -33.62 -34.01 -12.43
CA VAL B 173 -32.63 -33.66 -13.45
C VAL B 173 -32.76 -32.17 -13.74
N ALA B 174 -34.00 -31.71 -13.79
CA ALA B 174 -34.34 -30.31 -13.94
C ALA B 174 -33.75 -29.51 -12.78
N LYS B 175 -33.84 -30.01 -11.56
CA LYS B 175 -33.32 -29.26 -10.40
C LYS B 175 -31.82 -29.21 -10.44
N THR B 176 -31.22 -30.35 -10.75
CA THR B 176 -29.78 -30.45 -10.84
C THR B 176 -29.24 -29.43 -11.82
N LEU B 177 -29.80 -29.41 -13.02
CA LEU B 177 -29.33 -28.49 -14.06
C LEU B 177 -29.45 -27.03 -13.67
N LEU B 178 -30.45 -26.68 -12.88
CA LEU B 178 -30.60 -25.28 -12.48
C LEU B 178 -29.64 -24.92 -11.32
N GLN B 179 -29.43 -25.87 -10.42
CA GLN B 179 -28.44 -25.75 -9.35
C GLN B 179 -27.03 -25.52 -9.93
N LEU B 180 -26.60 -26.40 -10.84
CA LEU B 180 -25.37 -26.19 -11.65
C LEU B 180 -25.30 -24.84 -12.38
N ALA B 181 -26.42 -24.39 -12.94
CA ALA B 181 -26.46 -23.08 -13.60
C ALA B 181 -26.32 -21.91 -12.62
N ASN B 182 -26.97 -21.99 -11.46
CA ASN B 182 -26.80 -20.95 -10.46
C ASN B 182 -25.36 -20.88 -9.97
N ARG B 183 -24.68 -22.04 -9.92
CA ARG B 183 -23.30 -22.09 -9.43
CA ARG B 183 -23.31 -22.10 -9.43
C ARG B 183 -22.26 -21.69 -10.49
N PHE B 184 -22.36 -22.26 -11.70
CA PHE B 184 -21.34 -22.05 -12.73
C PHE B 184 -21.76 -21.35 -14.01
N GLY B 185 -23.05 -21.02 -14.11
CA GLY B 185 -23.61 -20.45 -15.32
C GLY B 185 -22.95 -19.16 -15.72
N THR B 186 -22.62 -19.05 -17.00
CA THR B 186 -21.94 -17.89 -17.52
C THR B 186 -22.74 -17.31 -18.67
N GLN B 187 -22.61 -16.01 -18.86
CA GLN B 187 -23.37 -15.35 -19.90
C GLN B 187 -22.84 -15.63 -21.31
N GLU B 188 -23.76 -16.01 -22.18
CA GLU B 188 -23.49 -16.28 -23.57
C GLU B 188 -24.79 -16.04 -24.32
N ALA B 189 -24.87 -14.86 -24.95
CA ALA B 189 -26.09 -14.37 -25.59
C ALA B 189 -27.27 -14.30 -24.58
N GLY B 190 -28.44 -14.79 -24.97
CA GLY B 190 -29.63 -14.76 -24.11
C GLY B 190 -29.88 -16.13 -23.50
N ALA B 191 -28.80 -16.73 -22.99
CA ALA B 191 -28.82 -18.06 -22.39
C ALA B 191 -27.64 -18.22 -21.44
N LEU B 192 -27.70 -19.28 -20.64
CA LEU B 192 -26.65 -19.48 -19.66
C LEU B 192 -25.79 -20.67 -20.01
N ARG B 193 -24.47 -20.44 -19.97
CA ARG B 193 -23.45 -21.42 -20.31
C ARG B 193 -22.98 -22.16 -19.09
N VAL B 194 -23.15 -23.46 -19.07
CA VAL B 194 -22.80 -24.22 -17.87
C VAL B 194 -21.71 -25.23 -18.17
N ASN B 195 -20.47 -24.83 -17.91
CA ASN B 195 -19.34 -25.71 -18.11
C ASN B 195 -19.15 -26.65 -16.92
N HIS B 196 -20.06 -27.61 -16.74
CA HIS B 196 -20.01 -28.45 -15.56
C HIS B 196 -18.82 -29.43 -15.57
N ASP B 197 -18.31 -29.74 -16.76
CA ASP B 197 -17.11 -30.56 -16.89
C ASP B 197 -17.27 -32.01 -16.39
N LEU B 198 -18.52 -32.45 -16.25
CA LEU B 198 -18.82 -33.82 -15.83
C LEU B 198 -19.24 -34.65 -17.00
N THR B 199 -18.93 -35.94 -16.92
CA THR B 199 -19.38 -36.95 -17.88
C THR B 199 -20.85 -37.20 -17.62
N GLN B 200 -21.56 -37.79 -18.60
CA GLN B 200 -23.01 -38.04 -18.42
C GLN B 200 -23.27 -38.97 -17.23
N GLU B 201 -22.28 -39.80 -16.90
CA GLU B 201 -22.42 -40.75 -15.82
C GLU B 201 -22.39 -39.98 -14.50
N GLU B 202 -21.40 -39.11 -14.36
CA GLU B 202 -21.29 -38.21 -13.20
C GLU B 202 -22.57 -37.34 -13.04
N ILE B 203 -23.14 -36.89 -14.16
CA ILE B 203 -24.41 -36.16 -14.12
C ILE B 203 -25.50 -37.02 -13.45
N ALA B 204 -25.74 -38.21 -13.99
CA ALA B 204 -26.55 -39.23 -13.34
C ALA B 204 -26.21 -39.47 -11.85
N GLN B 205 -24.93 -39.54 -11.48
CA GLN B 205 -24.56 -39.73 -10.08
C GLN B 205 -24.74 -38.47 -9.20
N LEU B 206 -24.76 -37.29 -9.84
CA LEU B 206 -25.15 -36.02 -9.22
C LEU B 206 -26.67 -35.94 -8.97
N VAL B 207 -27.45 -36.29 -10.00
CA VAL B 207 -28.91 -36.44 -9.89
C VAL B 207 -29.21 -37.55 -8.88
N GLY B 208 -28.41 -38.60 -8.92
CA GLY B 208 -28.55 -39.73 -8.01
C GLY B 208 -29.53 -40.80 -8.46
N ALA B 209 -29.43 -41.22 -9.72
CA ALA B 209 -30.47 -42.02 -10.33
C ALA B 209 -29.84 -42.87 -11.43
N SER B 210 -30.66 -43.68 -12.11
CA SER B 210 -30.19 -44.52 -13.22
C SER B 210 -29.72 -43.63 -14.38
N ARG B 211 -28.56 -43.99 -14.94
CA ARG B 211 -28.03 -43.38 -16.16
C ARG B 211 -29.07 -43.33 -17.30
N GLU B 212 -30.01 -44.27 -17.30
CA GLU B 212 -30.99 -44.43 -18.36
C GLU B 212 -32.02 -43.32 -18.27
N THR B 213 -32.67 -43.23 -17.12
CA THR B 213 -33.72 -42.22 -16.92
C THR B 213 -33.16 -40.83 -16.94
N VAL B 214 -31.93 -40.67 -16.49
CA VAL B 214 -31.27 -39.38 -16.52
C VAL B 214 -30.86 -39.00 -17.96
N ASN B 215 -30.22 -39.93 -18.70
CA ASN B 215 -29.92 -39.66 -20.11
C ASN B 215 -31.20 -39.39 -20.91
N LYS B 216 -32.25 -40.13 -20.58
CA LYS B 216 -33.60 -39.91 -21.13
C LYS B 216 -34.21 -38.53 -20.82
N ALA B 217 -34.15 -38.09 -19.56
CA ALA B 217 -34.71 -36.77 -19.25
C ALA B 217 -33.85 -35.70 -19.89
N LEU B 218 -32.53 -35.94 -19.95
CA LEU B 218 -31.62 -35.01 -20.63
C LEU B 218 -31.89 -34.88 -22.14
N ALA B 219 -32.16 -36.01 -22.81
CA ALA B 219 -32.44 -35.99 -24.25
C ALA B 219 -33.78 -35.28 -24.52
N THR B 220 -34.71 -35.40 -23.59
CA THR B 220 -35.98 -34.69 -23.70
C THR B 220 -35.78 -33.17 -23.63
N PHE B 221 -34.89 -32.74 -22.76
CA PHE B 221 -34.72 -31.30 -22.53
C PHE B 221 -33.98 -30.54 -23.66
N ALA B 222 -32.93 -31.17 -24.19
CA ALA B 222 -32.29 -30.72 -25.46
C ALA B 222 -33.22 -30.87 -26.66
N HIS B 223 -34.03 -31.94 -26.65
CA HIS B 223 -35.02 -32.11 -27.70
C HIS B 223 -35.96 -30.91 -27.78
N ARG B 224 -36.96 -30.84 -26.91
CA ARG B 224 -37.73 -29.60 -26.85
C ARG B 224 -36.79 -28.51 -26.34
N GLY B 225 -36.32 -27.66 -27.25
CA GLY B 225 -35.37 -26.59 -26.97
C GLY B 225 -35.58 -25.93 -25.62
N TRP B 226 -34.78 -26.36 -24.64
CA TRP B 226 -34.80 -25.84 -23.27
C TRP B 226 -33.33 -25.74 -22.86
N ILE B 227 -32.61 -26.82 -23.15
CA ILE B 227 -31.16 -26.88 -23.06
C ILE B 227 -30.68 -27.53 -24.35
N ARG B 228 -29.37 -27.47 -24.62
CA ARG B 228 -28.77 -28.35 -25.62
C ARG B 228 -27.44 -28.93 -25.12
N LEU B 229 -27.46 -30.23 -24.84
CA LEU B 229 -26.27 -31.00 -24.47
C LEU B 229 -25.20 -30.81 -25.55
N GLU B 230 -23.93 -30.74 -25.13
CA GLU B 230 -22.82 -30.52 -26.06
C GLU B 230 -21.68 -31.48 -25.86
N GLY B 231 -21.00 -31.37 -24.71
CA GLY B 231 -20.01 -32.34 -24.29
C GLY B 231 -20.09 -32.41 -22.78
N LYS B 232 -19.03 -31.94 -22.12
CA LYS B 232 -19.00 -31.79 -20.66
C LYS B 232 -19.56 -30.41 -20.24
N SER B 233 -20.50 -29.92 -21.02
CA SER B 233 -21.07 -28.61 -20.87
C SER B 233 -22.51 -28.66 -21.36
N VAL B 234 -23.36 -27.79 -20.79
CA VAL B 234 -24.74 -27.55 -21.25
C VAL B 234 -25.03 -26.06 -21.43
N LEU B 235 -25.91 -25.77 -22.39
CA LEU B 235 -26.40 -24.41 -22.60
C LEU B 235 -27.78 -24.36 -22.02
N ILE B 236 -28.03 -23.44 -21.12
CA ILE B 236 -29.38 -23.37 -20.57
C ILE B 236 -30.12 -22.23 -21.21
N VAL B 237 -31.07 -22.58 -22.09
CA VAL B 237 -31.73 -21.56 -22.95
C VAL B 237 -33.00 -20.93 -22.36
N ASP B 238 -33.95 -21.74 -21.90
CA ASP B 238 -35.00 -21.14 -21.08
C ASP B 238 -35.20 -21.81 -19.71
N THR B 239 -34.77 -21.06 -18.70
CA THR B 239 -34.93 -21.43 -17.31
C THR B 239 -36.38 -21.75 -16.94
N GLU B 240 -37.32 -20.92 -17.45
CA GLU B 240 -38.73 -20.94 -17.03
C GLU B 240 -39.35 -22.33 -17.20
N HIS B 241 -39.26 -22.87 -18.40
CA HIS B 241 -39.76 -24.21 -18.68
C HIS B 241 -39.17 -25.24 -17.71
N LEU B 242 -37.84 -25.27 -17.64
CA LEU B 242 -37.11 -26.16 -16.76
C LEU B 242 -37.51 -26.00 -15.26
N ALA B 243 -37.69 -24.76 -14.81
CA ALA B 243 -38.12 -24.48 -13.43
C ALA B 243 -39.52 -25.07 -13.15
N ARG B 244 -40.47 -24.77 -14.03
CA ARG B 244 -41.83 -25.33 -13.97
C ARG B 244 -41.80 -26.84 -13.83
N ARG B 245 -41.02 -27.49 -14.69
CA ARG B 245 -40.90 -28.94 -14.71
C ARG B 245 -40.30 -29.46 -13.38
N ALA B 246 -39.79 -28.55 -12.56
CA ALA B 246 -39.18 -28.97 -11.29
C ALA B 246 -39.95 -28.50 -10.05
N ARG B 247 -40.55 -29.46 -9.33
CA ARG B 247 -41.05 -29.23 -7.96
C ARG B 247 -41.48 -30.53 -7.30
N GLY C 23 -8.97 28.78 17.95
CA GLY C 23 -8.27 27.49 17.66
C GLY C 23 -8.82 26.84 16.40
N VAL C 24 -9.18 27.69 15.44
CA VAL C 24 -9.82 27.26 14.21
C VAL C 24 -8.89 26.61 13.16
N GLN C 25 -7.63 27.08 13.12
CA GLN C 25 -6.69 26.75 12.03
C GLN C 25 -6.39 25.25 11.90
N GLU C 26 -6.25 24.59 13.03
CA GLU C 26 -5.85 23.21 13.13
C GLU C 26 -7.00 22.27 12.75
N ILE C 27 -8.21 22.66 13.14
CA ILE C 27 -9.42 21.89 12.85
C ILE C 27 -9.69 21.94 11.34
N LEU C 28 -9.55 23.15 10.78
CA LEU C 28 -9.71 23.34 9.37
C LEU C 28 -8.65 22.60 8.55
N SER C 29 -7.41 22.64 9.02
CA SER C 29 -6.33 21.98 8.31
C SER C 29 -6.57 20.46 8.26
N ARG C 30 -7.50 19.98 9.06
CA ARG C 30 -7.82 18.56 9.01
C ARG C 30 -8.82 18.19 7.89
N ALA C 31 -9.32 19.18 7.15
CA ALA C 31 -10.22 18.87 6.02
C ALA C 31 -9.52 18.19 4.83
N GLY C 32 -10.27 17.32 4.15
CA GLY C 32 -9.76 16.57 2.99
C GLY C 32 -9.07 17.41 1.91
N ILE C 33 -9.62 18.59 1.66
CA ILE C 33 -9.12 19.49 0.63
C ILE C 33 -7.65 19.87 0.87
N PHE C 34 -7.18 19.73 2.11
CA PHE C 34 -5.82 20.16 2.44
C PHE C 34 -4.87 19.00 2.71
N GLN C 35 -5.38 17.77 2.68
CA GLN C 35 -4.55 16.64 3.08
C GLN C 35 -3.31 16.49 2.20
N GLY C 36 -2.14 16.47 2.88
CA GLY C 36 -0.82 16.36 2.25
C GLY C 36 -0.37 17.68 1.67
N VAL C 37 -1.23 18.69 1.75
CA VAL C 37 -0.92 19.98 1.15
C VAL C 37 -0.07 20.72 2.17
N ASP C 38 0.78 21.62 1.69
CA ASP C 38 1.78 22.24 2.56
C ASP C 38 1.13 22.99 3.74
N PRO C 39 1.64 22.81 4.98
CA PRO C 39 0.98 23.48 6.11
C PRO C 39 0.95 25.00 5.98
N THR C 40 2.01 25.60 5.41
CA THR C 40 2.07 27.07 5.26
C THR C 40 1.21 27.54 4.10
N ALA C 41 1.12 26.77 3.02
CA ALA C 41 0.14 27.09 1.97
C ALA C 41 -1.28 26.88 2.52
N VAL C 42 -1.46 25.85 3.36
CA VAL C 42 -2.72 25.59 4.06
C VAL C 42 -3.04 26.76 5.00
N ASN C 43 -2.04 27.19 5.77
CA ASN C 43 -2.18 28.29 6.73
C ASN C 43 -2.52 29.57 6.02
N ASN C 44 -1.91 29.78 4.87
CA ASN C 44 -2.15 31.00 4.13
C ASN C 44 -3.53 31.02 3.52
N LEU C 45 -3.96 29.86 3.03
CA LEU C 45 -5.27 29.74 2.41
C LEU C 45 -6.43 29.82 3.40
N ILE C 46 -6.31 29.17 4.57
CA ILE C 46 -7.27 29.28 5.68
C ILE C 46 -7.70 30.74 5.93
N GLN C 47 -6.77 31.68 5.81
CA GLN C 47 -7.01 33.07 6.23
C GLN C 47 -7.89 33.89 5.27
N ASP C 48 -7.97 33.47 4.00
CA ASP C 48 -8.95 34.05 3.06
C ASP C 48 -10.36 33.50 3.27
N MET C 49 -10.52 32.53 4.16
CA MET C 49 -11.83 31.93 4.40
C MET C 49 -12.62 32.84 5.32
N GLU C 50 -13.91 32.99 5.05
CA GLU C 50 -14.77 33.84 5.91
C GLU C 50 -15.68 33.03 6.80
N THR C 51 -15.71 33.37 8.08
CA THR C 51 -16.52 32.64 9.07
C THR C 51 -18.00 33.06 9.11
N VAL C 52 -18.85 32.19 9.61
CA VAL C 52 -20.29 32.37 9.91
C VAL C 52 -20.65 31.49 11.13
N ARG C 53 -21.65 31.93 11.89
CA ARG C 53 -22.20 31.14 12.97
C ARG C 53 -23.72 31.00 12.84
N PHE C 54 -24.25 29.80 13.18
CA PHE C 54 -25.67 29.55 13.12
C PHE C 54 -26.20 28.95 14.43
N PRO C 55 -27.36 29.42 14.91
CA PRO C 55 -28.02 28.75 16.03
C PRO C 55 -28.57 27.32 15.67
N ARG C 56 -28.73 26.49 16.69
CA ARG C 56 -29.39 25.18 16.60
C ARG C 56 -30.70 25.26 15.82
N GLY C 57 -30.91 24.29 14.91
CA GLY C 57 -32.13 24.20 14.11
C GLY C 57 -32.22 25.10 12.88
N ALA C 58 -31.26 26.00 12.70
CA ALA C 58 -31.26 26.84 11.48
C ALA C 58 -30.98 26.07 10.18
N THR C 59 -31.66 26.46 9.12
CA THR C 59 -31.33 26.08 7.77
C THR C 59 -30.23 26.97 7.20
N ILE C 60 -29.09 26.37 6.84
CA ILE C 60 -28.08 27.13 6.16
C ILE C 60 -28.54 27.32 4.72
N PHE C 61 -29.05 26.25 4.08
CA PHE C 61 -29.61 26.42 2.73
C PHE C 61 -30.52 25.26 2.43
N ASP C 62 -31.40 25.44 1.45
CA ASP C 62 -32.44 24.49 1.15
C ASP C 62 -32.16 23.78 -0.18
N GLU C 63 -32.61 22.53 -0.28
CA GLU C 63 -32.52 21.80 -1.52
C GLU C 63 -33.21 22.65 -2.58
N GLY C 64 -32.64 22.74 -3.78
CA GLY C 64 -33.18 23.55 -4.86
C GLY C 64 -32.69 25.01 -4.87
N GLU C 65 -32.20 25.49 -3.73
CA GLU C 65 -31.61 26.86 -3.64
C GLU C 65 -30.38 26.89 -4.59
N PRO C 66 -30.14 28.00 -5.30
CA PRO C 66 -28.88 28.01 -6.04
C PRO C 66 -27.78 28.44 -5.07
N GLY C 67 -26.69 27.69 -5.06
CA GLY C 67 -25.61 27.96 -4.13
C GLY C 67 -24.35 28.50 -4.78
N ASP C 68 -23.58 29.22 -3.98
CA ASP C 68 -22.35 29.78 -4.40
C ASP C 68 -21.30 29.72 -3.32
N ARG C 69 -21.60 28.97 -2.28
CA ARG C 69 -20.81 29.07 -1.09
C ARG C 69 -20.39 27.67 -0.62
N LEU C 70 -19.13 27.58 -0.23
CA LEU C 70 -18.57 26.38 0.32
C LEU C 70 -18.45 26.50 1.84
N TYR C 71 -18.65 25.42 2.59
CA TYR C 71 -18.49 25.47 4.05
C TYR C 71 -17.54 24.40 4.55
N ILE C 72 -16.76 24.74 5.58
CA ILE C 72 -16.05 23.73 6.34
C ILE C 72 -16.39 24.00 7.79
N ILE C 73 -17.00 23.01 8.45
CA ILE C 73 -17.44 23.14 9.81
C ILE C 73 -16.21 23.19 10.70
N THR C 74 -16.21 24.10 11.65
CA THR C 74 -15.15 24.17 12.62
C THR C 74 -15.71 23.68 13.94
N SER C 75 -17.01 23.87 14.15
CA SER C 75 -17.64 23.33 15.32
C SER C 75 -19.13 23.04 15.18
N GLY C 76 -19.57 21.91 15.76
CA GLY C 76 -20.97 21.51 15.80
C GLY C 76 -21.36 20.57 14.68
N LYS C 77 -22.66 20.32 14.54
CA LYS C 77 -23.13 19.29 13.60
C LYS C 77 -24.15 19.77 12.57
N VAL C 78 -24.01 19.27 11.33
CA VAL C 78 -24.91 19.57 10.23
C VAL C 78 -25.42 18.29 9.54
N LYS C 79 -26.73 18.23 9.32
CA LYS C 79 -27.36 17.13 8.64
C LYS C 79 -27.75 17.65 7.29
N LEU C 80 -27.70 16.78 6.30
CA LEU C 80 -28.03 17.16 4.92
C LEU C 80 -29.19 16.33 4.49
N ALA C 81 -30.28 17.00 4.15
CA ALA C 81 -31.57 16.35 4.03
C ALA C 81 -32.09 16.45 2.62
N ARG C 82 -32.83 15.44 2.16
CA ARG C 82 -33.61 15.56 0.93
C ARG C 82 -35.11 15.48 1.22
N HIS C 83 -35.89 15.97 0.26
CA HIS C 83 -37.31 16.21 0.44
C HIS C 83 -38.19 15.63 -0.68
N ALA C 84 -39.11 14.77 -0.29
CA ALA C 84 -40.17 14.28 -1.16
C ALA C 84 -41.26 15.34 -1.21
N PRO C 85 -41.95 15.50 -2.36
CA PRO C 85 -43.08 16.42 -2.52
C PRO C 85 -44.13 16.35 -1.39
N ASP C 86 -44.42 15.15 -0.89
CA ASP C 86 -45.39 14.98 0.19
C ASP C 86 -44.81 15.35 1.54
N GLY C 87 -43.55 15.74 1.55
CA GLY C 87 -42.95 16.31 2.77
C GLY C 87 -41.94 15.47 3.52
N ARG C 88 -41.91 14.16 3.30
CA ARG C 88 -41.03 13.31 4.08
C ARG C 88 -39.55 13.58 3.78
N GLU C 89 -38.68 13.20 4.72
CA GLU C 89 -37.28 13.58 4.69
C GLU C 89 -36.34 12.39 4.84
N ASN C 90 -35.19 12.51 4.20
CA ASN C 90 -34.12 11.53 4.34
C ASN C 90 -32.81 12.25 4.54
N LEU C 91 -31.93 11.69 5.36
CA LEU C 91 -30.70 12.35 5.66
C LEU C 91 -29.56 11.64 4.96
N LEU C 92 -28.79 12.37 4.15
CA LEU C 92 -27.73 11.74 3.39
C LEU C 92 -26.59 11.32 4.29
N THR C 93 -26.31 12.12 5.32
CA THR C 93 -25.14 11.96 6.20
C THR C 93 -25.17 13.07 7.27
N ILE C 94 -24.34 12.92 8.29
CA ILE C 94 -24.16 13.95 9.32
C ILE C 94 -22.69 14.40 9.37
N MET C 95 -22.50 15.71 9.28
CA MET C 95 -21.18 16.32 9.17
C MET C 95 -20.83 17.07 10.42
N GLY C 96 -19.56 16.94 10.82
CA GLY C 96 -19.03 17.66 11.95
C GLY C 96 -17.77 18.44 11.61
N PRO C 97 -16.99 18.82 12.65
CA PRO C 97 -15.79 19.62 12.47
C PRO C 97 -14.84 19.03 11.44
N SER C 98 -14.40 19.86 10.49
CA SER C 98 -13.50 19.41 9.40
C SER C 98 -14.21 18.99 8.12
N ASP C 99 -15.46 18.57 8.20
CA ASP C 99 -16.23 18.17 7.00
C ASP C 99 -16.54 19.39 6.14
N MET C 100 -16.64 19.15 4.84
CA MET C 100 -16.82 20.19 3.82
C MET C 100 -18.13 19.90 3.05
N PHE C 101 -19.02 20.89 2.93
CA PHE C 101 -20.18 20.76 2.10
C PHE C 101 -20.45 22.01 1.28
N GLY C 102 -21.24 21.83 0.24
CA GLY C 102 -21.57 22.90 -0.69
C GLY C 102 -20.70 22.97 -1.93
N GLU C 103 -19.78 22.01 -2.10
CA GLU C 103 -18.90 22.00 -3.28
C GLU C 103 -19.64 21.68 -4.61
N LEU C 104 -20.67 20.83 -4.51
CA LEU C 104 -21.35 20.32 -5.68
C LEU C 104 -21.90 21.42 -6.58
N SER C 105 -22.49 22.44 -5.96
CA SER C 105 -23.07 23.55 -6.70
C SER C 105 -22.08 24.48 -7.35
N ILE C 106 -20.87 24.51 -6.79
CA ILE C 106 -19.77 25.25 -7.32
C ILE C 106 -19.19 24.55 -8.57
N PHE C 107 -18.82 23.28 -8.47
CA PHE C 107 -18.23 22.59 -9.64
C PHE C 107 -19.25 22.22 -10.74
N ASP C 108 -20.49 21.88 -10.36
CA ASP C 108 -21.58 21.69 -11.36
C ASP C 108 -22.70 22.73 -11.15
N PRO C 109 -22.46 23.99 -11.56
CA PRO C 109 -23.46 25.02 -11.25
C PRO C 109 -24.86 24.53 -11.51
N GLY C 110 -25.72 24.74 -10.49
CA GLY C 110 -27.07 24.23 -10.45
C GLY C 110 -27.50 24.26 -9.00
N PRO C 111 -28.72 23.77 -8.72
CA PRO C 111 -29.30 24.00 -7.39
C PRO C 111 -28.61 23.14 -6.34
N ARG C 112 -28.89 23.41 -5.07
CA ARG C 112 -28.38 22.60 -3.98
C ARG C 112 -28.96 21.21 -4.03
N THR C 113 -28.10 20.21 -3.89
CA THR C 113 -28.58 18.81 -3.98
C THR C 113 -29.16 18.33 -2.67
N SER C 114 -29.10 19.18 -1.65
CA SER C 114 -29.77 18.89 -0.38
C SER C 114 -29.90 20.20 0.42
N SER C 115 -30.62 20.11 1.55
CA SER C 115 -30.62 21.18 2.53
C SER C 115 -29.39 20.95 3.39
N ALA C 116 -28.95 22.01 4.07
CA ALA C 116 -28.02 21.89 5.20
C ALA C 116 -28.65 22.50 6.48
N VAL C 117 -28.81 21.70 7.53
CA VAL C 117 -29.55 22.13 8.73
C VAL C 117 -28.73 21.92 9.99
N CYS C 118 -28.77 22.89 10.91
CA CYS C 118 -27.91 22.82 12.09
C CYS C 118 -28.53 21.98 13.20
N VAL C 119 -27.95 20.80 13.39
CA VAL C 119 -28.32 19.96 14.50
C VAL C 119 -27.93 20.64 15.80
N THR C 120 -26.68 21.06 15.94
CA THR C 120 -26.32 21.80 17.13
C THR C 120 -26.07 23.21 16.65
N GLU C 121 -25.63 24.07 17.56
CA GLU C 121 -25.10 25.36 17.18
C GLU C 121 -23.92 25.05 16.27
N VAL C 122 -23.82 25.77 15.16
CA VAL C 122 -22.75 25.49 14.21
C VAL C 122 -21.88 26.71 13.93
N HIS C 123 -20.56 26.54 14.02
CA HIS C 123 -19.60 27.51 13.49
C HIS C 123 -18.97 26.88 12.22
N ALA C 124 -18.69 27.73 11.22
CA ALA C 124 -18.08 27.28 9.97
C ALA C 124 -17.23 28.35 9.27
N ALA C 125 -16.21 27.92 8.54
CA ALA C 125 -15.44 28.77 7.64
C ALA C 125 -16.00 28.61 6.22
N THR C 126 -16.06 29.69 5.44
CA THR C 126 -16.66 29.60 4.13
C THR C 126 -15.87 30.36 3.09
N MET C 127 -16.15 30.05 1.82
CA MET C 127 -15.62 30.81 0.70
C MET C 127 -16.61 30.69 -0.42
N ASN C 128 -16.61 31.68 -1.30
CA ASN C 128 -17.48 31.59 -2.44
C ASN C 128 -16.76 30.94 -3.63
N SER C 129 -17.39 30.88 -4.78
CA SER C 129 -16.90 29.99 -5.80
C SER C 129 -15.73 30.58 -6.55
N ASP C 130 -15.70 31.89 -6.68
CA ASP C 130 -14.57 32.58 -7.29
C ASP C 130 -13.29 32.35 -6.47
N MET C 131 -13.38 32.37 -5.15
CA MET C 131 -12.17 32.08 -4.36
C MET C 131 -11.72 30.62 -4.51
N LEU C 132 -12.65 29.71 -4.71
CA LEU C 132 -12.30 28.31 -4.80
C LEU C 132 -11.70 27.96 -6.17
N ARG C 133 -12.25 28.55 -7.23
CA ARG C 133 -11.73 28.39 -8.58
C ARG C 133 -10.29 28.85 -8.58
N ASN C 134 -10.02 30.03 -8.01
CA ASN C 134 -8.67 30.51 -7.93
C ASN C 134 -7.80 29.43 -7.33
N TRP C 135 -8.17 28.97 -6.12
CA TRP C 135 -7.43 27.94 -5.40
C TRP C 135 -7.14 26.72 -6.31
N VAL C 136 -8.17 26.26 -7.03
CA VAL C 136 -8.12 25.05 -7.86
C VAL C 136 -7.17 25.32 -9.03
N ALA C 137 -7.22 26.54 -9.55
CA ALA C 137 -6.36 26.94 -10.66
C ALA C 137 -4.93 27.17 -10.16
N ASP C 138 -4.76 27.65 -8.93
CA ASP C 138 -3.40 27.99 -8.45
C ASP C 138 -2.64 26.87 -7.78
N HIS C 139 -3.38 25.89 -7.24
CA HIS C 139 -2.74 24.83 -6.50
C HIS C 139 -3.21 23.46 -6.94
N PRO C 140 -2.46 22.84 -7.88
CA PRO C 140 -2.60 21.44 -8.33
C PRO C 140 -2.90 20.46 -7.20
N ALA C 141 -2.30 20.64 -6.04
CA ALA C 141 -2.52 19.75 -4.86
C ALA C 141 -3.93 19.85 -4.24
N ILE C 142 -4.55 21.02 -4.39
CA ILE C 142 -5.85 21.27 -3.86
C ILE C 142 -6.83 20.70 -4.87
N ALA C 143 -6.59 20.99 -6.13
CA ALA C 143 -7.29 20.34 -7.24
C ALA C 143 -7.30 18.80 -7.08
N GLU C 144 -6.14 18.25 -6.81
CA GLU C 144 -5.97 16.83 -6.71
C GLU C 144 -6.80 16.34 -5.52
N GLN C 145 -6.68 17.04 -4.38
CA GLN C 145 -7.42 16.67 -3.16
C GLN C 145 -8.93 16.71 -3.32
N LEU C 146 -9.41 17.74 -3.98
CA LEU C 146 -10.83 17.90 -4.29
C LEU C 146 -11.32 16.73 -5.16
N LEU C 147 -10.66 16.48 -6.30
CA LEU C 147 -10.90 15.27 -7.10
C LEU C 147 -10.96 13.99 -6.23
N ARG C 148 -10.01 13.84 -5.32
CA ARG C 148 -10.00 12.68 -4.43
C ARG C 148 -11.25 12.73 -3.54
N VAL C 149 -11.60 13.90 -3.00
CA VAL C 149 -12.78 14.00 -2.18
C VAL C 149 -14.05 13.63 -2.96
N LEU C 150 -14.26 14.14 -4.17
CA LEU C 150 -15.49 13.81 -4.92
C LEU C 150 -15.54 12.32 -5.32
N ALA C 151 -14.38 11.80 -5.73
CA ALA C 151 -14.23 10.40 -6.12
C ALA C 151 -14.57 9.46 -5.01
N ARG C 152 -14.04 9.72 -3.82
CA ARG C 152 -14.37 8.95 -2.61
C ARG C 152 -15.87 9.14 -2.19
N ARG C 153 -16.46 10.30 -2.46
CA ARG C 153 -17.90 10.46 -2.17
C ARG C 153 -18.77 9.63 -3.12
N LEU C 154 -18.34 9.51 -4.37
CA LEU C 154 -18.96 8.61 -5.32
C LEU C 154 -18.91 7.14 -4.88
N ARG C 155 -17.69 6.66 -4.60
CA ARG C 155 -17.48 5.34 -4.05
C ARG C 155 -18.43 5.11 -2.85
N ARG C 156 -18.55 6.10 -1.94
CA ARG C 156 -19.40 5.94 -0.73
C ARG C 156 -20.91 5.94 -1.02
N THR C 157 -21.32 6.80 -1.90
CA THR C 157 -22.71 6.89 -2.24
C THR C 157 -23.15 5.61 -2.96
N ASN C 158 -22.30 5.09 -3.86
CA ASN C 158 -22.60 3.86 -4.57
C ASN C 158 -22.96 2.81 -3.54
N ALA C 159 -22.19 2.75 -2.45
CA ALA C 159 -22.29 1.69 -1.45
C ALA C 159 -23.61 1.83 -0.68
N SER C 160 -23.93 3.08 -0.28
CA SER C 160 -25.25 3.46 0.26
C SER C 160 -26.39 3.02 -0.60
N LEU C 161 -26.30 3.31 -1.89
CA LEU C 161 -27.35 2.94 -2.81
C LEU C 161 -27.49 1.43 -2.90
N ALA C 162 -26.37 0.70 -2.85
CA ALA C 162 -26.38 -0.77 -2.84
C ALA C 162 -26.98 -1.34 -1.56
N ASP C 163 -26.64 -0.73 -0.44
CA ASP C 163 -27.17 -1.09 0.87
C ASP C 163 -28.72 -0.98 0.87
N LEU C 164 -29.26 0.09 0.30
CA LEU C 164 -30.69 0.22 0.17
C LEU C 164 -31.33 -0.98 -0.53
N ILE C 165 -30.70 -1.46 -1.59
CA ILE C 165 -31.26 -2.54 -2.41
C ILE C 165 -31.02 -3.89 -1.76
N PHE C 166 -29.86 -4.06 -1.12
CA PHE C 166 -29.40 -5.40 -0.76
C PHE C 166 -29.24 -5.64 0.72
N THR C 167 -29.19 -4.59 1.52
CA THR C 167 -29.11 -4.84 2.97
C THR C 167 -30.50 -4.77 3.60
N ASP C 168 -30.74 -5.66 4.57
CA ASP C 168 -31.95 -5.62 5.38
C ASP C 168 -31.92 -4.41 6.30
N VAL C 169 -33.11 -4.00 6.77
CA VAL C 169 -33.21 -2.80 7.58
C VAL C 169 -32.27 -2.82 8.81
N PRO C 170 -32.29 -3.92 9.61
CA PRO C 170 -31.44 -3.80 10.81
C PRO C 170 -29.95 -3.74 10.45
N GLY C 171 -29.56 -4.35 9.32
CA GLY C 171 -28.16 -4.25 8.86
C GLY C 171 -27.77 -2.80 8.57
N ARG C 172 -28.73 -2.03 8.08
CA ARG C 172 -28.50 -0.65 7.74
C ARG C 172 -28.34 0.20 9.01
N VAL C 173 -29.20 -0.08 10.00
CA VAL C 173 -29.12 0.58 11.30
C VAL C 173 -27.73 0.36 11.86
N ALA C 174 -27.29 -0.90 11.85
CA ALA C 174 -25.94 -1.25 12.33
C ALA C 174 -24.89 -0.41 11.63
N LYS C 175 -25.00 -0.31 10.31
CA LYS C 175 -24.07 0.48 9.49
C LYS C 175 -24.12 1.96 9.84
N THR C 176 -25.32 2.51 9.98
CA THR C 176 -25.54 3.90 10.31
C THR C 176 -24.97 4.25 11.70
N LEU C 177 -25.19 3.36 12.67
CA LEU C 177 -24.58 3.54 13.98
C LEU C 177 -23.07 3.56 13.91
N LEU C 178 -22.46 2.65 13.15
CA LEU C 178 -20.98 2.58 13.20
C LEU C 178 -20.37 3.78 12.49
N GLN C 179 -20.98 4.20 11.37
CA GLN C 179 -20.66 5.45 10.70
C GLN C 179 -20.74 6.64 11.67
N LEU C 180 -21.72 6.63 12.55
CA LEU C 180 -21.81 7.72 13.51
C LEU C 180 -20.64 7.60 14.49
N ALA C 181 -20.39 6.34 14.91
CA ALA C 181 -19.30 6.06 15.84
C ALA C 181 -17.95 6.33 15.19
N ASN C 182 -17.82 5.99 13.91
CA ASN C 182 -16.57 6.28 13.17
C ASN C 182 -16.30 7.79 13.08
N ARG C 183 -17.36 8.58 13.19
CA ARG C 183 -17.28 10.00 12.97
C ARG C 183 -17.20 10.74 14.30
N PHE C 184 -18.06 10.39 15.26
CA PHE C 184 -18.22 11.18 16.49
C PHE C 184 -17.97 10.36 17.75
N GLY C 185 -17.37 9.20 17.58
CA GLY C 185 -17.13 8.29 18.70
C GLY C 185 -16.00 8.70 19.62
N THR C 186 -16.24 8.63 20.92
CA THR C 186 -15.21 9.00 21.88
C THR C 186 -15.09 7.88 22.92
N GLN C 187 -13.86 7.41 23.16
CA GLN C 187 -13.68 6.31 24.14
C GLN C 187 -14.30 6.65 25.49
N GLU C 188 -14.91 5.65 26.11
CA GLU C 188 -15.57 5.79 27.41
C GLU C 188 -15.81 4.41 28.02
N ALA C 189 -15.21 4.13 29.19
CA ALA C 189 -15.42 2.87 29.90
C ALA C 189 -15.03 1.64 29.06
N GLY C 190 -14.03 1.80 28.19
CA GLY C 190 -13.67 0.75 27.23
C GLY C 190 -14.66 0.60 26.06
N ALA C 191 -15.70 1.45 26.07
CA ALA C 191 -16.80 1.37 25.09
C ALA C 191 -16.97 2.70 24.35
N LEU C 192 -17.54 2.65 23.14
CA LEU C 192 -17.69 3.86 22.31
C LEU C 192 -18.90 4.74 22.66
N ARG C 193 -18.60 5.97 23.07
CA ARG C 193 -19.63 6.97 23.40
C ARG C 193 -19.87 7.81 22.16
N VAL C 194 -21.13 7.86 21.75
CA VAL C 194 -21.50 8.47 20.47
C VAL C 194 -22.60 9.48 20.65
N ASN C 195 -22.20 10.73 20.88
CA ASN C 195 -23.17 11.82 21.08
C ASN C 195 -23.59 12.43 19.76
N HIS C 196 -24.48 11.72 19.08
CA HIS C 196 -24.85 12.12 17.74
C HIS C 196 -25.77 13.36 17.68
N ASP C 197 -26.62 13.56 18.69
CA ASP C 197 -27.47 14.77 18.82
C ASP C 197 -28.81 14.69 18.02
N LEU C 198 -29.13 13.47 17.58
CA LEU C 198 -30.27 13.22 16.71
C LEU C 198 -31.47 12.65 17.46
N THR C 199 -32.63 13.02 16.94
CA THR C 199 -33.93 12.54 17.32
C THR C 199 -34.14 11.18 16.64
N GLN C 200 -34.90 10.26 17.24
CA GLN C 200 -35.12 8.92 16.63
C GLN C 200 -35.62 9.06 15.22
N GLU C 201 -36.42 10.07 14.98
CA GLU C 201 -36.92 10.33 13.64
C GLU C 201 -35.71 10.62 12.74
N GLU C 202 -34.84 11.52 13.20
CA GLU C 202 -33.66 11.88 12.44
C GLU C 202 -32.78 10.64 12.17
N ILE C 203 -32.57 9.85 13.23
CA ILE C 203 -31.86 8.59 13.12
C ILE C 203 -32.51 7.75 12.05
N ALA C 204 -33.84 7.60 12.13
CA ALA C 204 -34.50 6.76 11.15
C ALA C 204 -34.26 7.33 9.77
N GLN C 205 -34.29 8.67 9.66
CA GLN C 205 -34.17 9.35 8.38
C GLN C 205 -32.75 9.30 7.83
N LEU C 206 -31.76 9.23 8.71
CA LEU C 206 -30.40 8.90 8.30
C LEU C 206 -30.27 7.47 7.71
N VAL C 207 -30.94 6.51 8.36
CA VAL C 207 -30.98 5.12 7.93
C VAL C 207 -31.78 5.05 6.65
N GLY C 208 -32.87 5.82 6.59
CA GLY C 208 -33.71 5.90 5.39
C GLY C 208 -34.78 4.82 5.31
N ALA C 209 -35.30 4.45 6.48
CA ALA C 209 -36.39 3.50 6.59
C ALA C 209 -37.43 3.95 7.66
N SER C 210 -38.63 3.36 7.57
CA SER C 210 -39.73 3.61 8.51
C SER C 210 -39.22 3.57 9.94
N ARG C 211 -39.72 4.50 10.75
CA ARG C 211 -39.38 4.58 12.17
C ARG C 211 -39.69 3.26 12.87
N GLU C 212 -40.80 2.62 12.48
CA GLU C 212 -41.17 1.31 13.05
C GLU C 212 -39.97 0.37 12.97
N THR C 213 -39.45 0.14 11.76
CA THR C 213 -38.36 -0.82 11.54
C THR C 213 -37.07 -0.40 12.23
N VAL C 214 -36.77 0.90 12.19
CA VAL C 214 -35.53 1.38 12.81
C VAL C 214 -35.59 1.37 14.35
N ASN C 215 -36.74 1.68 14.92
CA ASN C 215 -36.90 1.56 16.38
C ASN C 215 -36.80 0.10 16.86
N LYS C 216 -37.44 -0.79 16.10
CA LYS C 216 -37.47 -2.20 16.46
C LYS C 216 -36.08 -2.83 16.42
N ALA C 217 -35.30 -2.47 15.39
CA ALA C 217 -33.90 -2.91 15.30
C ALA C 217 -32.99 -2.29 16.38
N LEU C 218 -33.30 -1.06 16.78
CA LEU C 218 -32.53 -0.44 17.86
C LEU C 218 -32.83 -1.12 19.19
N ALA C 219 -34.11 -1.42 19.43
CA ALA C 219 -34.53 -2.09 20.68
C ALA C 219 -33.88 -3.47 20.79
N THR C 220 -33.88 -4.24 19.71
CA THR C 220 -33.19 -5.52 19.67
C THR C 220 -31.74 -5.45 20.12
N PHE C 221 -30.92 -4.61 19.45
CA PHE C 221 -29.50 -4.50 19.73
C PHE C 221 -29.30 -4.13 21.17
N ALA C 222 -30.29 -3.39 21.70
CA ALA C 222 -30.31 -3.04 23.11
C ALA C 222 -30.62 -4.29 23.91
N HIS C 223 -31.77 -4.92 23.64
CA HIS C 223 -32.18 -6.13 24.38
C HIS C 223 -31.00 -7.01 24.61
N ARG C 224 -30.13 -7.08 23.59
CA ARG C 224 -28.80 -7.66 23.73
C ARG C 224 -27.96 -6.81 24.68
N GLY C 225 -26.86 -6.27 24.18
CA GLY C 225 -26.03 -5.37 24.95
C GLY C 225 -24.96 -4.83 24.05
N TRP C 226 -25.22 -4.85 22.75
CA TRP C 226 -24.36 -4.19 21.78
C TRP C 226 -24.40 -2.66 21.97
N ILE C 227 -25.62 -2.14 22.18
CA ILE C 227 -25.86 -0.71 22.31
C ILE C 227 -26.78 -0.33 23.49
N ARG C 228 -26.52 0.83 24.06
CA ARG C 228 -27.46 1.42 24.99
C ARG C 228 -27.91 2.80 24.47
N LEU C 229 -29.23 2.98 24.38
CA LEU C 229 -29.87 4.25 24.05
C LEU C 229 -29.84 5.16 25.26
N GLU C 230 -29.79 6.46 25.00
CA GLU C 230 -29.88 7.50 26.01
C GLU C 230 -30.23 8.75 25.26
N GLY C 231 -31.50 9.14 25.27
CA GLY C 231 -31.89 10.40 24.65
C GLY C 231 -31.35 10.42 23.25
N LYS C 232 -30.50 11.42 22.98
CA LYS C 232 -29.86 11.62 21.67
C LYS C 232 -28.37 11.22 21.70
N SER C 233 -28.06 10.18 22.45
CA SER C 233 -26.69 9.68 22.53
C SER C 233 -26.73 8.16 22.68
N VAL C 234 -25.80 7.48 22.00
CA VAL C 234 -25.65 6.02 22.10
C VAL C 234 -24.29 5.64 22.68
N LEU C 235 -24.29 4.65 23.57
CA LEU C 235 -23.05 3.98 23.95
C LEU C 235 -23.03 2.61 23.24
N ILE C 236 -22.03 2.44 22.39
CA ILE C 236 -21.79 1.16 21.73
C ILE C 236 -20.79 0.37 22.58
N VAL C 237 -21.23 -0.76 23.12
CA VAL C 237 -20.34 -1.51 24.00
C VAL C 237 -19.49 -2.48 23.19
N ASP C 238 -20.13 -3.45 22.51
CA ASP C 238 -19.34 -4.30 21.66
C ASP C 238 -19.55 -3.95 20.19
N THR C 239 -18.50 -3.35 19.64
CA THR C 239 -18.41 -2.93 18.26
C THR C 239 -18.30 -4.14 17.33
N GLU C 240 -17.35 -5.03 17.63
CA GLU C 240 -17.16 -6.34 16.97
C GLU C 240 -18.48 -6.87 16.38
N HIS C 241 -19.44 -7.16 17.25
CA HIS C 241 -20.75 -7.70 16.84
C HIS C 241 -21.61 -6.75 16.04
N LEU C 242 -21.57 -5.45 16.35
CA LEU C 242 -22.27 -4.49 15.52
C LEU C 242 -21.65 -4.45 14.13
N ALA C 243 -20.33 -4.35 14.08
CA ALA C 243 -19.59 -4.36 12.83
C ALA C 243 -20.00 -5.58 12.02
N ARG C 244 -20.07 -6.71 12.72
CA ARG C 244 -20.55 -7.99 12.18
C ARG C 244 -21.93 -7.90 11.54
N ARG C 245 -22.87 -7.32 12.27
CA ARG C 245 -24.24 -7.23 11.79
C ARG C 245 -24.45 -6.45 10.46
N ALA C 246 -23.49 -5.62 10.05
CA ALA C 246 -23.58 -4.83 8.79
C ALA C 246 -23.71 -5.68 7.52
N GLY D 23 14.49 12.02 42.80
CA GLY D 23 13.75 13.27 43.10
C GLY D 23 13.76 14.24 41.94
N VAL D 24 12.79 15.15 41.94
CA VAL D 24 12.52 16.03 40.80
C VAL D 24 13.79 16.71 40.29
N GLN D 25 14.65 17.10 41.22
CA GLN D 25 15.88 17.79 40.86
C GLN D 25 17.01 16.86 40.32
N GLU D 26 17.00 15.59 40.73
CA GLU D 26 17.84 14.57 40.06
C GLU D 26 17.36 14.26 38.64
N ILE D 27 16.05 14.18 38.47
CA ILE D 27 15.52 13.77 37.19
C ILE D 27 15.81 14.87 36.19
N LEU D 28 15.46 16.09 36.58
CA LEU D 28 15.78 17.27 35.81
C LEU D 28 17.25 17.36 35.47
N SER D 29 18.09 17.20 36.48
CA SER D 29 19.53 17.38 36.30
C SER D 29 20.11 16.38 35.33
N ARG D 30 19.31 15.38 34.98
CA ARG D 30 19.72 14.29 34.10
C ARG D 30 19.48 14.69 32.62
N ALA D 31 18.60 15.68 32.41
CA ALA D 31 18.22 16.11 31.06
C ALA D 31 19.43 16.58 30.28
N GLY D 32 19.43 16.25 28.99
CA GLY D 32 20.61 16.28 28.16
C GLY D 32 21.21 17.65 28.16
N ILE D 33 20.32 18.63 28.26
CA ILE D 33 20.67 20.02 28.20
C ILE D 33 21.64 20.45 29.31
N PHE D 34 21.30 20.15 30.57
CA PHE D 34 22.12 20.60 31.72
C PHE D 34 23.51 20.01 31.74
N GLN D 35 23.71 18.99 30.90
CA GLN D 35 24.83 18.09 31.03
C GLN D 35 26.23 18.68 31.11
N GLY D 36 26.45 19.83 30.49
CA GLY D 36 27.82 20.33 30.30
C GLY D 36 28.27 21.35 31.32
N VAL D 37 27.39 21.65 32.27
CA VAL D 37 27.55 22.80 33.15
C VAL D 37 27.71 22.37 34.62
N ASP D 38 28.45 23.18 35.41
CA ASP D 38 28.68 22.91 36.84
C ASP D 38 27.39 22.95 37.63
N PRO D 39 27.13 21.88 38.39
CA PRO D 39 25.97 21.67 39.26
C PRO D 39 25.49 22.91 40.06
N THR D 40 26.41 23.85 40.33
CA THR D 40 26.05 25.05 41.09
C THR D 40 24.90 25.79 40.39
N ALA D 41 25.18 26.33 39.20
CA ALA D 41 24.20 27.06 38.39
C ALA D 41 22.98 26.22 37.99
N VAL D 42 23.20 24.93 37.71
CA VAL D 42 22.14 23.96 37.35
C VAL D 42 20.85 24.11 38.19
N ASN D 43 21.03 24.20 39.50
CA ASN D 43 19.92 24.32 40.46
C ASN D 43 19.22 25.67 40.39
N ASN D 44 20.02 26.73 40.36
CA ASN D 44 19.51 28.06 40.13
C ASN D 44 18.68 28.15 38.83
N LEU D 45 18.99 27.30 37.86
CA LEU D 45 18.17 27.23 36.66
C LEU D 45 16.90 26.34 36.82
N ILE D 46 16.97 25.28 37.62
CA ILE D 46 15.74 24.60 38.06
C ILE D 46 14.76 25.63 38.63
N GLN D 47 15.28 26.58 39.41
CA GLN D 47 14.45 27.67 39.96
C GLN D 47 13.69 28.44 38.90
N ASP D 48 14.38 28.79 37.81
CA ASP D 48 13.78 29.53 36.73
C ASP D 48 12.66 28.77 36.00
N MET D 49 12.70 27.45 36.03
CA MET D 49 11.72 26.69 35.26
C MET D 49 10.42 26.64 36.05
N GLU D 50 9.30 26.59 35.36
CA GLU D 50 7.99 26.51 35.99
C GLU D 50 7.56 25.04 36.00
N THR D 51 6.99 24.61 37.13
CA THR D 51 6.48 23.28 37.38
C THR D 51 5.05 23.19 36.90
N VAL D 52 4.75 22.28 35.96
CA VAL D 52 3.38 22.10 35.52
C VAL D 52 3.01 20.64 35.61
N ARG D 53 1.72 20.39 35.75
CA ARG D 53 1.19 19.03 35.86
C ARG D 53 0.04 18.92 34.87
N PHE D 54 -0.08 17.81 34.14
CA PHE D 54 -1.27 17.58 33.27
C PHE D 54 -1.95 16.23 33.61
N PRO D 55 -3.28 16.16 33.45
CA PRO D 55 -3.90 14.85 33.60
C PRO D 55 -3.70 13.98 32.32
N ARG D 56 -3.84 12.66 32.49
CA ARG D 56 -3.85 11.67 31.39
C ARG D 56 -4.81 12.16 30.33
N GLY D 57 -4.35 12.20 29.09
CA GLY D 57 -5.16 12.67 28.00
C GLY D 57 -5.04 14.16 27.64
N ALA D 58 -4.45 14.99 28.48
CA ALA D 58 -4.31 16.43 28.11
C ALA D 58 -3.50 16.58 26.85
N THR D 59 -3.98 17.37 25.89
CA THR D 59 -3.16 17.85 24.78
C THR D 59 -2.43 19.14 25.22
N ILE D 60 -1.11 19.13 25.14
CA ILE D 60 -0.21 20.22 25.56
C ILE D 60 0.01 21.18 24.43
N PHE D 61 0.12 20.63 23.22
CA PHE D 61 0.04 21.44 22.01
C PHE D 61 -0.30 20.54 20.84
N ASP D 62 -0.86 21.13 19.81
CA ASP D 62 -1.15 20.40 18.57
C ASP D 62 -0.10 20.67 17.54
N GLU D 63 0.02 19.70 16.65
CA GLU D 63 0.75 19.86 15.39
C GLU D 63 0.19 21.06 14.64
N GLY D 64 1.05 21.98 14.22
CA GLY D 64 0.55 23.12 13.43
C GLY D 64 0.31 24.40 14.21
N GLU D 65 0.17 24.32 15.54
CA GLU D 65 0.13 25.50 16.39
C GLU D 65 1.52 26.11 16.44
N PRO D 66 1.65 27.39 16.81
CA PRO D 66 2.96 28.01 16.89
C PRO D 66 3.44 28.20 18.33
N GLY D 67 4.25 27.31 18.83
CA GLY D 67 4.67 27.48 20.19
C GLY D 67 6.03 28.09 20.28
N ASP D 68 6.52 28.16 21.48
CA ASP D 68 7.73 28.89 21.77
C ASP D 68 8.30 28.27 23.03
N ARG D 69 7.57 27.28 23.52
CA ARG D 69 7.82 26.72 24.82
C ARG D 69 8.32 25.25 24.74
N LEU D 70 9.16 24.87 25.69
CA LEU D 70 9.69 23.55 25.80
C LEU D 70 9.47 22.95 27.19
N TYR D 71 9.69 21.65 27.27
CA TYR D 71 9.29 20.90 28.42
C TYR D 71 10.29 19.82 28.65
N ILE D 72 10.62 19.65 29.91
CA ILE D 72 11.40 18.50 30.33
C ILE D 72 10.48 17.73 31.31
N ILE D 73 10.15 16.50 30.95
CA ILE D 73 9.31 15.62 31.72
C ILE D 73 10.04 15.25 32.99
N THR D 74 9.27 15.20 34.06
CA THR D 74 9.74 14.95 35.41
C THR D 74 9.09 13.64 35.87
N SER D 75 7.87 13.41 35.42
CA SER D 75 7.22 12.18 35.75
C SER D 75 6.18 11.84 34.65
N GLY D 76 6.16 10.61 34.18
CA GLY D 76 5.05 10.16 33.30
C GLY D 76 5.42 10.13 31.84
N LYS D 77 4.47 9.99 30.94
CA LYS D 77 4.84 9.80 29.54
C LYS D 77 4.01 10.66 28.62
N VAL D 78 4.65 11.10 27.53
CA VAL D 78 4.02 11.96 26.55
C VAL D 78 4.29 11.32 25.20
N LYS D 79 3.26 11.22 24.38
CA LYS D 79 3.40 10.73 22.99
C LYS D 79 3.34 11.91 22.03
N LEU D 80 4.13 11.81 20.96
CA LEU D 80 4.26 12.87 19.97
C LEU D 80 3.69 12.35 18.67
N ALA D 81 2.57 12.95 18.25
CA ALA D 81 1.84 12.46 17.09
C ALA D 81 1.86 13.47 15.97
N ARG D 82 2.10 12.96 14.78
CA ARG D 82 2.02 13.72 13.54
C ARG D 82 0.82 13.13 12.87
N HIS D 83 0.19 13.87 11.97
CA HIS D 83 -1.02 13.40 11.28
C HIS D 83 -0.70 12.78 9.93
N ALA D 84 -1.40 11.69 9.64
CA ALA D 84 -1.23 10.93 8.40
C ALA D 84 -2.37 11.35 7.45
N PRO D 85 -2.23 11.11 6.12
CA PRO D 85 -3.24 11.57 5.14
C PRO D 85 -4.62 10.88 5.29
N ASP D 86 -4.64 9.77 6.01
CA ASP D 86 -5.88 9.16 6.47
C ASP D 86 -6.30 9.80 7.81
N GLY D 87 -7.42 9.36 8.38
CA GLY D 87 -7.82 9.81 9.72
C GLY D 87 -6.82 9.42 10.82
N ARG D 88 -5.75 8.72 10.42
CA ARG D 88 -4.76 8.16 11.36
C ARG D 88 -3.55 9.07 11.63
N GLU D 89 -2.65 8.59 12.48
CA GLU D 89 -1.55 9.36 12.98
C GLU D 89 -0.40 8.39 13.15
N ASN D 90 0.83 8.90 13.12
CA ASN D 90 1.96 8.12 13.59
C ASN D 90 2.49 8.69 14.88
N LEU D 91 2.89 7.82 15.79
CA LEU D 91 3.61 8.25 16.97
C LEU D 91 5.10 8.19 16.65
N LEU D 92 5.73 9.35 16.70
CA LEU D 92 7.15 9.50 16.50
C LEU D 92 7.86 8.87 17.67
N THR D 93 7.40 9.16 18.87
CA THR D 93 8.05 8.60 20.03
C THR D 93 7.24 8.83 21.29
N ILE D 94 7.59 8.10 22.32
CA ILE D 94 6.99 8.29 23.61
C ILE D 94 8.10 8.80 24.46
N MET D 95 7.87 9.94 25.09
CA MET D 95 8.93 10.50 25.89
C MET D 95 8.56 10.38 27.32
N GLY D 96 9.58 10.44 28.18
CA GLY D 96 9.39 10.23 29.60
C GLY D 96 10.38 11.02 30.43
N PRO D 97 10.53 10.63 31.71
CA PRO D 97 11.31 11.41 32.68
C PRO D 97 12.67 11.81 32.13
N SER D 98 12.91 13.12 32.14
CA SER D 98 14.19 13.70 31.73
C SER D 98 14.22 14.01 30.24
N ASP D 99 13.18 13.66 29.52
CA ASP D 99 13.12 14.03 28.13
C ASP D 99 12.61 15.45 27.95
N MET D 100 13.16 16.09 26.92
CA MET D 100 12.82 17.44 26.54
C MET D 100 12.01 17.43 25.25
N PHE D 101 10.94 18.21 25.18
CA PHE D 101 10.33 18.44 23.88
C PHE D 101 9.80 19.86 23.74
N GLY D 102 9.77 20.31 22.49
CA GLY D 102 9.25 21.62 22.13
C GLY D 102 10.38 22.60 21.76
N GLU D 103 11.60 22.10 21.58
CA GLU D 103 12.77 22.94 21.32
C GLU D 103 12.91 23.30 19.84
N LEU D 104 12.23 22.51 19.01
CA LEU D 104 12.48 22.56 17.60
C LEU D 104 12.07 23.90 17.00
N SER D 105 10.82 24.29 17.22
CA SER D 105 10.28 25.54 16.66
C SER D 105 10.97 26.75 17.22
N ILE D 106 11.65 26.59 18.33
CA ILE D 106 12.40 27.70 18.88
C ILE D 106 13.61 28.05 17.98
N PHE D 107 14.22 27.03 17.35
CA PHE D 107 15.40 27.30 16.52
C PHE D 107 15.16 27.34 15.02
N ASP D 108 14.15 26.61 14.58
CA ASP D 108 13.63 26.79 13.24
C ASP D 108 12.16 27.20 13.40
N PRO D 109 11.90 28.53 13.49
CA PRO D 109 10.55 29.03 13.89
C PRO D 109 9.56 28.74 12.80
N GLY D 110 8.47 28.11 13.22
CA GLY D 110 7.49 27.56 12.33
C GLY D 110 6.56 26.83 13.25
N PRO D 111 5.52 26.22 12.71
CA PRO D 111 4.52 25.55 13.52
C PRO D 111 5.09 24.31 14.22
N ARG D 112 4.42 23.87 15.30
CA ARG D 112 4.84 22.67 15.98
C ARG D 112 4.84 21.49 14.99
N THR D 113 5.87 20.65 15.06
CA THR D 113 5.99 19.51 14.16
C THR D 113 5.22 18.29 14.63
N SER D 114 4.67 18.35 15.84
CA SER D 114 3.86 17.22 16.33
C SER D 114 2.87 17.74 17.33
N SER D 115 1.95 16.87 17.74
CA SER D 115 1.18 17.03 18.95
C SER D 115 1.96 16.45 20.13
N ALA D 116 1.64 16.93 21.34
CA ALA D 116 2.16 16.37 22.57
C ALA D 116 0.99 16.01 23.45
N VAL D 117 0.78 14.72 23.64
CA VAL D 117 -0.40 14.26 24.35
C VAL D 117 0.09 13.40 25.48
N CYS D 118 -0.54 13.55 26.64
CA CYS D 118 -0.19 12.87 27.88
C CYS D 118 -0.79 11.48 27.97
N VAL D 119 0.06 10.49 27.79
CA VAL D 119 -0.36 9.10 27.86
C VAL D 119 -0.70 8.77 29.30
N THR D 120 0.08 9.31 30.23
CA THR D 120 -0.27 9.20 31.63
C THR D 120 -0.45 10.60 32.25
N GLU D 121 -0.69 10.62 33.58
CA GLU D 121 -0.43 11.83 34.35
C GLU D 121 1.01 12.28 34.08
N VAL D 122 1.19 13.56 33.80
CA VAL D 122 2.51 14.05 33.48
C VAL D 122 2.93 15.25 34.38
N HIS D 123 4.12 15.18 34.95
CA HIS D 123 4.73 16.33 35.62
C HIS D 123 5.95 16.75 34.79
N ALA D 124 6.21 18.05 34.73
CA ALA D 124 7.24 18.63 33.83
C ALA D 124 7.76 19.95 34.34
N ALA D 125 8.99 20.27 33.98
CA ALA D 125 9.45 21.65 34.04
C ALA D 125 9.35 22.26 32.63
N THR D 126 8.97 23.54 32.58
CA THR D 126 8.74 24.24 31.32
C THR D 126 9.31 25.66 31.42
N MET D 127 9.76 26.20 30.28
CA MET D 127 10.23 27.60 30.12
C MET D 127 9.98 28.12 28.69
N ASN D 128 10.02 29.44 28.47
CA ASN D 128 9.93 29.94 27.10
C ASN D 128 11.27 30.13 26.38
N SER D 129 11.23 30.45 25.08
CA SER D 129 12.48 30.71 24.33
C SER D 129 13.30 31.88 24.88
N ASP D 130 12.63 32.88 25.44
CA ASP D 130 13.29 34.02 26.06
C ASP D 130 14.19 33.55 27.20
N MET D 131 13.64 32.67 28.03
CA MET D 131 14.42 32.16 29.15
C MET D 131 15.55 31.31 28.68
N LEU D 132 15.29 30.51 27.65
CA LEU D 132 16.31 29.61 27.15
C LEU D 132 17.45 30.38 26.58
N ARG D 133 17.16 31.40 25.77
CA ARG D 133 18.18 32.22 25.14
C ARG D 133 19.02 32.94 26.17
N ASN D 134 18.40 33.37 27.27
CA ASN D 134 19.23 34.00 28.33
C ASN D 134 20.20 32.99 28.97
N TRP D 135 19.76 31.73 29.11
CA TRP D 135 20.57 30.66 29.68
C TRP D 135 21.74 30.32 28.78
N VAL D 136 21.47 30.19 27.50
CA VAL D 136 22.54 29.95 26.57
C VAL D 136 23.57 31.09 26.57
N ALA D 137 23.08 32.34 26.64
CA ALA D 137 23.98 33.50 26.76
C ALA D 137 24.99 33.34 27.93
N ASP D 138 24.46 32.95 29.10
CA ASP D 138 25.27 32.79 30.31
C ASP D 138 26.07 31.52 30.31
N HIS D 139 25.57 30.52 29.61
CA HIS D 139 26.16 29.19 29.66
C HIS D 139 26.39 28.64 28.26
N PRO D 140 27.53 29.04 27.67
CA PRO D 140 27.95 28.61 26.34
C PRO D 140 27.68 27.13 26.13
N ALA D 141 27.98 26.31 27.15
CA ALA D 141 27.96 24.83 27.03
C ALA D 141 26.58 24.22 26.74
N ILE D 142 25.53 24.97 27.04
CA ILE D 142 24.16 24.53 26.73
C ILE D 142 23.92 24.32 25.22
N ALA D 143 24.54 25.19 24.40
CA ALA D 143 24.30 25.23 22.94
C ALA D 143 24.64 23.89 22.27
N GLU D 144 25.77 23.31 22.63
CA GLU D 144 26.13 22.03 22.05
C GLU D 144 25.35 20.88 22.63
N GLN D 145 24.83 21.01 23.85
CA GLN D 145 23.94 19.97 24.39
C GLN D 145 22.64 19.96 23.65
N LEU D 146 22.14 21.12 23.26
CA LEU D 146 20.94 21.14 22.40
C LEU D 146 21.27 20.54 21.02
N LEU D 147 22.48 20.84 20.54
CA LEU D 147 22.99 20.28 19.28
C LEU D 147 23.01 18.75 19.35
N ARG D 148 23.43 18.23 20.49
CA ARG D 148 23.47 16.78 20.66
C ARG D 148 22.08 16.17 20.64
N VAL D 149 21.16 16.80 21.36
CA VAL D 149 19.76 16.35 21.41
C VAL D 149 19.17 16.28 20.00
N LEU D 150 19.38 17.34 19.23
CA LEU D 150 18.83 17.39 17.88
C LEU D 150 19.50 16.36 16.96
N ALA D 151 20.82 16.20 17.09
CA ALA D 151 21.56 15.20 16.28
C ALA D 151 21.17 13.75 16.57
N ARG D 152 20.99 13.39 17.86
CA ARG D 152 20.42 12.10 18.27
C ARG D 152 19.06 11.83 17.64
N ARG D 153 18.15 12.79 17.73
CA ARG D 153 16.84 12.61 17.08
C ARG D 153 16.92 12.44 15.54
N LEU D 154 17.84 13.12 14.88
CA LEU D 154 18.05 12.87 13.46
C LEU D 154 18.60 11.47 13.30
N ARG D 155 19.64 11.13 14.06
CA ARG D 155 20.12 9.75 14.08
C ARG D 155 18.95 8.73 14.24
N ARG D 156 18.12 8.84 15.28
CA ARG D 156 17.07 7.80 15.53
C ARG D 156 15.98 7.83 14.46
N THR D 157 15.60 9.03 14.02
CA THR D 157 14.57 9.17 13.01
C THR D 157 15.03 8.59 11.66
N ASN D 158 16.25 8.93 11.27
CA ASN D 158 16.92 8.35 10.10
C ASN D 158 16.82 6.82 10.09
N ALA D 159 17.10 6.18 11.21
CA ALA D 159 17.09 4.75 11.32
C ALA D 159 15.67 4.19 11.26
N SER D 160 14.70 4.96 11.78
CA SER D 160 13.30 4.54 11.74
C SER D 160 12.78 4.63 10.31
N LEU D 161 13.25 5.65 9.60
CA LEU D 161 13.06 5.78 8.17
C LEU D 161 13.66 4.54 7.46
N ALA D 162 14.86 4.17 7.89
CA ALA D 162 15.56 3.02 7.33
C ALA D 162 14.80 1.73 7.65
N ASP D 163 14.19 1.68 8.84
CA ASP D 163 13.40 0.52 9.26
C ASP D 163 12.17 0.35 8.36
N LEU D 164 11.48 1.45 8.11
CA LEU D 164 10.36 1.45 7.19
C LEU D 164 10.76 0.85 5.80
N ILE D 165 12.00 1.08 5.40
CA ILE D 165 12.42 0.66 4.06
C ILE D 165 12.89 -0.78 3.95
N PHE D 166 13.53 -1.29 5.00
CA PHE D 166 14.18 -2.59 4.93
C PHE D 166 13.58 -3.69 5.81
N THR D 167 12.73 -3.35 6.76
CA THR D 167 12.21 -4.35 7.70
C THR D 167 10.72 -4.54 7.48
N ASP D 168 10.26 -5.78 7.60
CA ASP D 168 8.86 -6.12 7.41
C ASP D 168 8.10 -5.64 8.62
N VAL D 169 6.78 -5.68 8.54
CA VAL D 169 5.98 -5.22 9.65
C VAL D 169 6.27 -5.99 10.97
N PRO D 170 6.22 -7.34 10.94
CA PRO D 170 6.33 -8.00 12.26
C PRO D 170 7.65 -7.73 13.01
N GLY D 171 8.73 -7.47 12.27
CA GLY D 171 10.03 -7.24 12.87
C GLY D 171 10.17 -5.82 13.39
N ARG D 172 9.39 -4.90 12.82
CA ARG D 172 9.36 -3.53 13.32
C ARG D 172 8.71 -3.56 14.71
N VAL D 173 7.63 -4.32 14.82
CA VAL D 173 6.97 -4.64 16.10
C VAL D 173 7.95 -5.20 17.13
N ALA D 174 8.92 -5.99 16.67
CA ALA D 174 9.96 -6.46 17.57
C ALA D 174 10.80 -5.26 18.05
N LYS D 175 11.34 -4.53 17.09
CA LYS D 175 12.23 -3.41 17.33
C LYS D 175 11.60 -2.42 18.31
N THR D 176 10.47 -1.83 17.90
CA THR D 176 9.64 -0.99 18.76
C THR D 176 9.56 -1.50 20.19
N LEU D 177 9.07 -2.72 20.37
CA LEU D 177 8.91 -3.32 21.69
C LEU D 177 10.16 -3.24 22.58
N LEU D 178 11.33 -3.33 21.93
CA LEU D 178 12.60 -3.36 22.61
C LEU D 178 13.09 -1.93 22.88
N GLN D 179 12.87 -1.05 21.93
CA GLN D 179 13.02 0.39 22.14
C GLN D 179 12.23 0.90 23.35
N LEU D 180 11.11 0.24 23.64
CA LEU D 180 10.29 0.61 24.77
C LEU D 180 10.87 -0.01 26.02
N ALA D 181 11.47 -1.20 25.84
CA ALA D 181 12.10 -1.92 26.92
C ALA D 181 13.32 -1.13 27.40
N ASN D 182 14.16 -0.79 26.45
CA ASN D 182 15.40 -0.08 26.67
C ASN D 182 15.17 1.33 27.29
N ARG D 183 13.97 1.87 27.11
CA ARG D 183 13.61 3.18 27.66
C ARG D 183 12.80 3.09 28.97
N PHE D 184 11.84 2.17 29.06
CA PHE D 184 10.97 2.10 30.24
C PHE D 184 10.97 0.79 31.00
N GLY D 185 11.57 -0.22 30.41
CA GLY D 185 11.54 -1.57 31.01
C GLY D 185 12.44 -1.72 32.21
N THR D 186 11.83 -2.15 33.31
CA THR D 186 12.58 -2.60 34.48
C THR D 186 12.83 -4.13 34.39
N GLN D 187 13.51 -4.70 35.38
CA GLN D 187 13.75 -6.14 35.43
C GLN D 187 12.95 -6.72 36.57
N GLU D 188 11.92 -7.50 36.23
CA GLU D 188 11.10 -8.16 37.23
C GLU D 188 11.29 -9.67 37.12
N ALA D 189 11.47 -10.32 38.27
CA ALA D 189 11.53 -11.79 38.39
C ALA D 189 12.33 -12.49 37.27
N GLY D 190 13.46 -11.90 36.87
CA GLY D 190 14.37 -12.49 35.88
C GLY D 190 14.13 -12.21 34.38
N ALA D 191 13.18 -11.33 34.07
CA ALA D 191 12.93 -10.85 32.68
C ALA D 191 12.56 -9.36 32.70
N LEU D 192 11.97 -8.84 31.60
CA LEU D 192 11.74 -7.36 31.45
C LEU D 192 10.28 -6.90 31.48
N ARG D 193 9.90 -6.24 32.57
CA ARG D 193 8.57 -5.64 32.68
C ARG D 193 8.60 -4.28 31.99
N VAL D 194 7.80 -4.15 30.95
CA VAL D 194 7.71 -2.89 30.20
C VAL D 194 6.29 -2.35 30.29
N ASN D 195 6.05 -1.49 31.27
CA ASN D 195 4.73 -0.82 31.42
C ASN D 195 4.68 0.35 30.45
N HIS D 196 4.25 0.06 29.21
CA HIS D 196 4.25 1.04 28.13
C HIS D 196 3.14 2.08 28.22
N ASP D 197 2.03 1.70 28.85
CA ASP D 197 0.88 2.57 29.04
C ASP D 197 0.12 2.92 27.76
N LEU D 198 0.31 2.12 26.72
CA LEU D 198 -0.26 2.45 25.43
C LEU D 198 -1.34 1.50 25.05
N THR D 199 -2.33 2.02 24.34
CA THR D 199 -3.37 1.19 23.77
C THR D 199 -2.78 0.41 22.59
N GLN D 200 -3.52 -0.61 22.16
CA GLN D 200 -3.12 -1.47 21.05
C GLN D 200 -3.04 -0.60 19.79
N GLU D 201 -4.00 0.30 19.66
CA GLU D 201 -3.97 1.33 18.61
C GLU D 201 -2.66 2.16 18.67
N GLU D 202 -2.28 2.59 19.88
CA GLU D 202 -1.07 3.41 20.07
C GLU D 202 0.24 2.67 19.77
N ILE D 203 0.33 1.43 20.23
CA ILE D 203 1.44 0.56 19.88
C ILE D 203 1.67 0.54 18.37
N ALA D 204 0.56 0.47 17.62
CA ALA D 204 0.54 0.31 16.16
C ALA D 204 0.89 1.58 15.44
N GLN D 205 0.30 2.69 15.91
CA GLN D 205 0.69 4.05 15.46
C GLN D 205 2.17 4.26 15.73
N LEU D 206 2.66 3.73 16.85
CA LEU D 206 4.09 3.73 17.16
C LEU D 206 4.95 2.87 16.25
N VAL D 207 4.52 1.63 15.99
CA VAL D 207 5.26 0.79 15.03
C VAL D 207 5.12 1.35 13.62
N GLY D 208 3.96 1.94 13.29
CA GLY D 208 3.77 2.55 11.96
C GLY D 208 3.01 1.72 10.94
N ALA D 209 2.27 0.72 11.40
CA ALA D 209 1.51 -0.17 10.52
C ALA D 209 0.07 -0.37 10.98
N SER D 210 -0.68 -1.10 10.16
CA SER D 210 -2.08 -1.42 10.43
C SER D 210 -2.21 -2.11 11.78
N ARG D 211 -3.27 -1.76 12.50
CA ARG D 211 -3.49 -2.30 13.84
C ARG D 211 -3.61 -3.82 13.82
N GLU D 212 -4.48 -4.33 12.94
CA GLU D 212 -4.68 -5.78 12.72
C GLU D 212 -3.35 -6.52 12.49
N THR D 213 -2.52 -6.05 11.56
CA THR D 213 -1.21 -6.68 11.34
C THR D 213 -0.41 -6.74 12.64
N VAL D 214 -0.32 -5.58 13.29
CA VAL D 214 0.47 -5.41 14.50
C VAL D 214 -0.08 -6.27 15.62
N ASN D 215 -1.40 -6.25 15.80
CA ASN D 215 -2.05 -7.14 16.79
C ASN D 215 -1.77 -8.61 16.57
N LYS D 216 -1.48 -9.00 15.34
CA LYS D 216 -1.24 -10.40 15.01
C LYS D 216 0.18 -10.83 15.36
N ALA D 217 1.16 -10.03 14.93
CA ALA D 217 2.56 -10.21 15.29
C ALA D 217 2.73 -10.32 16.80
N LEU D 218 1.89 -9.59 17.55
CA LEU D 218 1.91 -9.66 19.01
C LEU D 218 1.26 -10.94 19.49
N ALA D 219 0.13 -11.29 18.88
CA ALA D 219 -0.56 -12.56 19.12
C ALA D 219 0.37 -13.76 18.85
N THR D 220 1.12 -13.65 17.74
CA THR D 220 2.12 -14.64 17.34
C THR D 220 3.23 -14.71 18.35
N PHE D 221 3.76 -13.56 18.75
CA PHE D 221 4.83 -13.49 19.76
C PHE D 221 4.46 -14.09 21.11
N ALA D 222 3.22 -13.88 21.55
CA ALA D 222 2.74 -14.46 22.81
C ALA D 222 2.53 -15.96 22.62
N HIS D 223 2.20 -16.36 21.39
CA HIS D 223 2.02 -17.76 21.03
C HIS D 223 3.30 -18.54 21.33
N ARG D 224 4.38 -18.10 20.69
CA ARG D 224 5.70 -18.68 20.87
C ARG D 224 6.25 -18.43 22.30
N GLY D 225 5.55 -17.60 23.07
CA GLY D 225 5.87 -17.38 24.49
C GLY D 225 7.01 -16.42 24.83
N TRP D 226 7.48 -15.68 23.82
CA TRP D 226 8.57 -14.72 23.97
C TRP D 226 8.15 -13.48 24.77
N ILE D 227 6.84 -13.24 24.82
CA ILE D 227 6.24 -12.14 25.57
C ILE D 227 4.92 -12.56 26.23
N ARG D 228 4.49 -11.82 27.25
CA ARG D 228 3.10 -11.91 27.72
C ARG D 228 2.28 -10.66 27.36
N LEU D 229 0.96 -10.80 27.27
CA LEU D 229 0.08 -9.66 26.98
C LEU D 229 -0.86 -9.38 28.15
N GLU D 230 -0.64 -8.22 28.77
CA GLU D 230 -1.28 -7.83 30.02
C GLU D 230 -2.02 -6.50 29.86
N GLY D 231 -2.57 -6.28 28.65
CA GLY D 231 -3.32 -5.06 28.36
C GLY D 231 -2.46 -3.88 27.94
N LYS D 232 -1.98 -3.11 28.92
CA LYS D 232 -1.17 -1.91 28.66
C LYS D 232 0.25 -2.07 29.20
N SER D 233 0.66 -3.34 29.36
CA SER D 233 1.99 -3.72 29.85
C SER D 233 2.47 -4.95 29.14
N VAL D 234 3.75 -4.96 28.77
CA VAL D 234 4.35 -6.14 28.18
C VAL D 234 5.43 -6.72 29.09
N LEU D 235 5.39 -8.04 29.28
CA LEU D 235 6.41 -8.77 30.00
C LEU D 235 7.14 -9.65 29.00
N ILE D 236 8.21 -9.10 28.45
CA ILE D 236 9.14 -9.83 27.61
C ILE D 236 9.80 -10.84 28.54
N VAL D 237 9.88 -12.09 28.10
CA VAL D 237 10.61 -13.13 28.85
C VAL D 237 11.83 -13.58 28.06
N ASP D 238 11.77 -13.44 26.74
CA ASP D 238 12.88 -13.85 25.91
C ASP D 238 13.39 -12.73 25.06
N THR D 239 14.33 -11.98 25.60
CA THR D 239 15.03 -10.95 24.86
C THR D 239 15.54 -11.51 23.53
N GLU D 240 16.40 -12.53 23.63
CA GLU D 240 17.07 -13.13 22.48
C GLU D 240 16.15 -13.44 21.30
N HIS D 241 14.99 -14.06 21.55
CA HIS D 241 14.06 -14.47 20.48
C HIS D 241 13.36 -13.29 19.77
N LEU D 242 13.02 -12.25 20.53
CA LEU D 242 12.51 -11.00 19.96
C LEU D 242 13.63 -10.21 19.30
N ALA D 243 14.76 -10.12 20.00
CA ALA D 243 15.94 -9.40 19.51
C ALA D 243 16.41 -9.97 18.19
N ARG D 244 16.35 -11.30 18.09
CA ARG D 244 16.67 -12.02 16.86
C ARG D 244 15.76 -11.51 15.73
N ARG D 245 14.46 -11.58 15.99
CA ARG D 245 13.40 -11.21 15.04
C ARG D 245 13.62 -9.88 14.29
N ALA D 246 14.28 -8.90 14.91
CA ALA D 246 14.60 -7.63 14.25
C ALA D 246 15.52 -7.79 13.03
N GLY E 23 36.68 33.95 -3.93
CA GLY E 23 37.37 32.61 -4.16
C GLY E 23 36.85 31.50 -3.22
N VAL E 24 37.77 30.78 -2.58
CA VAL E 24 37.35 29.73 -1.61
C VAL E 24 36.56 30.29 -0.40
N GLN E 25 36.90 31.50 0.04
CA GLN E 25 36.14 32.18 1.11
C GLN E 25 34.67 32.44 0.75
N GLU E 26 34.39 32.88 -0.47
CA GLU E 26 33.03 33.29 -0.81
C GLU E 26 32.12 32.07 -0.87
N ILE E 27 32.59 31.00 -1.49
CA ILE E 27 31.78 29.82 -1.57
C ILE E 27 31.41 29.39 -0.12
N LEU E 28 32.40 29.42 0.76
CA LEU E 28 32.23 29.03 2.16
C LEU E 28 31.30 29.97 2.94
N SER E 29 31.38 31.28 2.72
CA SER E 29 30.47 32.22 3.41
C SER E 29 28.96 31.96 3.15
N ARG E 30 28.68 31.20 2.09
CA ARG E 30 27.32 30.95 1.66
C ARG E 30 26.70 29.73 2.37
N ALA E 31 27.53 28.99 3.15
CA ALA E 31 27.10 27.86 3.98
C ALA E 31 26.14 28.29 5.09
N GLY E 32 25.09 27.51 5.31
CA GLY E 32 24.07 27.81 6.31
C GLY E 32 24.58 28.14 7.71
N ILE E 33 25.71 27.54 8.10
CA ILE E 33 26.33 27.78 9.37
C ILE E 33 26.76 29.28 9.47
N PHE E 34 26.93 29.94 8.35
CA PHE E 34 27.40 31.33 8.34
C PHE E 34 26.30 32.29 7.95
N GLN E 35 25.09 31.79 7.78
CA GLN E 35 23.98 32.64 7.35
C GLN E 35 23.71 33.81 8.36
N GLY E 36 23.79 35.05 7.88
CA GLY E 36 23.62 36.26 8.70
C GLY E 36 24.81 36.68 9.56
N VAL E 37 25.88 35.90 9.55
CA VAL E 37 26.96 36.09 10.53
C VAL E 37 27.88 37.22 10.12
N ASP E 38 28.48 37.91 11.10
CA ASP E 38 29.39 39.02 10.76
C ASP E 38 30.46 38.58 9.75
N PRO E 39 30.47 39.17 8.55
CA PRO E 39 31.36 38.67 7.49
C PRO E 39 32.84 38.53 7.93
N THR E 40 33.33 39.51 8.69
CA THR E 40 34.74 39.52 9.06
C THR E 40 35.03 38.32 9.95
N ALA E 41 34.12 38.08 10.89
CA ALA E 41 34.25 36.93 11.77
C ALA E 41 34.25 35.62 10.96
N VAL E 42 33.48 35.60 9.85
CA VAL E 42 33.36 34.44 8.97
C VAL E 42 34.67 34.19 8.27
N ASN E 43 35.23 35.26 7.72
CA ASN E 43 36.54 35.19 7.10
C ASN E 43 37.62 34.67 8.05
N ASN E 44 37.63 35.15 9.29
CA ASN E 44 38.52 34.60 10.29
C ASN E 44 38.21 33.14 10.67
N LEU E 45 36.93 32.78 10.81
CA LEU E 45 36.63 31.36 11.09
C LEU E 45 37.03 30.42 9.96
N ILE E 46 36.72 30.81 8.73
CA ILE E 46 37.11 30.10 7.51
C ILE E 46 38.58 29.78 7.50
N GLN E 47 39.39 30.68 8.01
CA GLN E 47 40.86 30.48 8.03
C GLN E 47 41.32 29.26 8.83
N ASP E 48 40.54 28.89 9.84
CA ASP E 48 40.79 27.74 10.68
C ASP E 48 40.55 26.41 9.94
N MET E 49 39.76 26.41 8.88
CA MET E 49 39.34 25.14 8.30
C MET E 49 40.45 24.49 7.47
N GLU E 50 40.39 23.17 7.37
CA GLU E 50 41.38 22.39 6.65
C GLU E 50 40.83 21.67 5.42
N THR E 51 41.53 21.91 4.33
CA THR E 51 41.13 21.62 2.98
C THR E 51 41.60 20.20 2.61
N VAL E 52 40.77 19.50 1.83
CA VAL E 52 41.03 18.16 1.27
C VAL E 52 40.58 18.22 -0.17
N ARG E 53 41.22 17.42 -1.03
CA ARG E 53 40.74 17.17 -2.40
C ARG E 53 40.56 15.67 -2.58
N PHE E 54 39.41 15.28 -3.17
CA PHE E 54 39.09 13.86 -3.48
C PHE E 54 38.94 13.72 -4.96
N PRO E 55 39.33 12.53 -5.51
CA PRO E 55 39.02 12.19 -6.91
C PRO E 55 37.59 11.66 -7.11
N ARG E 56 37.09 11.71 -8.34
CA ARG E 56 35.76 11.22 -8.70
C ARG E 56 35.52 9.75 -8.36
N GLY E 57 34.42 9.44 -7.70
CA GLY E 57 34.16 8.04 -7.35
C GLY E 57 34.64 7.71 -5.98
N ALA E 58 35.48 8.57 -5.39
CA ALA E 58 36.03 8.30 -4.06
C ALA E 58 34.96 8.27 -2.94
N THR E 59 35.13 7.34 -2.01
CA THR E 59 34.36 7.31 -0.78
C THR E 59 35.03 8.15 0.33
N ILE E 60 34.34 9.22 0.73
CA ILE E 60 34.83 10.06 1.81
C ILE E 60 34.69 9.30 3.10
N PHE E 61 33.54 8.65 3.27
CA PHE E 61 33.35 7.77 4.39
C PHE E 61 32.18 6.86 4.08
N ASP E 62 32.21 5.67 4.68
CA ASP E 62 31.12 4.70 4.66
C ASP E 62 30.13 4.84 5.83
N GLU E 63 28.87 4.51 5.56
CA GLU E 63 27.88 4.31 6.63
C GLU E 63 28.46 3.34 7.64
N GLY E 64 28.47 3.71 8.93
CA GLY E 64 29.04 2.84 9.94
C GLY E 64 30.46 3.09 10.42
N GLU E 65 31.19 3.89 9.67
CA GLU E 65 32.54 4.31 10.08
C GLU E 65 32.47 5.36 11.21
N PRO E 66 33.51 5.46 12.04
CA PRO E 66 33.42 6.52 12.99
C PRO E 66 34.25 7.66 12.44
N GLY E 67 33.76 8.86 12.55
CA GLY E 67 34.52 9.97 12.06
C GLY E 67 34.37 11.13 13.01
N ASP E 68 35.36 11.99 12.99
CA ASP E 68 35.31 13.12 13.82
C ASP E 68 35.24 14.37 12.96
N ARG E 69 34.75 14.23 11.75
CA ARG E 69 34.94 15.30 10.82
C ARG E 69 33.70 15.81 10.09
N LEU E 70 33.69 17.12 9.88
CA LEU E 70 32.63 17.79 9.22
C LEU E 70 33.19 18.35 7.92
N TYR E 71 32.36 18.41 6.87
CA TYR E 71 32.81 18.88 5.56
C TYR E 71 31.98 20.01 5.05
N ILE E 72 32.59 21.01 4.43
CA ILE E 72 31.77 21.94 3.66
C ILE E 72 32.37 21.94 2.25
N ILE E 73 31.55 21.67 1.23
CA ILE E 73 32.03 21.57 -0.17
C ILE E 73 32.37 22.92 -0.74
N THR E 74 33.49 23.02 -1.44
CA THR E 74 33.83 24.23 -2.18
C THR E 74 33.72 24.01 -3.68
N SER E 75 33.86 22.76 -4.09
CA SER E 75 33.68 22.45 -5.49
C SER E 75 33.32 20.96 -5.68
N GLY E 76 32.39 20.68 -6.59
CA GLY E 76 32.05 19.31 -6.91
C GLY E 76 30.74 18.96 -6.22
N LYS E 77 30.36 17.68 -6.31
CA LYS E 77 29.12 17.19 -5.79
C LYS E 77 29.35 15.90 -5.05
N VAL E 78 28.60 15.74 -3.96
CA VAL E 78 28.68 14.55 -3.12
C VAL E 78 27.26 13.94 -2.95
N LYS E 79 27.17 12.62 -3.05
CA LYS E 79 25.91 11.93 -2.86
C LYS E 79 25.97 11.19 -1.53
N LEU E 80 24.88 11.25 -0.77
CA LEU E 80 24.80 10.59 0.54
C LEU E 80 23.83 9.45 0.47
N ALA E 81 24.24 8.27 0.95
CA ALA E 81 23.42 7.06 0.75
C ALA E 81 23.24 6.18 1.99
N ARG E 82 22.06 5.56 2.07
CA ARG E 82 21.80 4.54 3.09
C ARG E 82 21.89 3.12 2.52
N HIS E 83 22.20 2.15 3.38
CA HIS E 83 22.43 0.76 2.93
C HIS E 83 21.86 -0.26 3.89
N ALA E 84 21.28 -1.32 3.35
CA ALA E 84 20.96 -2.50 4.15
C ALA E 84 22.20 -3.39 4.29
N PRO E 85 22.25 -4.27 5.34
CA PRO E 85 23.28 -5.32 5.41
C PRO E 85 23.32 -6.19 4.15
N ASP E 86 22.17 -6.37 3.50
CA ASP E 86 22.10 -6.97 2.16
C ASP E 86 22.28 -5.89 1.06
N GLY E 87 22.61 -6.31 -0.15
CA GLY E 87 23.07 -5.33 -1.16
C GLY E 87 22.04 -4.34 -1.70
N ARG E 88 21.97 -3.15 -1.11
CA ARG E 88 21.07 -2.10 -1.63
C ARG E 88 21.13 -0.75 -0.97
N GLU E 89 20.89 0.26 -1.80
CA GLU E 89 21.00 1.62 -1.36
C GLU E 89 19.97 2.58 -1.93
N ASN E 90 19.45 3.45 -1.06
CA ASN E 90 18.79 4.66 -1.54
C ASN E 90 19.70 5.88 -1.36
N LEU E 91 19.85 6.63 -2.45
CA LEU E 91 20.41 7.96 -2.42
C LEU E 91 19.52 9.00 -1.68
N LEU E 92 19.91 9.37 -0.47
CA LEU E 92 19.26 10.45 0.28
C LEU E 92 19.28 11.84 -0.38
N THR E 93 20.44 12.28 -0.86
CA THR E 93 20.55 13.61 -1.47
C THR E 93 21.86 13.89 -2.18
N ILE E 94 21.86 14.93 -3.00
CA ILE E 94 23.07 15.39 -3.65
C ILE E 94 23.46 16.71 -3.05
N MET E 95 24.70 16.82 -2.59
CA MET E 95 25.19 18.12 -2.11
C MET E 95 26.23 18.74 -3.03
N GLY E 96 26.23 20.05 -3.13
CA GLY E 96 27.26 20.75 -3.89
C GLY E 96 27.87 21.90 -3.11
N PRO E 97 28.49 22.83 -3.82
CA PRO E 97 29.22 23.93 -3.21
C PRO E 97 28.39 24.61 -2.14
N SER E 98 29.02 24.77 -0.97
CA SER E 98 28.46 25.41 0.22
C SER E 98 27.62 24.49 1.09
N ASP E 99 27.41 23.25 0.67
CA ASP E 99 26.64 22.36 1.53
C ASP E 99 27.53 21.76 2.59
N MET E 100 26.94 21.35 3.70
CA MET E 100 27.66 20.84 4.82
C MET E 100 27.12 19.48 5.12
N PHE E 101 28.01 18.58 5.55
CA PHE E 101 27.64 17.27 5.97
C PHE E 101 28.67 16.78 6.92
N GLY E 102 28.31 15.78 7.72
CA GLY E 102 29.23 15.22 8.69
C GLY E 102 29.00 15.70 10.10
N GLU E 103 28.11 16.66 10.29
CA GLU E 103 27.94 17.26 11.64
C GLU E 103 27.37 16.33 12.74
N LEU E 104 26.53 15.36 12.36
CA LEU E 104 25.91 14.38 13.31
C LEU E 104 26.92 13.60 14.15
N SER E 105 27.97 13.13 13.51
CA SER E 105 29.01 12.45 14.26
C SER E 105 29.79 13.39 15.16
N ILE E 106 29.69 14.69 14.96
CA ILE E 106 30.37 15.56 15.88
C ILE E 106 29.53 15.78 17.13
N PHE E 107 28.25 16.11 16.98
CA PHE E 107 27.41 16.42 18.14
C PHE E 107 26.73 15.25 18.80
N ASP E 108 26.52 14.18 18.04
CA ASP E 108 26.08 12.96 18.67
C ASP E 108 27.00 11.83 18.33
N PRO E 109 28.10 11.71 19.07
CA PRO E 109 29.21 10.87 18.63
C PRO E 109 28.77 9.45 18.40
N GLY E 110 29.11 8.93 17.22
CA GLY E 110 28.73 7.57 16.79
C GLY E 110 29.07 7.36 15.31
N PRO E 111 28.63 6.23 14.73
CA PRO E 111 28.92 5.90 13.32
C PRO E 111 28.17 6.78 12.37
N ARG E 112 28.76 6.98 11.20
CA ARG E 112 28.23 7.85 10.21
C ARG E 112 26.88 7.25 9.83
N THR E 113 25.92 8.11 9.48
CA THR E 113 24.53 7.69 9.30
C THR E 113 24.28 7.60 7.79
N SER E 114 25.33 7.77 7.00
CA SER E 114 25.26 7.53 5.59
C SER E 114 26.68 7.42 5.08
N SER E 115 26.83 7.16 3.79
CA SER E 115 28.14 7.14 3.19
C SER E 115 28.16 8.42 2.42
N ALA E 116 29.35 8.88 2.05
CA ALA E 116 29.47 10.09 1.29
C ALA E 116 30.38 9.75 0.12
N VAL E 117 29.90 9.95 -1.10
CA VAL E 117 30.67 9.51 -2.25
C VAL E 117 30.76 10.64 -3.24
N CYS E 118 31.94 10.81 -3.84
CA CYS E 118 32.19 11.85 -4.78
C CYS E 118 31.62 11.54 -6.16
N VAL E 119 30.83 12.46 -6.68
CA VAL E 119 30.14 12.23 -7.93
C VAL E 119 31.06 12.73 -9.02
N THR E 120 31.52 13.95 -8.80
CA THR E 120 32.62 14.53 -9.51
C THR E 120 33.82 14.57 -8.54
N GLU E 121 34.90 15.20 -9.05
CA GLU E 121 36.07 15.51 -8.29
C GLU E 121 35.62 16.55 -7.26
N VAL E 122 35.99 16.32 -5.99
CA VAL E 122 35.57 17.19 -4.87
C VAL E 122 36.69 17.88 -4.08
N HIS E 123 36.61 19.23 -4.00
CA HIS E 123 37.28 20.05 -2.97
C HIS E 123 36.30 20.43 -1.84
N ALA E 124 36.73 20.21 -0.59
CA ALA E 124 35.98 20.50 0.67
C ALA E 124 36.85 21.23 1.73
N ALA E 125 36.26 22.18 2.45
CA ALA E 125 36.87 22.63 3.73
C ALA E 125 36.30 21.75 4.85
N THR E 126 37.16 21.32 5.77
CA THR E 126 36.74 20.48 6.88
C THR E 126 37.20 21.07 8.19
N MET E 127 36.70 20.51 9.28
CA MET E 127 37.18 20.81 10.61
C MET E 127 36.83 19.64 11.55
N ASN E 128 37.56 19.50 12.64
CA ASN E 128 37.24 18.42 13.57
C ASN E 128 36.29 18.86 14.68
N SER E 129 35.91 17.96 15.56
CA SER E 129 34.91 18.32 16.54
C SER E 129 35.45 19.29 17.55
N ASP E 130 36.70 19.07 17.98
CA ASP E 130 37.36 20.02 18.87
C ASP E 130 37.19 21.47 18.37
N MET E 131 37.53 21.68 17.12
CA MET E 131 37.37 22.97 16.55
C MET E 131 35.91 23.42 16.49
N LEU E 132 34.98 22.54 16.09
CA LEU E 132 33.58 22.94 15.97
C LEU E 132 32.92 23.25 17.30
N ARG E 133 33.26 22.49 18.35
CA ARG E 133 32.75 22.78 19.70
C ARG E 133 33.21 24.18 20.17
N ASN E 134 34.43 24.57 19.80
CA ASN E 134 34.94 25.88 20.10
C ASN E 134 34.11 26.98 19.43
N TRP E 135 33.93 26.88 18.12
CA TRP E 135 33.13 27.87 17.41
C TRP E 135 31.76 28.08 18.06
N VAL E 136 31.17 26.98 18.51
CA VAL E 136 29.81 26.90 19.01
C VAL E 136 29.79 27.46 20.44
N ALA E 137 30.89 27.30 21.15
CA ALA E 137 31.02 27.89 22.49
C ALA E 137 31.21 29.42 22.41
N ASP E 138 32.03 29.88 21.47
CA ASP E 138 32.43 31.30 21.35
C ASP E 138 31.55 32.20 20.48
N HIS E 139 30.93 31.65 19.45
CA HIS E 139 30.12 32.45 18.57
C HIS E 139 28.67 32.00 18.54
N PRO E 140 27.84 32.64 19.37
CA PRO E 140 26.40 32.36 19.51
C PRO E 140 25.69 32.35 18.15
N ALA E 141 26.11 33.27 17.28
CA ALA E 141 25.52 33.34 15.97
C ALA E 141 25.84 32.05 15.16
N ILE E 142 26.99 31.44 15.39
CA ILE E 142 27.30 30.14 14.76
C ILE E 142 26.44 29.05 15.40
N ALA E 143 26.28 29.14 16.72
CA ALA E 143 25.54 28.12 17.49
C ALA E 143 24.12 28.07 17.00
N GLU E 144 23.57 29.26 16.75
CA GLU E 144 22.13 29.47 16.47
C GLU E 144 21.83 29.01 15.05
N GLN E 145 22.77 29.23 14.12
CA GLN E 145 22.61 28.70 12.73
C GLN E 145 22.70 27.18 12.70
N LEU E 146 23.62 26.62 13.47
CA LEU E 146 23.74 25.19 13.53
C LEU E 146 22.45 24.61 14.03
N LEU E 147 21.95 25.17 15.13
CA LEU E 147 20.67 24.76 15.71
C LEU E 147 19.59 24.86 14.66
N ARG E 148 19.52 25.99 13.94
CA ARG E 148 18.46 26.18 12.93
C ARG E 148 18.54 25.14 11.83
N VAL E 149 19.75 24.97 11.29
CA VAL E 149 19.99 24.02 10.22
C VAL E 149 19.57 22.62 10.62
N LEU E 150 20.00 22.19 11.80
CA LEU E 150 19.56 20.86 12.30
C LEU E 150 18.05 20.72 12.54
N ALA E 151 17.40 21.76 13.09
CA ALA E 151 15.97 21.67 13.44
C ALA E 151 15.14 21.67 12.18
N ARG E 152 15.59 22.44 11.19
CA ARG E 152 15.04 22.37 9.85
C ARG E 152 15.26 20.98 9.22
N ARG E 153 16.45 20.42 9.34
CA ARG E 153 16.70 19.09 8.80
C ARG E 153 15.71 18.14 9.46
N LEU E 154 15.63 18.18 10.79
CA LEU E 154 14.68 17.34 11.55
C LEU E 154 13.24 17.58 11.10
N ARG E 155 12.87 18.84 10.96
CA ARG E 155 11.57 19.20 10.41
C ARG E 155 11.31 18.57 9.03
N ARG E 156 12.26 18.70 8.10
CA ARG E 156 12.14 18.07 6.78
C ARG E 156 12.16 16.55 6.85
N THR E 157 12.92 15.98 7.77
CA THR E 157 12.97 14.51 7.87
C THR E 157 11.66 13.87 8.37
N ASN E 158 10.94 14.54 9.27
CA ASN E 158 9.60 14.07 9.66
C ASN E 158 8.64 14.10 8.44
N ALA E 159 8.65 15.23 7.72
CA ALA E 159 7.84 15.44 6.53
C ALA E 159 8.16 14.44 5.42
N SER E 160 9.40 13.96 5.35
CA SER E 160 9.73 12.94 4.37
C SER E 160 9.04 11.58 4.62
N LEU E 161 8.13 11.53 5.60
CA LEU E 161 7.30 10.33 5.86
C LEU E 161 6.10 10.24 4.91
N ALA E 162 5.66 11.40 4.43
CA ALA E 162 4.68 11.50 3.35
C ALA E 162 5.29 11.08 2.02
N ASP E 163 6.43 11.69 1.67
CA ASP E 163 7.21 11.36 0.48
C ASP E 163 7.48 9.87 0.37
N LEU E 164 7.75 9.25 1.52
CA LEU E 164 8.13 7.85 1.55
C LEU E 164 6.98 7.02 1.04
N ILE E 165 7.29 6.05 0.19
CA ILE E 165 6.23 5.23 -0.37
C ILE E 165 5.28 6.10 -1.19
N PHE E 166 5.41 5.99 -2.49
CA PHE E 166 4.59 6.73 -3.41
C PHE E 166 4.31 5.74 -4.54
N THR E 167 3.32 6.05 -5.36
CA THR E 167 3.01 5.23 -6.54
C THR E 167 3.06 6.05 -7.82
N ASP E 168 2.78 7.36 -7.75
CA ASP E 168 3.03 8.22 -8.91
C ASP E 168 4.55 8.45 -9.20
N VAL E 169 5.14 7.57 -9.98
CA VAL E 169 6.53 7.74 -10.35
C VAL E 169 6.78 9.05 -11.14
N PRO E 170 6.01 9.31 -12.21
CA PRO E 170 6.38 10.53 -12.90
C PRO E 170 6.25 11.78 -12.04
N GLY E 171 5.24 11.79 -11.15
CA GLY E 171 5.07 12.92 -10.30
C GLY E 171 6.35 13.17 -9.48
N ARG E 172 6.95 12.07 -9.05
CA ARG E 172 8.05 12.11 -8.14
C ARG E 172 9.31 12.45 -8.91
N VAL E 173 9.28 12.10 -10.21
CA VAL E 173 10.39 12.42 -11.05
C VAL E 173 10.34 13.91 -11.23
N ALA E 174 9.13 14.42 -11.48
CA ALA E 174 9.00 15.86 -11.69
C ALA E 174 9.53 16.64 -10.43
N LYS E 175 9.16 16.14 -9.24
CA LYS E 175 9.54 16.74 -7.96
C LYS E 175 11.08 16.70 -7.76
N THR E 176 11.70 15.57 -8.05
CA THR E 176 13.15 15.43 -7.95
C THR E 176 13.94 16.33 -8.95
N LEU E 177 13.40 16.51 -10.16
CA LEU E 177 14.02 17.42 -11.13
C LEU E 177 13.94 18.86 -10.64
N LEU E 178 12.83 19.23 -10.02
CA LEU E 178 12.77 20.61 -9.53
C LEU E 178 13.61 20.85 -8.28
N GLN E 179 13.71 19.86 -7.42
CA GLN E 179 14.62 19.94 -6.30
C GLN E 179 16.10 20.07 -6.78
N LEU E 180 16.52 19.31 -7.78
CA LEU E 180 17.88 19.49 -8.29
C LEU E 180 18.05 20.85 -8.98
N ALA E 181 16.96 21.35 -9.57
CA ALA E 181 16.95 22.64 -10.25
C ALA E 181 16.94 23.88 -9.31
N ASN E 182 16.30 23.76 -8.14
CA ASN E 182 16.34 24.80 -7.10
C ASN E 182 17.77 24.84 -6.54
N ARG E 183 18.36 23.67 -6.37
CA ARG E 183 19.73 23.58 -5.87
C ARG E 183 20.85 23.95 -6.87
N PHE E 184 20.83 23.44 -8.09
CA PHE E 184 21.97 23.62 -9.03
C PHE E 184 21.59 24.31 -10.31
N GLY E 185 20.33 24.74 -10.37
CA GLY E 185 19.75 25.24 -11.61
C GLY E 185 20.42 26.52 -12.05
N THR E 186 20.75 26.59 -13.33
CA THR E 186 21.39 27.74 -13.90
C THR E 186 20.51 28.32 -14.98
N GLN E 187 20.44 29.64 -14.97
CA GLN E 187 19.71 30.44 -15.93
C GLN E 187 20.42 30.34 -17.28
N GLU E 188 19.68 29.99 -18.33
CA GLU E 188 20.21 29.80 -19.65
C GLU E 188 19.16 30.19 -20.70
N ALA E 189 19.24 31.42 -21.22
CA ALA E 189 18.22 31.99 -22.12
C ALA E 189 16.76 31.62 -21.78
N GLY E 190 16.37 31.88 -20.55
CA GLY E 190 14.96 31.63 -20.15
C GLY E 190 14.64 30.19 -19.79
N ALA E 191 15.64 29.32 -19.76
CA ALA E 191 15.45 27.96 -19.30
C ALA E 191 16.43 27.70 -18.17
N LEU E 192 16.21 26.63 -17.43
CA LEU E 192 17.07 26.26 -16.31
C LEU E 192 17.93 25.05 -16.70
N ARG E 193 19.22 25.31 -16.79
CA ARG E 193 20.24 24.31 -17.03
C ARG E 193 20.52 23.59 -15.74
N VAL E 194 20.33 22.28 -15.73
CA VAL E 194 20.60 21.49 -14.52
C VAL E 194 21.68 20.44 -14.81
N ASN E 195 22.90 20.81 -14.45
CA ASN E 195 24.06 19.95 -14.59
C ASN E 195 24.17 19.12 -13.35
N HIS E 196 23.31 18.11 -13.26
CA HIS E 196 23.24 17.33 -12.01
C HIS E 196 24.42 16.38 -11.90
N ASP E 197 25.05 16.11 -13.05
CA ASP E 197 26.16 15.15 -13.11
C ASP E 197 25.85 13.73 -12.68
N LEU E 198 24.60 13.44 -12.40
CA LEU E 198 24.19 12.10 -12.03
C LEU E 198 24.10 11.16 -13.25
N THR E 199 24.27 9.88 -12.99
CA THR E 199 23.92 8.82 -13.92
C THR E 199 22.42 8.52 -13.92
N GLN E 200 21.93 7.91 -15.01
CA GLN E 200 20.52 7.47 -15.13
C GLN E 200 20.08 6.62 -13.95
N GLU E 201 20.94 5.70 -13.53
CA GLU E 201 20.70 4.91 -12.32
C GLU E 201 20.61 5.77 -11.04
N GLU E 202 21.60 6.65 -10.87
CA GLU E 202 21.65 7.56 -9.73
C GLU E 202 20.44 8.45 -9.64
N ILE E 203 20.05 9.08 -10.76
CA ILE E 203 18.77 9.79 -10.84
C ILE E 203 17.64 8.86 -10.34
N ALA E 204 17.56 7.64 -10.90
CA ALA E 204 16.53 6.71 -10.46
C ALA E 204 16.67 6.40 -8.98
N GLN E 205 17.90 6.29 -8.47
CA GLN E 205 18.03 5.91 -7.05
C GLN E 205 17.58 7.08 -6.17
N LEU E 206 17.83 8.30 -6.66
CA LEU E 206 17.42 9.50 -5.97
C LEU E 206 15.89 9.72 -5.93
N VAL E 207 15.19 9.43 -7.03
CA VAL E 207 13.74 9.45 -7.07
C VAL E 207 13.19 8.33 -6.19
N GLY E 208 13.78 7.14 -6.29
CA GLY E 208 13.35 5.98 -5.48
C GLY E 208 12.62 4.90 -6.27
N ALA E 209 12.91 4.80 -7.57
CA ALA E 209 12.18 3.84 -8.38
C ALA E 209 13.10 3.27 -9.45
N SER E 210 12.58 2.29 -10.18
CA SER E 210 13.43 1.63 -11.14
C SER E 210 13.84 2.60 -12.24
N ARG E 211 15.06 2.38 -12.74
CA ARG E 211 15.62 3.08 -13.87
C ARG E 211 14.69 3.13 -15.11
N GLU E 212 13.97 2.04 -15.37
CA GLU E 212 13.15 1.96 -16.58
C GLU E 212 11.92 2.86 -16.44
N THR E 213 11.33 2.88 -15.25
CA THR E 213 10.17 3.72 -15.05
C THR E 213 10.59 5.20 -15.09
N VAL E 214 11.64 5.53 -14.34
CA VAL E 214 12.07 6.89 -14.26
C VAL E 214 12.45 7.30 -15.69
N ASN E 215 13.19 6.45 -16.39
CA ASN E 215 13.55 6.73 -17.80
C ASN E 215 12.31 7.03 -18.68
N LYS E 216 11.23 6.26 -18.47
CA LYS E 216 10.01 6.40 -19.25
C LYS E 216 9.32 7.74 -18.90
N ALA E 217 9.30 8.09 -17.60
CA ALA E 217 8.71 9.36 -17.21
C ALA E 217 9.46 10.53 -17.88
N LEU E 218 10.79 10.50 -17.80
CA LEU E 218 11.71 11.52 -18.46
C LEU E 218 11.43 11.66 -19.92
N ALA E 219 11.30 10.54 -20.63
CA ALA E 219 10.94 10.56 -22.03
C ALA E 219 9.58 11.25 -22.23
N THR E 220 8.55 10.92 -21.48
CA THR E 220 7.28 11.64 -21.66
C THR E 220 7.47 13.14 -21.39
N PHE E 221 8.29 13.50 -20.41
CA PHE E 221 8.54 14.93 -20.18
C PHE E 221 9.23 15.66 -21.38
N ALA E 222 10.27 15.03 -21.96
CA ALA E 222 10.96 15.52 -23.15
C ALA E 222 10.06 15.59 -24.35
N HIS E 223 9.25 14.54 -24.55
CA HIS E 223 8.37 14.43 -25.73
CA HIS E 223 8.40 14.45 -25.75
C HIS E 223 7.19 15.38 -25.65
N ARG E 224 7.01 16.02 -24.50
CA ARG E 224 5.99 17.08 -24.43
C ARG E 224 6.66 18.44 -24.22
N GLY E 225 7.95 18.52 -24.53
CA GLY E 225 8.66 19.82 -24.52
C GLY E 225 9.00 20.39 -23.15
N TRP E 226 8.69 19.70 -22.06
CA TRP E 226 9.03 20.30 -20.76
C TRP E 226 10.54 20.29 -20.45
N ILE E 227 11.29 19.34 -21.01
CA ILE E 227 12.68 19.23 -20.66
C ILE E 227 13.50 18.75 -21.86
N ARG E 228 14.81 19.00 -21.77
CA ARG E 228 15.73 18.34 -22.68
C ARG E 228 16.77 17.50 -21.94
N LEU E 229 16.82 16.22 -22.29
CA LEU E 229 17.71 15.26 -21.66
C LEU E 229 19.02 15.30 -22.43
N GLU E 230 20.09 15.69 -21.74
CA GLU E 230 21.38 15.86 -22.41
C GLU E 230 22.49 15.23 -21.57
N GLY E 231 22.50 13.91 -21.52
CA GLY E 231 23.51 13.15 -20.80
C GLY E 231 23.29 13.32 -19.32
N LYS E 232 24.27 13.92 -18.66
CA LYS E 232 24.23 14.09 -17.24
C LYS E 232 23.77 15.50 -16.87
N SER E 233 23.03 16.09 -17.80
CA SER E 233 22.45 17.39 -17.63
C SER E 233 21.01 17.31 -18.14
N VAL E 234 20.13 18.16 -17.59
CA VAL E 234 18.76 18.37 -18.00
C VAL E 234 18.56 19.85 -18.23
N LEU E 235 17.93 20.22 -19.34
CA LEU E 235 17.46 21.60 -19.52
C LEU E 235 15.97 21.61 -19.25
N ILE E 236 15.58 22.29 -18.17
CA ILE E 236 14.17 22.48 -17.88
C ILE E 236 13.62 23.72 -18.59
N VAL E 237 12.88 23.49 -19.66
CA VAL E 237 12.25 24.51 -20.45
C VAL E 237 10.92 25.01 -19.88
N ASP E 238 10.13 24.14 -19.25
CA ASP E 238 8.83 24.58 -18.71
C ASP E 238 8.76 24.25 -17.23
N THR E 239 9.33 25.15 -16.48
CA THR E 239 9.30 25.16 -15.02
C THR E 239 7.85 25.08 -14.46
N GLU E 240 6.94 25.88 -15.03
CA GLU E 240 5.60 26.01 -14.48
C GLU E 240 4.82 24.70 -14.61
N HIS E 241 4.78 24.14 -15.81
CA HIS E 241 3.95 22.98 -16.01
C HIS E 241 4.57 21.71 -15.43
N LEU E 242 5.90 21.61 -15.47
CA LEU E 242 6.58 20.57 -14.73
C LEU E 242 6.25 20.62 -13.25
N ALA E 243 6.30 21.83 -12.67
CA ALA E 243 5.99 22.00 -11.25
C ALA E 243 4.58 21.55 -10.95
N ARG E 244 3.66 21.78 -11.89
CA ARG E 244 2.26 21.32 -11.71
C ARG E 244 2.13 19.79 -11.69
N ARG E 245 3.10 19.11 -12.27
CA ARG E 245 2.98 17.67 -12.39
C ARG E 245 3.57 17.03 -11.15
N ALA E 246 4.40 17.79 -10.43
CA ALA E 246 5.16 17.22 -9.32
C ALA E 246 4.34 16.81 -8.10
N ARG E 247 4.77 15.72 -7.50
CA ARG E 247 4.29 15.21 -6.22
C ARG E 247 5.02 13.87 -6.05
N GLY F 23 38.40 -7.47 9.68
CA GLY F 23 38.54 -8.51 10.75
C GLY F 23 38.16 -9.87 10.21
N VAL F 24 39.01 -10.87 10.49
CA VAL F 24 38.72 -12.27 10.22
C VAL F 24 37.37 -12.67 10.81
N GLN F 25 37.19 -12.37 12.11
CA GLN F 25 35.93 -12.59 12.80
C GLN F 25 34.75 -12.11 11.96
N GLU F 26 34.76 -10.83 11.56
CA GLU F 26 33.61 -10.32 10.81
C GLU F 26 33.52 -10.88 9.40
N ILE F 27 34.67 -11.18 8.79
CA ILE F 27 34.67 -11.77 7.47
C ILE F 27 33.99 -13.14 7.51
N LEU F 28 34.27 -13.91 8.54
CA LEU F 28 33.70 -15.26 8.62
C LEU F 28 32.20 -15.26 8.96
N SER F 29 31.75 -14.24 9.69
CA SER F 29 30.37 -14.19 10.14
C SER F 29 29.38 -13.99 8.98
N ARG F 30 29.91 -13.59 7.82
CA ARG F 30 29.07 -13.31 6.66
C ARG F 30 28.79 -14.57 5.84
N ALA F 31 29.33 -15.69 6.30
CA ALA F 31 29.23 -16.95 5.62
C ALA F 31 27.82 -17.50 5.77
N GLY F 32 27.32 -18.09 4.69
CA GLY F 32 26.00 -18.73 4.63
C GLY F 32 25.64 -19.49 5.90
N ILE F 33 26.54 -20.37 6.33
CA ILE F 33 26.38 -21.20 7.55
C ILE F 33 25.89 -20.42 8.80
N PHE F 34 26.19 -19.12 8.90
CA PHE F 34 25.84 -18.35 10.08
C PHE F 34 24.61 -17.43 9.95
N GLN F 35 23.93 -17.41 8.81
CA GLN F 35 23.06 -16.28 8.44
C GLN F 35 21.93 -15.89 9.36
N GLY F 36 21.18 -16.88 9.82
CA GLY F 36 20.10 -16.54 10.72
C GLY F 36 20.51 -16.48 12.18
N VAL F 37 21.73 -16.92 12.49
CA VAL F 37 22.03 -17.34 13.87
C VAL F 37 22.55 -16.23 14.81
N ASP F 38 22.55 -16.50 16.12
CA ASP F 38 22.81 -15.49 17.16
C ASP F 38 24.25 -14.96 17.16
N PRO F 39 24.42 -13.62 16.99
CA PRO F 39 25.77 -13.02 16.87
C PRO F 39 26.74 -13.38 18.00
N THR F 40 26.25 -13.46 19.23
CA THR F 40 27.11 -13.83 20.36
C THR F 40 27.77 -15.17 20.09
N ALA F 41 26.95 -16.13 19.60
CA ALA F 41 27.39 -17.50 19.35
C ALA F 41 28.34 -17.56 18.19
N VAL F 42 28.11 -16.78 17.15
CA VAL F 42 28.96 -16.84 15.95
C VAL F 42 30.43 -16.62 16.35
N ASN F 43 30.69 -15.64 17.20
CA ASN F 43 32.04 -15.42 17.73
C ASN F 43 32.57 -16.61 18.49
N ASN F 44 31.75 -17.15 19.38
CA ASN F 44 32.12 -18.38 20.07
C ASN F 44 32.35 -19.51 19.06
N LEU F 45 31.40 -19.70 18.15
CA LEU F 45 31.55 -20.69 17.09
C LEU F 45 32.84 -20.46 16.24
N ILE F 46 33.05 -19.24 15.75
CA ILE F 46 34.25 -18.83 14.96
C ILE F 46 35.55 -19.32 15.62
N GLN F 47 35.59 -19.22 16.96
CA GLN F 47 36.80 -19.51 17.77
C GLN F 47 37.29 -20.94 17.74
N ASP F 48 36.38 -21.89 17.59
CA ASP F 48 36.72 -23.29 17.33
C ASP F 48 37.47 -23.59 16.01
N MET F 49 37.39 -22.70 15.04
CA MET F 49 37.81 -23.03 13.69
C MET F 49 39.30 -22.94 13.58
N GLU F 50 39.83 -23.75 12.69
CA GLU F 50 41.26 -23.90 12.59
C GLU F 50 41.71 -23.37 11.24
N THR F 51 42.44 -22.27 11.31
CA THR F 51 42.93 -21.57 10.15
C THR F 51 44.08 -22.34 9.51
N VAL F 52 44.33 -22.02 8.24
CA VAL F 52 45.38 -22.61 7.43
C VAL F 52 45.68 -21.57 6.36
N ARG F 53 46.90 -21.59 5.84
CA ARG F 53 47.33 -20.57 4.88
C ARG F 53 48.14 -21.18 3.72
N PHE F 54 47.86 -20.71 2.52
CA PHE F 54 48.35 -21.30 1.26
C PHE F 54 48.94 -20.21 0.42
N PRO F 55 50.08 -20.48 -0.21
CA PRO F 55 50.63 -19.52 -1.14
C PRO F 55 49.90 -19.59 -2.51
N ARG F 56 50.10 -18.57 -3.35
CA ARG F 56 49.39 -18.44 -4.62
C ARG F 56 49.81 -19.61 -5.48
N GLY F 57 48.84 -20.30 -6.04
CA GLY F 57 49.14 -21.41 -6.91
C GLY F 57 48.98 -22.78 -6.32
N ALA F 58 48.92 -22.85 -5.00
CA ALA F 58 49.02 -24.15 -4.33
C ALA F 58 47.70 -24.87 -4.45
N THR F 59 47.74 -26.19 -4.45
CA THR F 59 46.53 -26.97 -4.54
C THR F 59 46.05 -27.30 -3.15
N ILE F 60 44.80 -26.92 -2.83
CA ILE F 60 44.25 -27.27 -1.52
C ILE F 60 43.86 -28.75 -1.41
N PHE F 61 43.07 -29.25 -2.36
CA PHE F 61 42.91 -30.67 -2.57
C PHE F 61 42.65 -30.94 -4.06
N ASP F 62 42.71 -32.20 -4.49
CA ASP F 62 42.43 -32.58 -5.87
CA ASP F 62 42.41 -32.55 -5.88
C ASP F 62 41.10 -33.29 -5.89
N GLU F 63 40.39 -33.17 -7.01
CA GLU F 63 39.22 -34.02 -7.24
C GLU F 63 39.73 -35.45 -7.06
N GLY F 64 38.94 -36.32 -6.44
CA GLY F 64 39.38 -37.68 -6.18
C GLY F 64 39.80 -37.98 -4.75
N GLU F 65 40.33 -36.98 -4.04
CA GLU F 65 40.90 -37.17 -2.71
C GLU F 65 39.86 -37.27 -1.61
N PRO F 66 40.05 -38.18 -0.64
CA PRO F 66 39.21 -38.05 0.54
C PRO F 66 39.74 -37.06 1.57
N GLY F 67 38.83 -36.28 2.14
CA GLY F 67 39.16 -35.32 3.18
C GLY F 67 37.98 -35.06 4.08
N ASP F 68 38.25 -34.79 5.33
CA ASP F 68 37.14 -34.53 6.26
C ASP F 68 37.02 -33.03 6.63
N ARG F 69 37.45 -32.15 5.74
CA ARG F 69 37.39 -30.75 6.10
C ARG F 69 36.56 -29.84 5.21
N LEU F 70 35.97 -28.80 5.82
CA LEU F 70 35.25 -27.77 5.09
C LEU F 70 36.02 -26.47 5.33
N TYR F 71 35.79 -25.47 4.52
CA TYR F 71 36.65 -24.30 4.42
C TYR F 71 35.80 -23.10 4.24
N ILE F 72 36.17 -21.98 4.86
CA ILE F 72 35.53 -20.69 4.60
C ILE F 72 36.68 -19.72 4.45
N ILE F 73 36.76 -19.06 3.31
CA ILE F 73 37.88 -18.18 2.99
C ILE F 73 37.85 -16.92 3.84
N THR F 74 39.04 -16.46 4.19
CA THR F 74 39.25 -15.26 4.96
C THR F 74 39.76 -14.19 4.03
N SER F 75 40.49 -14.61 3.00
CA SER F 75 41.38 -13.77 2.21
C SER F 75 41.75 -14.54 0.94
N GLY F 76 41.70 -13.87 -0.21
CA GLY F 76 42.22 -14.40 -1.48
C GLY F 76 41.18 -15.19 -2.26
N LYS F 77 41.58 -15.76 -3.40
CA LYS F 77 40.65 -16.49 -4.28
C LYS F 77 41.06 -17.91 -4.55
N VAL F 78 40.06 -18.77 -4.58
CA VAL F 78 40.26 -20.17 -4.77
C VAL F 78 39.40 -20.54 -5.97
N LYS F 79 39.95 -21.34 -6.89
CA LYS F 79 39.13 -21.81 -8.00
C LYS F 79 38.81 -23.26 -7.83
N LEU F 80 37.62 -23.65 -8.29
CA LEU F 80 37.19 -25.05 -8.30
C LEU F 80 37.03 -25.55 -9.72
N ALA F 81 37.45 -26.79 -9.96
CA ALA F 81 37.42 -27.35 -11.31
C ALA F 81 36.95 -28.75 -11.18
N ARG F 82 36.11 -29.15 -12.13
CA ARG F 82 35.83 -30.54 -12.40
C ARG F 82 36.71 -30.91 -13.61
N HIS F 83 36.90 -32.20 -13.86
CA HIS F 83 37.70 -32.61 -15.01
C HIS F 83 36.87 -33.50 -15.96
N ALA F 84 37.32 -33.61 -17.22
CA ALA F 84 36.80 -34.55 -18.26
C ALA F 84 37.58 -34.40 -19.59
N ARG F 88 40.20 -33.10 -19.94
CA ARG F 88 40.22 -31.63 -19.91
C ARG F 88 39.62 -30.99 -18.62
N GLU F 89 39.81 -29.69 -18.46
CA GLU F 89 39.37 -28.99 -17.24
C GLU F 89 38.31 -27.89 -17.48
N ASN F 90 37.26 -27.85 -16.65
CA ASN F 90 36.52 -26.56 -16.51
C ASN F 90 36.38 -25.97 -15.07
N LEU F 91 36.62 -24.67 -14.95
CA LEU F 91 36.39 -23.97 -13.69
C LEU F 91 34.91 -23.77 -13.50
N LEU F 92 34.42 -24.35 -12.41
CA LEU F 92 33.07 -24.17 -11.95
C LEU F 92 32.88 -22.74 -11.50
N THR F 93 33.76 -22.31 -10.61
CA THR F 93 33.57 -21.05 -9.91
C THR F 93 34.85 -20.56 -9.23
N ILE F 94 34.86 -19.28 -8.95
CA ILE F 94 35.92 -18.63 -8.23
C ILE F 94 35.33 -18.16 -6.90
N MET F 95 35.85 -18.70 -5.81
CA MET F 95 35.36 -18.30 -4.50
C MET F 95 36.28 -17.32 -3.86
N GLY F 96 35.70 -16.47 -3.02
CA GLY F 96 36.47 -15.52 -2.24
C GLY F 96 36.03 -15.44 -0.79
N PRO F 97 36.45 -14.38 -0.08
CA PRO F 97 36.18 -14.11 1.34
C PRO F 97 34.73 -14.36 1.71
N SER F 98 34.52 -15.18 2.73
CA SER F 98 33.18 -15.52 3.22
C SER F 98 32.61 -16.73 2.55
N ASP F 99 33.12 -17.10 1.37
CA ASP F 99 32.62 -18.32 0.71
C ASP F 99 33.12 -19.56 1.40
N MET F 100 32.32 -20.62 1.30
CA MET F 100 32.57 -21.93 1.90
C MET F 100 32.60 -23.05 0.84
N PHE F 101 33.51 -24.00 0.99
CA PHE F 101 33.53 -25.16 0.13
C PHE F 101 33.99 -26.42 0.89
N GLY F 102 33.73 -27.61 0.36
CA GLY F 102 34.29 -28.80 0.98
C GLY F 102 33.32 -29.47 1.93
N GLU F 103 32.16 -28.84 2.15
CA GLU F 103 31.07 -29.38 2.97
C GLU F 103 30.49 -30.71 2.42
N LEU F 104 30.60 -30.99 1.13
CA LEU F 104 30.06 -32.27 0.64
C LEU F 104 30.68 -33.46 1.36
N SER F 105 32.00 -33.47 1.45
CA SER F 105 32.67 -34.57 2.07
C SER F 105 32.20 -34.81 3.55
N ILE F 106 31.72 -33.77 4.23
CA ILE F 106 31.27 -33.92 5.62
C ILE F 106 29.92 -34.63 5.71
N PHE F 107 28.96 -34.17 4.92
CA PHE F 107 27.60 -34.73 4.91
C PHE F 107 27.39 -36.01 4.13
N ASP F 108 28.15 -36.19 3.04
CA ASP F 108 28.08 -37.46 2.32
C ASP F 108 29.50 -37.91 2.06
N PRO F 109 30.14 -38.49 3.09
CA PRO F 109 31.57 -38.71 2.97
C PRO F 109 31.98 -39.53 1.72
N GLY F 110 33.08 -39.14 1.10
CA GLY F 110 33.53 -39.74 -0.13
C GLY F 110 34.59 -38.84 -0.69
N PRO F 111 35.05 -39.12 -1.91
CA PRO F 111 36.10 -38.29 -2.52
C PRO F 111 35.61 -36.89 -2.87
N ARG F 112 36.50 -35.91 -2.83
CA ARG F 112 36.22 -34.58 -3.27
C ARG F 112 35.66 -34.53 -4.70
N THR F 113 34.61 -33.72 -4.91
CA THR F 113 33.90 -33.69 -6.21
C THR F 113 34.47 -32.59 -7.10
N SER F 114 35.51 -31.91 -6.64
CA SER F 114 36.24 -30.95 -7.47
C SER F 114 37.64 -30.79 -6.93
N SER F 115 38.39 -29.85 -7.47
CA SER F 115 39.68 -29.57 -6.94
C SER F 115 39.58 -28.15 -6.50
N ALA F 116 40.58 -27.74 -5.71
CA ALA F 116 40.59 -26.43 -5.10
C ALA F 116 42.01 -25.93 -5.19
N VAL F 117 42.19 -24.88 -5.97
CA VAL F 117 43.51 -24.40 -6.25
C VAL F 117 43.45 -22.95 -5.90
N CYS F 118 44.55 -22.41 -5.35
CA CYS F 118 44.64 -21.03 -4.90
C CYS F 118 45.11 -20.08 -5.99
N VAL F 119 44.27 -19.09 -6.29
CA VAL F 119 44.57 -18.11 -7.33
C VAL F 119 45.37 -16.99 -6.76
N THR F 120 45.12 -16.68 -5.50
CA THR F 120 46.01 -15.78 -4.80
C THR F 120 46.49 -16.56 -3.57
N GLU F 121 47.46 -16.02 -2.83
CA GLU F 121 47.61 -16.42 -1.44
C GLU F 121 46.20 -16.50 -0.84
N VAL F 122 45.98 -17.53 -0.04
CA VAL F 122 44.71 -17.74 0.62
C VAL F 122 44.86 -18.03 2.11
N HIS F 123 44.07 -17.31 2.92
CA HIS F 123 43.88 -17.66 4.33
C HIS F 123 42.47 -18.27 4.44
N ALA F 124 42.34 -19.39 5.13
CA ALA F 124 41.02 -20.00 5.35
C ALA F 124 40.83 -20.57 6.77
N ALA F 125 39.58 -20.61 7.22
CA ALA F 125 39.24 -21.27 8.45
C ALA F 125 38.60 -22.61 8.12
N THR F 126 38.88 -23.63 8.92
CA THR F 126 38.42 -24.96 8.60
C THR F 126 37.84 -25.63 9.83
N MET F 127 37.23 -26.80 9.63
CA MET F 127 36.62 -27.57 10.68
C MET F 127 36.28 -28.92 10.09
N ASN F 128 36.20 -29.95 10.95
CA ASN F 128 35.98 -31.30 10.50
C ASN F 128 34.58 -31.73 10.83
N SER F 129 34.20 -32.95 10.46
CA SER F 129 32.82 -33.37 10.68
C SER F 129 32.44 -33.39 12.16
N ASP F 130 33.40 -33.71 13.03
CA ASP F 130 33.23 -33.67 14.48
C ASP F 130 32.91 -32.29 15.07
N MET F 131 33.72 -31.29 14.76
CA MET F 131 33.46 -29.92 15.25
C MET F 131 32.14 -29.42 14.72
N LEU F 132 31.66 -30.00 13.62
CA LEU F 132 30.39 -29.61 13.05
C LEU F 132 29.25 -30.29 13.77
N ARG F 133 29.45 -31.54 14.16
CA ARG F 133 28.48 -32.22 14.98
C ARG F 133 28.21 -31.39 16.23
N ASN F 134 29.28 -31.04 16.96
CA ASN F 134 29.16 -30.29 18.19
C ASN F 134 28.37 -28.99 18.00
N TRP F 135 28.70 -28.30 16.92
CA TRP F 135 28.01 -27.11 16.52
C TRP F 135 26.52 -27.33 16.34
N VAL F 136 26.15 -28.49 15.82
CA VAL F 136 24.76 -28.75 15.42
C VAL F 136 23.81 -28.93 16.62
N ALA F 137 24.20 -29.79 17.56
CA ALA F 137 23.38 -30.04 18.75
C ALA F 137 23.26 -28.79 19.62
N ASP F 138 24.35 -28.02 19.70
CA ASP F 138 24.28 -26.76 20.43
C ASP F 138 23.46 -25.70 19.66
N HIS F 139 23.43 -25.80 18.34
CA HIS F 139 22.62 -24.88 17.52
C HIS F 139 21.92 -25.50 16.31
N PRO F 140 20.74 -26.09 16.52
CA PRO F 140 19.90 -26.60 15.43
C PRO F 140 19.79 -25.67 14.22
N ALA F 141 19.79 -24.36 14.44
CA ALA F 141 19.73 -23.38 13.34
C ALA F 141 20.99 -23.34 12.43
N ILE F 142 22.03 -24.11 12.76
CA ILE F 142 23.13 -24.26 11.83
C ILE F 142 22.69 -25.31 10.80
N ALA F 143 21.99 -26.34 11.30
CA ALA F 143 21.46 -27.41 10.47
C ALA F 143 20.49 -26.88 9.40
N GLU F 144 19.59 -26.01 9.81
CA GLU F 144 18.67 -25.40 8.88
C GLU F 144 19.37 -24.69 7.75
N GLN F 145 20.36 -23.87 8.10
CA GLN F 145 21.02 -22.97 7.14
C GLN F 145 21.92 -23.71 6.18
N LEU F 146 22.54 -24.77 6.68
CA LEU F 146 23.32 -25.62 5.82
C LEU F 146 22.41 -26.28 4.78
N LEU F 147 21.25 -26.78 5.21
CA LEU F 147 20.21 -27.27 4.29
C LEU F 147 19.82 -26.18 3.26
N ARG F 148 19.66 -24.95 3.70
CA ARG F 148 19.39 -23.86 2.79
C ARG F 148 20.54 -23.64 1.78
N VAL F 149 21.80 -23.70 2.28
CA VAL F 149 23.00 -23.48 1.47
C VAL F 149 23.25 -24.60 0.45
N LEU F 150 23.01 -25.84 0.86
CA LEU F 150 23.09 -26.98 -0.06
C LEU F 150 21.97 -26.98 -1.10
N ALA F 151 20.75 -26.69 -0.67
CA ALA F 151 19.60 -26.61 -1.57
C ALA F 151 19.86 -25.52 -2.60
N ARG F 152 20.41 -24.40 -2.13
CA ARG F 152 20.76 -23.26 -2.93
C ARG F 152 21.76 -23.68 -3.99
N ARG F 153 22.74 -24.48 -3.58
CA ARG F 153 23.75 -24.88 -4.54
C ARG F 153 23.15 -25.83 -5.57
N LEU F 154 22.22 -26.68 -5.15
CA LEU F 154 21.56 -27.61 -6.05
C LEU F 154 20.79 -26.84 -7.08
N ARG F 155 20.00 -25.88 -6.64
CA ARG F 155 19.23 -25.05 -7.56
C ARG F 155 20.11 -24.35 -8.62
N ARG F 156 21.16 -23.66 -8.20
CA ARG F 156 22.15 -23.06 -9.13
C ARG F 156 22.82 -24.06 -10.06
N THR F 157 23.10 -25.25 -9.54
CA THR F 157 23.76 -26.30 -10.31
C THR F 157 22.84 -26.88 -11.36
N ASN F 158 21.57 -27.13 -11.00
CA ASN F 158 20.55 -27.55 -11.96
C ASN F 158 20.37 -26.54 -13.09
N ALA F 159 20.45 -25.24 -12.77
CA ALA F 159 20.28 -24.14 -13.72
C ALA F 159 21.42 -24.03 -14.73
N SER F 160 22.52 -24.73 -14.46
CA SER F 160 23.75 -24.58 -15.23
C SER F 160 23.70 -25.29 -16.59
N LEU F 161 22.47 -25.57 -17.07
CA LEU F 161 22.20 -26.00 -18.44
C LEU F 161 20.70 -26.00 -18.75
N ALA F 162 20.27 -25.34 -19.84
CA ALA F 162 21.15 -24.74 -20.85
C ALA F 162 21.84 -23.44 -20.42
N ASP F 163 22.70 -23.57 -19.43
CA ASP F 163 23.82 -22.68 -19.27
C ASP F 163 24.94 -23.30 -20.08
N LEU F 164 24.99 -24.64 -20.09
CA LEU F 164 26.19 -25.36 -20.45
C LEU F 164 26.42 -25.33 -21.95
N ILE F 165 25.34 -25.49 -22.67
CA ILE F 165 25.34 -25.43 -24.10
C ILE F 165 24.94 -24.01 -24.43
N PHE F 166 25.80 -23.34 -25.19
CA PHE F 166 25.55 -21.99 -25.66
C PHE F 166 26.38 -21.77 -26.94
N THR F 167 25.96 -20.82 -27.75
CA THR F 167 26.65 -20.59 -29.02
C THR F 167 27.22 -19.18 -29.12
N ASP F 168 26.58 -18.24 -28.46
CA ASP F 168 27.00 -16.84 -28.45
C ASP F 168 28.11 -16.70 -27.43
N VAL F 169 29.35 -16.78 -27.88
CA VAL F 169 30.50 -16.68 -26.97
C VAL F 169 30.61 -15.29 -26.35
N PRO F 170 30.64 -14.22 -27.18
CA PRO F 170 30.62 -12.89 -26.56
C PRO F 170 29.49 -12.64 -25.58
N GLY F 171 28.29 -13.15 -25.82
CA GLY F 171 27.20 -12.96 -24.85
C GLY F 171 27.62 -13.51 -23.49
N ARG F 172 28.23 -14.70 -23.53
CA ARG F 172 28.66 -15.42 -22.34
C ARG F 172 29.86 -14.82 -21.59
N VAL F 173 30.80 -14.27 -22.35
CA VAL F 173 31.91 -13.49 -21.82
C VAL F 173 31.42 -12.23 -21.07
N ALA F 174 30.48 -11.50 -21.67
CA ALA F 174 29.90 -10.35 -21.01
C ALA F 174 29.25 -10.79 -19.68
N LYS F 175 28.46 -11.87 -19.74
CA LYS F 175 27.80 -12.41 -18.55
C LYS F 175 28.79 -12.82 -17.43
N THR F 176 29.78 -13.61 -17.80
CA THR F 176 30.84 -13.99 -16.88
C THR F 176 31.54 -12.78 -16.23
N LEU F 177 31.82 -11.74 -17.01
CA LEU F 177 32.49 -10.58 -16.46
C LEU F 177 31.57 -9.82 -15.48
N LEU F 178 30.28 -9.78 -15.76
CA LEU F 178 29.37 -9.18 -14.80
C LEU F 178 29.22 -10.00 -13.54
N GLN F 179 29.28 -11.31 -13.66
CA GLN F 179 29.36 -12.16 -12.49
C GLN F 179 30.64 -11.93 -11.69
N LEU F 180 31.76 -11.69 -12.38
CA LEU F 180 32.98 -11.41 -11.66
C LEU F 180 32.93 -10.05 -11.00
N ALA F 181 32.32 -9.08 -11.68
CA ALA F 181 32.18 -7.70 -11.13
C ALA F 181 31.28 -7.67 -9.92
N ASN F 182 30.24 -8.50 -9.96
CA ASN F 182 29.30 -8.52 -8.86
C ASN F 182 29.94 -9.10 -7.59
N ARG F 183 30.90 -10.00 -7.78
CA ARG F 183 31.54 -10.73 -6.70
C ARG F 183 32.81 -10.02 -6.17
N PHE F 184 33.59 -9.38 -7.05
CA PHE F 184 34.85 -8.74 -6.67
C PHE F 184 35.02 -7.24 -7.08
N GLY F 185 33.99 -6.66 -7.69
CA GLY F 185 34.12 -5.34 -8.30
C GLY F 185 34.33 -4.25 -7.26
N THR F 186 35.30 -3.37 -7.51
CA THR F 186 35.39 -2.17 -6.71
C THR F 186 35.18 -0.90 -7.57
N GLN F 187 34.39 0.04 -7.04
CA GLN F 187 34.14 1.34 -7.65
C GLN F 187 35.42 2.11 -7.96
N GLU F 188 35.57 2.61 -9.18
CA GLU F 188 36.78 3.33 -9.51
C GLU F 188 36.61 4.39 -10.61
N ALA F 189 36.61 5.66 -10.20
CA ALA F 189 36.28 6.80 -11.07
C ALA F 189 35.00 6.53 -11.92
N GLY F 190 33.95 6.00 -11.30
CA GLY F 190 32.69 5.67 -12.03
C GLY F 190 32.68 4.40 -12.90
N ALA F 191 33.82 3.71 -12.96
CA ALA F 191 33.92 2.42 -13.61
C ALA F 191 33.99 1.34 -12.52
N LEU F 192 33.79 0.08 -12.90
CA LEU F 192 33.99 -1.05 -11.99
C LEU F 192 35.30 -1.78 -12.30
N ARG F 193 36.25 -1.68 -11.38
CA ARG F 193 37.52 -2.38 -11.47
C ARG F 193 37.25 -3.81 -10.98
N VAL F 194 37.62 -4.79 -11.78
CA VAL F 194 37.49 -6.17 -11.35
C VAL F 194 38.85 -6.81 -11.35
N ASN F 195 39.38 -7.04 -10.16
CA ASN F 195 40.69 -7.65 -10.00
C ASN F 195 40.49 -9.13 -9.83
N HIS F 196 40.18 -9.82 -10.93
CA HIS F 196 39.79 -11.22 -10.87
C HIS F 196 41.03 -12.08 -10.70
N ASP F 197 42.19 -11.49 -10.99
CA ASP F 197 43.51 -12.16 -10.81
C ASP F 197 43.69 -13.44 -11.68
N LEU F 198 42.73 -13.71 -12.58
CA LEU F 198 42.80 -14.88 -13.45
C LEU F 198 43.63 -14.70 -14.71
N THR F 199 44.25 -15.79 -15.18
CA THR F 199 44.91 -15.80 -16.49
C THR F 199 43.86 -15.75 -17.61
N GLN F 200 44.27 -15.37 -18.82
CA GLN F 200 43.36 -15.42 -19.95
C GLN F 200 42.82 -16.84 -20.15
N GLU F 201 43.65 -17.85 -19.93
CA GLU F 201 43.18 -19.24 -20.04
C GLU F 201 42.09 -19.57 -18.99
N GLU F 202 42.20 -18.95 -17.82
CA GLU F 202 41.27 -19.20 -16.75
C GLU F 202 39.95 -18.52 -17.05
N ILE F 203 40.02 -17.26 -17.47
CA ILE F 203 38.81 -16.52 -17.88
C ILE F 203 38.06 -17.41 -18.84
N ALA F 204 38.80 -17.94 -19.81
CA ALA F 204 38.21 -18.77 -20.87
C ALA F 204 37.60 -20.05 -20.30
N GLN F 205 38.30 -20.74 -19.41
CA GLN F 205 37.78 -21.98 -18.82
C GLN F 205 36.51 -21.70 -18.05
N LEU F 206 36.45 -20.51 -17.45
CA LEU F 206 35.29 -20.03 -16.68
C LEU F 206 34.10 -19.68 -17.57
N VAL F 207 34.35 -18.88 -18.60
CA VAL F 207 33.37 -18.61 -19.66
C VAL F 207 32.89 -19.93 -20.25
N GLY F 208 33.84 -20.83 -20.55
CA GLY F 208 33.52 -22.17 -21.09
C GLY F 208 33.76 -22.31 -22.59
N ALA F 209 34.81 -21.66 -23.08
CA ALA F 209 35.18 -21.70 -24.47
C ALA F 209 36.64 -21.35 -24.65
N SER F 210 37.06 -21.34 -25.92
CA SER F 210 38.47 -21.21 -26.24
C SER F 210 39.07 -19.86 -25.81
N ARG F 211 40.35 -19.90 -25.49
CA ARG F 211 41.10 -18.70 -25.16
C ARG F 211 41.07 -17.67 -26.31
N GLU F 212 41.01 -18.17 -27.55
CA GLU F 212 41.00 -17.37 -28.78
C GLU F 212 39.68 -16.62 -28.93
N THR F 213 38.60 -17.35 -28.90
CA THR F 213 37.30 -16.73 -28.99
C THR F 213 37.01 -15.73 -27.82
N VAL F 214 37.43 -16.09 -26.60
CA VAL F 214 37.15 -15.28 -25.44
C VAL F 214 37.94 -13.98 -25.52
N ASN F 215 39.23 -14.10 -25.83
CA ASN F 215 40.04 -12.91 -26.15
C ASN F 215 39.54 -12.04 -27.31
N LYS F 216 39.10 -12.65 -28.40
CA LYS F 216 38.51 -11.86 -29.49
C LYS F 216 37.29 -11.09 -28.99
N ALA F 217 36.43 -11.77 -28.23
CA ALA F 217 35.30 -11.06 -27.63
C ALA F 217 35.77 -9.95 -26.71
N LEU F 218 36.63 -10.25 -25.74
CA LEU F 218 37.14 -9.18 -24.86
C LEU F 218 37.66 -7.97 -25.67
N ALA F 219 38.37 -8.26 -26.78
CA ALA F 219 39.01 -7.21 -27.59
C ALA F 219 37.96 -6.37 -28.30
N THR F 220 36.91 -7.02 -28.82
CA THR F 220 35.79 -6.23 -29.32
C THR F 220 35.17 -5.33 -28.28
N PHE F 221 35.02 -5.81 -27.05
CA PHE F 221 34.42 -4.98 -25.99
C PHE F 221 35.31 -3.79 -25.66
N ALA F 222 36.62 -4.02 -25.75
CA ALA F 222 37.59 -2.95 -25.54
C ALA F 222 37.58 -2.00 -26.74
N HIS F 223 37.69 -2.56 -27.95
CA HIS F 223 37.66 -1.80 -29.20
CA HIS F 223 37.70 -1.75 -29.17
C HIS F 223 36.42 -0.91 -29.30
N ARG F 224 35.40 -1.17 -28.45
CA ARG F 224 34.23 -0.27 -28.37
C ARG F 224 34.03 0.48 -27.04
N GLY F 225 35.06 0.45 -26.20
CA GLY F 225 35.15 1.23 -24.97
C GLY F 225 34.19 0.86 -23.87
N TRP F 226 33.77 -0.40 -23.80
CA TRP F 226 32.94 -0.83 -22.67
C TRP F 226 33.85 -1.25 -21.52
N ILE F 227 35.04 -1.69 -21.89
CA ILE F 227 36.02 -2.22 -20.95
C ILE F 227 37.44 -1.80 -21.25
N ARG F 228 38.29 -1.90 -20.23
CA ARG F 228 39.72 -1.67 -20.35
C ARG F 228 40.41 -2.87 -19.78
N LEU F 229 41.08 -3.63 -20.65
CA LEU F 229 41.82 -4.82 -20.24
C LEU F 229 43.22 -4.48 -19.67
N GLU F 230 43.51 -4.95 -18.47
CA GLU F 230 44.79 -4.59 -17.81
C GLU F 230 45.45 -5.72 -17.00
N GLY F 231 46.27 -6.52 -17.67
CA GLY F 231 46.80 -7.75 -17.07
C GLY F 231 45.67 -8.70 -16.65
N LYS F 232 45.73 -9.18 -15.41
CA LYS F 232 44.68 -10.04 -14.84
C LYS F 232 43.64 -9.21 -14.09
N SER F 233 43.37 -8.03 -14.63
CA SER F 233 42.35 -7.14 -14.09
C SER F 233 41.57 -6.60 -15.26
N VAL F 234 40.29 -6.30 -15.04
CA VAL F 234 39.46 -5.72 -16.11
C VAL F 234 38.80 -4.54 -15.54
N LEU F 235 38.84 -3.46 -16.28
CA LEU F 235 38.07 -2.29 -15.95
C LEU F 235 36.81 -2.23 -16.80
N ILE F 236 35.67 -2.30 -16.11
CA ILE F 236 34.38 -2.22 -16.78
C ILE F 236 33.87 -0.77 -16.81
N VAL F 237 34.08 -0.11 -17.96
CA VAL F 237 33.70 1.29 -18.13
C VAL F 237 32.18 1.50 -18.32
N ASP F 238 31.55 0.59 -19.06
CA ASP F 238 30.14 0.74 -19.35
C ASP F 238 29.30 -0.45 -18.90
N THR F 239 28.85 -0.39 -17.66
CA THR F 239 28.02 -1.44 -17.13
C THR F 239 26.73 -1.62 -17.91
N GLU F 240 26.12 -0.53 -18.38
CA GLU F 240 24.77 -0.67 -18.96
C GLU F 240 24.85 -1.53 -20.23
N HIS F 241 25.68 -1.09 -21.16
CA HIS F 241 25.80 -1.72 -22.47
C HIS F 241 26.35 -3.13 -22.45
N LEU F 242 27.34 -3.35 -21.61
CA LEU F 242 27.85 -4.69 -21.41
C LEU F 242 26.73 -5.59 -20.87
N ALA F 243 25.93 -5.10 -19.91
CA ALA F 243 24.83 -5.90 -19.38
C ALA F 243 23.83 -6.23 -20.50
N ARG F 244 23.62 -5.26 -21.40
CA ARG F 244 22.72 -5.42 -22.57
C ARG F 244 23.18 -6.51 -23.56
N ARG F 245 24.49 -6.77 -23.57
CA ARG F 245 25.10 -7.73 -24.50
C ARG F 245 25.08 -9.14 -23.96
N ALA F 246 25.08 -9.24 -22.63
CA ALA F 246 25.27 -10.51 -21.92
C ALA F 246 24.08 -11.47 -22.09
N ARG F 247 24.36 -12.76 -22.13
CA ARG F 247 23.35 -13.81 -22.13
C ARG F 247 24.01 -15.20 -22.15
#